data_6YES
#
_entry.id   6YES
#
_cell.length_a   141.430
_cell.length_b   141.430
_cell.length_c   223.870
_cell.angle_alpha   90.000
_cell.angle_beta   90.000
_cell.angle_gamma   90.000
#
_symmetry.space_group_name_H-M   'P 43 21 2'
#
loop_
_entity.id
_entity.type
_entity.pdbx_description
1 polymer 'CRISPR-associated protein, CscA'
2 non-polymer 'ZINC ION'
#
_entity_poly.entity_id   1
_entity_poly.type   'polypeptide(L)'
_entity_poly.pdbx_seq_one_letter_code
;MRNLKRIVMGENKLIGLVRTALDSITLGQGVNEAKIKSPQSYAFHTISVGTISLDICKAIYSSSEIGRKQLENLSKKYNM
PFEDLWFYGGFLHDWNKLSGKEESLENKEELTKKIIDKLKLPNEFLHGISTMAEGHLPDNLHLPLWVSIKLADMLLISDI
GSVRDVFYFANSDSYRNAIEALKEYNLELNYVSSTFRLFTLIASKELLNDVFNEKSGYFPLISYADGIVFLKRKNSQPVL
LSKIVDLLSRQVFSSSSEVIEEKISDIEKCIKNKEELFRQMNIDVKSAIYDEEGKVKQINAFLPTKVCKPFEDVVGNLDN
KSKLQVAREVIERNRKDIPFGLLIYFVNKFSKNEEDYIRKGLGINEKSLKYLLNIGDVQKALDKILELLEKRYAEQSSDK
TLLYYVKFSSSGNIIDDLPKITDRPNDYCVVCGMPIYSSNPVRFVQYASELGGRAEIWIPREKALDEIDNVRDDWKVCPI
CIYEANLMKDRVKPPYFIVTFYPGVPISLLNIIDFDFSQSSIKYYIDEEKDTYFTAFEKMGGRLEPYVKKVLPAYFSSKV
IIKASEVSNFSLSTRLSKSELNKLLPYAPMISMIFLTSPVLISSNLYEMPIAHERVISITSTYNYTFMKSLNSNLLTLYS
IFAYSAKYDAMRKICGRSDLDNCLGYLTEEMDLYSSVDPALGVLSIGMGVGTPIDTDEKFFSAFLPVSGYLLKVTGKVSK
MGETLKSSIFSIAYALKDIIKSQKVSKYDVTGFLRDGVDMFFKTTSVIKDKEDRIGISVNAAISSLENKYALDDQHRAQV
YSALQDIFKTLYSIEEESDRSLAISIANTLSNWLYIAYKLVLQGDKSLEHHHHHH
;
_entity_poly.pdbx_strand_id   A,B
#
loop_
_chem_comp.id
_chem_comp.type
_chem_comp.name
_chem_comp.formula
ZN non-polymer 'ZINC ION' 'Zn 2'
#
# COMPACT_ATOMS: atom_id res chain seq x y z
N LEU A 14 -0.29 -40.22 -21.32
CA LEU A 14 0.55 -39.07 -20.89
C LEU A 14 -0.18 -38.32 -19.79
N ILE A 15 -1.45 -37.98 -20.02
CA ILE A 15 -2.27 -37.27 -18.99
C ILE A 15 -3.41 -38.19 -18.58
N GLY A 16 -3.50 -39.35 -19.25
CA GLY A 16 -4.62 -40.27 -18.97
C GLY A 16 -4.43 -40.97 -17.64
N LEU A 17 -3.19 -41.22 -17.25
CA LEU A 17 -2.96 -41.84 -15.92
C LEU A 17 -3.69 -41.00 -14.87
N VAL A 18 -3.56 -39.67 -14.97
CA VAL A 18 -4.20 -38.78 -13.97
C VAL A 18 -5.70 -39.05 -13.96
N ARG A 19 -6.30 -39.16 -15.15
CA ARG A 19 -7.76 -39.34 -15.23
C ARG A 19 -8.16 -40.57 -14.43
N THR A 20 -7.47 -41.69 -14.65
CA THR A 20 -7.85 -42.97 -13.99
C THR A 20 -7.80 -42.79 -12.47
N ALA A 21 -6.71 -42.23 -11.96
CA ALA A 21 -6.54 -42.11 -10.51
C ALA A 21 -7.73 -41.34 -9.94
N LEU A 22 -7.99 -40.18 -10.51
CA LEU A 22 -9.08 -39.32 -9.97
C LEU A 22 -10.40 -40.07 -10.08
N ASP A 23 -10.53 -40.91 -11.11
CA ASP A 23 -11.77 -41.71 -11.27
C ASP A 23 -11.87 -42.68 -10.10
N SER A 24 -10.75 -43.19 -9.61
CA SER A 24 -10.87 -44.22 -8.55
C SER A 24 -11.12 -43.57 -7.19
N ILE A 25 -10.43 -42.47 -6.88
CA ILE A 25 -10.60 -41.91 -5.51
C ILE A 25 -11.93 -41.18 -5.39
N THR A 26 -12.74 -41.54 -4.39
CA THR A 26 -14.05 -40.86 -4.18
C THR A 26 -13.81 -39.38 -3.93
N LEU A 27 -14.81 -38.55 -4.21
CA LEU A 27 -14.62 -37.09 -4.06
C LEU A 27 -14.06 -36.78 -2.67
N GLY A 28 -14.76 -37.19 -1.62
CA GLY A 28 -14.34 -36.86 -0.25
C GLY A 28 -13.01 -37.49 0.09
N GLN A 29 -12.70 -38.63 -0.53
CA GLN A 29 -11.39 -39.28 -0.27
C GLN A 29 -10.28 -38.24 -0.48
N GLY A 30 -10.22 -37.65 -1.67
CA GLY A 30 -9.13 -36.71 -1.99
C GLY A 30 -9.28 -35.35 -1.32
N VAL A 31 -10.52 -34.91 -1.13
CA VAL A 31 -10.76 -33.56 -0.54
C VAL A 31 -10.24 -33.54 0.90
N ASN A 32 -10.22 -34.71 1.55
CA ASN A 32 -9.83 -34.80 2.99
C ASN A 32 -8.50 -34.10 3.26
N GLU A 33 -8.34 -33.50 4.45
CA GLU A 33 -7.07 -32.84 4.84
C GLU A 33 -6.02 -33.88 5.24
N ALA A 34 -4.81 -33.76 4.69
CA ALA A 34 -3.76 -34.77 4.94
C ALA A 34 -3.09 -34.58 6.31
N LYS A 35 -2.37 -33.47 6.51
CA LYS A 35 -1.59 -33.32 7.76
C LYS A 35 -2.00 -32.07 8.52
N ILE A 36 -1.84 -32.11 9.85
CA ILE A 36 -2.18 -30.94 10.70
C ILE A 36 -1.16 -29.83 10.43
N LYS A 37 0.00 -30.18 9.89
CA LYS A 37 1.06 -29.16 9.71
C LYS A 37 0.71 -28.20 8.57
N SER A 38 0.25 -28.71 7.44
CA SER A 38 0.05 -27.83 6.26
C SER A 38 -1.38 -27.92 5.72
N PRO A 39 -1.89 -26.95 4.90
CA PRO A 39 -3.22 -27.10 4.29
C PRO A 39 -3.05 -27.93 3.01
N GLN A 40 -2.86 -29.23 3.17
CA GLN A 40 -2.66 -30.12 2.00
C GLN A 40 -3.87 -31.05 1.89
N SER A 41 -4.35 -31.27 0.66
CA SER A 41 -5.48 -32.19 0.45
C SER A 41 -4.91 -33.58 0.16
N TYR A 42 -5.65 -34.62 0.54
CA TYR A 42 -5.19 -36.00 0.27
C TYR A 42 -4.86 -36.10 -1.21
N ALA A 43 -5.81 -35.70 -2.06
CA ALA A 43 -5.61 -35.80 -3.52
C ALA A 43 -4.44 -34.92 -3.94
N PHE A 44 -4.39 -33.68 -3.47
CA PHE A 44 -3.32 -32.77 -3.91
C PHE A 44 -1.98 -33.47 -3.76
N HIS A 45 -1.67 -33.89 -2.54
CA HIS A 45 -0.35 -34.51 -2.26
C HIS A 45 -0.18 -35.79 -3.06
N THR A 46 -1.16 -36.71 -2.98
CA THR A 46 -0.99 -38.02 -3.64
C THR A 46 -0.74 -37.84 -5.13
N ILE A 47 -1.62 -37.11 -5.82
CA ILE A 47 -1.49 -36.96 -7.29
C ILE A 47 -0.14 -36.31 -7.57
N SER A 48 0.21 -35.30 -6.78
CA SER A 48 1.48 -34.57 -7.03
C SER A 48 2.65 -35.54 -6.94
N VAL A 49 2.67 -36.37 -5.91
CA VAL A 49 3.84 -37.29 -5.70
C VAL A 49 3.95 -38.12 -6.97
N GLY A 50 2.83 -38.69 -7.41
CA GLY A 50 2.86 -39.52 -8.62
C GLY A 50 3.34 -38.73 -9.81
N THR A 51 2.92 -37.46 -9.93
CA THR A 51 3.28 -36.70 -11.16
C THR A 51 4.79 -36.63 -11.24
N ILE A 52 5.43 -36.21 -10.15
CA ILE A 52 6.91 -36.06 -10.15
C ILE A 52 7.49 -37.44 -10.43
N SER A 53 6.91 -38.48 -9.82
CA SER A 53 7.48 -39.84 -9.99
C SER A 53 7.58 -40.14 -11.47
N LEU A 54 6.52 -39.83 -12.21
CA LEU A 54 6.50 -40.15 -13.66
C LEU A 54 7.61 -39.35 -14.34
N ASP A 55 7.70 -38.06 -14.03
CA ASP A 55 8.69 -37.21 -14.74
C ASP A 55 10.10 -37.76 -14.48
N ILE A 56 10.35 -38.22 -13.26
CA ILE A 56 11.74 -38.66 -12.92
C ILE A 56 12.13 -39.80 -13.86
N CYS A 57 11.27 -40.80 -13.97
CA CYS A 57 11.63 -41.99 -14.79
C CYS A 57 11.86 -41.57 -16.24
N LYS A 58 11.17 -40.52 -16.69
CA LYS A 58 11.35 -40.05 -18.09
C LYS A 58 12.80 -39.60 -18.27
N ALA A 59 13.32 -38.87 -17.29
CA ALA A 59 14.71 -38.41 -17.36
C ALA A 59 15.65 -39.61 -17.43
N ILE A 60 15.47 -40.57 -16.52
CA ILE A 60 16.40 -41.74 -16.44
C ILE A 60 16.44 -42.44 -17.79
N TYR A 61 15.26 -42.69 -18.36
CA TYR A 61 15.18 -43.43 -19.64
C TYR A 61 16.04 -42.70 -20.68
N SER A 62 15.92 -41.38 -20.71
CA SER A 62 16.68 -40.60 -21.71
C SER A 62 18.18 -40.64 -21.41
N SER A 63 18.57 -40.20 -20.22
CA SER A 63 20.01 -40.10 -19.89
C SER A 63 20.68 -41.48 -19.82
N SER A 64 20.38 -42.28 -18.78
CA SER A 64 21.08 -43.57 -18.61
C SER A 64 20.58 -44.63 -19.60
N GLU A 65 21.45 -45.11 -20.47
CA GLU A 65 21.04 -46.19 -21.40
C GLU A 65 20.87 -47.49 -20.59
N ILE A 66 21.71 -47.68 -19.57
CA ILE A 66 21.59 -48.88 -18.70
C ILE A 66 20.25 -48.80 -17.99
N GLY A 67 19.94 -47.63 -17.41
CA GLY A 67 18.67 -47.46 -16.70
C GLY A 67 17.51 -47.54 -17.68
N ARG A 68 17.72 -47.08 -18.91
CA ARG A 68 16.65 -47.14 -19.95
C ARG A 68 16.22 -48.60 -20.07
N LYS A 69 17.17 -49.48 -20.35
CA LYS A 69 16.85 -50.91 -20.54
C LYS A 69 16.33 -51.48 -19.21
N GLN A 70 16.86 -50.97 -18.09
CA GLN A 70 16.46 -51.47 -16.75
C GLN A 70 14.97 -51.18 -16.57
N LEU A 71 14.57 -49.94 -16.85
CA LEU A 71 13.14 -49.56 -16.74
C LEU A 71 12.34 -50.41 -17.73
N GLU A 72 12.94 -50.72 -18.88
CA GLU A 72 12.20 -51.46 -19.93
C GLU A 72 11.86 -52.85 -19.37
N ASN A 73 12.85 -53.54 -18.79
CA ASN A 73 12.62 -54.91 -18.27
C ASN A 73 11.67 -54.82 -17.07
N LEU A 74 11.73 -53.72 -16.32
CA LEU A 74 10.86 -53.56 -15.13
C LEU A 74 9.42 -53.59 -15.60
N SER A 75 9.12 -52.93 -16.71
CA SER A 75 7.72 -52.88 -17.21
C SER A 75 7.27 -54.29 -17.58
N LYS A 76 8.14 -55.03 -18.26
CA LYS A 76 7.77 -56.39 -18.75
C LYS A 76 7.50 -57.32 -17.58
N LYS A 77 8.19 -57.08 -16.45
CA LYS A 77 8.02 -58.00 -15.29
C LYS A 77 6.55 -57.93 -14.89
N TYR A 78 6.00 -56.73 -14.83
CA TYR A 78 4.60 -56.59 -14.34
C TYR A 78 3.65 -56.57 -15.53
N ASN A 79 4.19 -56.72 -16.74
CA ASN A 79 3.35 -56.65 -17.98
C ASN A 79 2.55 -55.35 -17.92
N MET A 80 3.14 -54.30 -17.33
CA MET A 80 2.44 -52.99 -17.24
C MET A 80 3.09 -52.07 -18.28
N PRO A 81 2.37 -51.16 -18.99
CA PRO A 81 3.03 -50.23 -19.91
C PRO A 81 4.10 -49.48 -19.12
N PHE A 82 5.23 -49.21 -19.76
CA PHE A 82 6.36 -48.49 -19.11
C PHE A 82 5.86 -47.27 -18.36
N GLU A 83 5.36 -46.26 -19.09
CA GLU A 83 4.94 -44.98 -18.49
C GLU A 83 3.97 -45.20 -17.31
N ASP A 84 2.88 -45.91 -17.54
CA ASP A 84 1.83 -46.05 -16.49
C ASP A 84 2.42 -46.70 -15.25
N LEU A 85 3.30 -47.68 -15.42
CA LEU A 85 3.85 -48.42 -14.26
C LEU A 85 4.52 -47.44 -13.32
N TRP A 86 5.14 -46.40 -13.86
CA TRP A 86 5.90 -45.46 -12.99
C TRP A 86 4.96 -44.60 -12.15
N PHE A 87 3.92 -44.01 -12.76
CA PHE A 87 3.04 -43.04 -12.05
C PHE A 87 2.30 -43.64 -10.87
N TYR A 88 1.43 -44.62 -11.11
CA TYR A 88 0.59 -45.15 -10.01
C TYR A 88 1.49 -45.60 -8.87
N GLY A 89 2.75 -45.92 -9.19
CA GLY A 89 3.70 -46.31 -8.13
C GLY A 89 3.72 -45.28 -7.04
N GLY A 90 4.07 -44.04 -7.38
CA GLY A 90 4.18 -42.98 -6.36
C GLY A 90 2.83 -42.61 -5.78
N PHE A 91 1.81 -42.56 -6.63
CA PHE A 91 0.46 -42.14 -6.17
C PHE A 91 0.07 -43.04 -5.00
N LEU A 92 0.10 -44.36 -5.24
CA LEU A 92 -0.36 -45.31 -4.19
C LEU A 92 0.59 -45.26 -3.01
N HIS A 93 1.89 -45.14 -3.28
CA HIS A 93 2.89 -45.14 -2.18
C HIS A 93 2.51 -44.03 -1.21
N ASP A 94 2.16 -42.87 -1.76
CA ASP A 94 1.81 -41.73 -0.90
C ASP A 94 0.56 -42.09 -0.11
N TRP A 95 -0.44 -42.69 -0.78
CA TRP A 95 -1.72 -43.02 -0.10
C TRP A 95 -1.42 -43.97 1.06
N ASN A 96 -0.62 -45.00 0.79
CA ASN A 96 -0.35 -46.02 1.85
C ASN A 96 0.43 -45.34 2.97
N LYS A 97 1.28 -44.37 2.63
CA LYS A 97 2.01 -43.63 3.69
C LYS A 97 1.01 -42.76 4.46
N LEU A 98 0.06 -42.14 3.76
CA LEU A 98 -0.90 -41.22 4.40
C LEU A 98 -1.97 -42.02 5.15
N SER A 99 -1.94 -43.35 5.01
CA SER A 99 -2.89 -44.20 5.77
C SER A 99 -2.53 -44.05 7.24
N GLY A 100 -1.51 -43.26 7.54
CA GLY A 100 -1.14 -42.98 8.95
C GLY A 100 -2.18 -42.11 9.62
N LYS A 101 -3.28 -41.82 8.91
CA LYS A 101 -4.39 -41.04 9.53
C LYS A 101 -4.98 -41.89 10.65
N GLU A 102 -5.30 -41.26 11.78
CA GLU A 102 -5.93 -41.99 12.92
C GLU A 102 -7.29 -42.53 12.44
N GLU A 103 -7.43 -43.85 12.39
CA GLU A 103 -8.70 -44.47 11.94
C GLU A 103 -9.08 -45.58 12.91
N ASN A 107 -5.74 -49.03 11.13
CA ASN A 107 -5.78 -47.71 10.45
C ASN A 107 -6.66 -47.81 9.20
N LYS A 108 -7.58 -48.78 9.17
CA LYS A 108 -8.53 -48.95 8.03
C LYS A 108 -7.79 -48.77 6.70
N GLU A 109 -6.71 -49.52 6.49
CA GLU A 109 -5.98 -49.49 5.19
C GLU A 109 -6.78 -50.29 4.18
N GLU A 110 -7.92 -50.83 4.61
CA GLU A 110 -8.75 -51.70 3.72
C GLU A 110 -9.34 -50.82 2.60
N LEU A 111 -9.22 -49.50 2.74
CA LEU A 111 -9.74 -48.56 1.72
C LEU A 111 -9.01 -48.83 0.41
N THR A 112 -7.72 -49.15 0.50
CA THR A 112 -6.90 -49.34 -0.72
C THR A 112 -7.43 -50.52 -1.54
N LYS A 113 -8.12 -51.45 -0.88
CA LYS A 113 -8.62 -52.65 -1.59
C LYS A 113 -9.71 -52.22 -2.56
N LYS A 114 -10.49 -51.19 -2.19
CA LYS A 114 -11.50 -50.65 -3.14
C LYS A 114 -10.74 -50.07 -4.33
N ILE A 115 -9.74 -49.24 -4.04
CA ILE A 115 -8.96 -48.56 -5.11
C ILE A 115 -8.36 -49.65 -6.00
N ILE A 116 -7.78 -50.67 -5.37
CA ILE A 116 -7.12 -51.77 -6.14
C ILE A 116 -8.16 -52.35 -7.09
N ASP A 117 -9.40 -52.48 -6.62
CA ASP A 117 -10.43 -53.12 -7.48
C ASP A 117 -10.70 -52.24 -8.70
N LYS A 118 -10.74 -50.92 -8.52
CA LYS A 118 -11.08 -50.04 -9.67
C LYS A 118 -9.83 -49.93 -10.55
N LEU A 119 -8.65 -49.93 -9.91
CA LEU A 119 -7.38 -49.82 -10.66
C LEU A 119 -7.12 -51.14 -11.39
N LYS A 120 -7.70 -52.25 -10.91
CA LYS A 120 -7.42 -53.60 -11.49
C LYS A 120 -5.90 -53.81 -11.61
N LEU A 121 -5.17 -53.65 -10.50
CA LEU A 121 -3.70 -53.78 -10.52
C LEU A 121 -3.30 -55.07 -9.80
N PRO A 122 -2.20 -55.81 -10.14
CA PRO A 122 -1.82 -57.01 -9.36
C PRO A 122 -1.36 -56.73 -7.93
N ASN A 123 -1.62 -57.68 -7.02
CA ASN A 123 -1.26 -57.50 -5.59
C ASN A 123 0.26 -57.52 -5.44
N GLU A 124 0.95 -58.22 -6.34
CA GLU A 124 2.43 -58.34 -6.26
C GLU A 124 3.05 -56.94 -6.25
N PHE A 125 2.60 -56.09 -7.19
CA PHE A 125 3.14 -54.71 -7.29
C PHE A 125 2.89 -54.03 -5.96
N LEU A 126 1.64 -54.10 -5.50
CA LEU A 126 1.29 -53.47 -4.21
C LEU A 126 2.18 -54.08 -3.12
N HIS A 127 2.38 -55.40 -3.16
CA HIS A 127 3.17 -56.07 -2.09
C HIS A 127 4.57 -55.46 -2.16
N GLY A 128 5.06 -55.20 -3.37
CA GLY A 128 6.37 -54.54 -3.51
C GLY A 128 6.25 -53.11 -3.01
N ILE A 129 5.20 -52.40 -3.41
CA ILE A 129 5.00 -50.98 -3.01
C ILE A 129 4.94 -50.92 -1.49
N SER A 130 4.35 -51.93 -0.86
CA SER A 130 4.30 -51.98 0.62
C SER A 130 5.72 -52.01 1.16
N THR A 131 6.59 -52.84 0.57
CA THR A 131 8.01 -52.89 1.01
C THR A 131 8.75 -51.64 0.51
N MET A 132 8.26 -50.98 -0.51
CA MET A 132 8.91 -49.71 -0.90
C MET A 132 8.60 -48.71 0.22
N ALA A 133 7.33 -48.61 0.61
CA ALA A 133 6.92 -47.67 1.68
C ALA A 133 7.63 -48.04 2.98
N GLU A 134 7.21 -49.15 3.59
CA GLU A 134 7.79 -49.62 4.87
C GLU A 134 8.66 -50.84 4.57
N GLY A 135 9.98 -50.67 4.67
CA GLY A 135 10.90 -51.76 4.33
C GLY A 135 12.10 -51.16 3.61
N HIS A 136 12.58 -51.83 2.56
CA HIS A 136 13.69 -51.25 1.76
C HIS A 136 13.57 -51.65 0.29
N LEU A 137 14.70 -51.93 -0.37
CA LEU A 137 14.72 -52.27 -1.82
C LEU A 137 13.97 -53.58 -2.07
N PRO A 138 12.91 -53.67 -2.91
CA PRO A 138 12.31 -54.96 -3.26
C PRO A 138 13.43 -55.77 -3.95
N ASP A 139 14.01 -55.22 -5.01
CA ASP A 139 15.18 -55.86 -5.67
C ASP A 139 15.90 -54.81 -6.51
N ASN A 140 17.06 -55.15 -7.06
CA ASN A 140 17.89 -54.14 -7.78
C ASN A 140 17.15 -53.65 -9.02
N LEU A 141 16.27 -54.47 -9.61
CA LEU A 141 15.48 -53.99 -10.76
C LEU A 141 14.53 -52.89 -10.28
N HIS A 142 13.98 -53.05 -9.08
CA HIS A 142 12.98 -52.08 -8.58
C HIS A 142 13.68 -50.82 -8.08
N LEU A 143 15.01 -50.79 -8.18
CA LEU A 143 15.79 -49.64 -7.64
C LEU A 143 15.33 -48.29 -8.22
N PRO A 144 15.26 -48.02 -9.55
CA PRO A 144 14.87 -46.69 -10.02
C PRO A 144 13.53 -46.25 -9.42
N LEU A 145 12.59 -47.19 -9.29
CA LEU A 145 11.25 -46.84 -8.74
C LEU A 145 11.43 -46.50 -7.27
N TRP A 146 12.14 -47.35 -6.53
CA TRP A 146 12.44 -47.02 -5.10
C TRP A 146 13.00 -45.61 -5.05
N VAL A 147 13.96 -45.31 -5.94
CA VAL A 147 14.63 -43.98 -5.93
C VAL A 147 13.64 -42.90 -6.35
N SER A 148 12.99 -43.05 -7.50
CA SER A 148 12.09 -41.99 -8.01
C SER A 148 11.09 -41.61 -6.93
N ILE A 149 10.42 -42.61 -6.36
CA ILE A 149 9.34 -42.29 -5.39
C ILE A 149 9.96 -41.56 -4.19
N LYS A 150 11.05 -42.10 -3.65
CA LYS A 150 11.65 -41.50 -2.42
C LYS A 150 11.94 -40.04 -2.71
N LEU A 151 12.45 -39.75 -3.90
CA LEU A 151 12.82 -38.35 -4.25
C LEU A 151 11.55 -37.52 -4.18
N ALA A 152 10.50 -37.97 -4.88
CA ALA A 152 9.24 -37.21 -4.92
C ALA A 152 8.71 -37.06 -3.49
N ASP A 153 8.84 -38.11 -2.68
CA ASP A 153 8.28 -38.07 -1.31
C ASP A 153 8.97 -36.93 -0.56
N MET A 154 10.30 -36.87 -0.67
CA MET A 154 11.09 -35.83 0.04
C MET A 154 10.65 -34.47 -0.49
N LEU A 155 10.44 -34.36 -1.80
CA LEU A 155 10.15 -33.03 -2.39
C LEU A 155 8.83 -32.46 -1.88
N LEU A 156 7.91 -33.33 -1.47
CA LEU A 156 6.60 -32.85 -0.94
C LEU A 156 6.55 -33.09 0.56
N ILE A 157 7.60 -32.68 1.28
CA ILE A 157 7.57 -32.76 2.78
C ILE A 157 6.41 -31.87 3.23
N SER A 158 5.82 -32.14 4.41
CA SER A 158 4.73 -31.29 4.95
C SER A 158 4.90 -29.84 4.50
N ASP A 159 5.96 -29.20 4.97
CA ASP A 159 6.25 -27.83 4.49
C ASP A 159 7.73 -27.77 4.15
N ILE A 160 8.11 -28.20 2.94
CA ILE A 160 9.53 -28.05 2.54
C ILE A 160 9.82 -26.56 2.75
N GLY A 161 8.86 -25.70 2.45
CA GLY A 161 9.02 -24.24 2.68
C GLY A 161 10.02 -23.60 1.73
N SER A 162 11.29 -24.00 1.78
CA SER A 162 12.30 -23.31 0.96
C SER A 162 13.02 -24.30 0.04
N VAL A 163 13.49 -23.80 -1.11
CA VAL A 163 14.24 -24.67 -2.06
C VAL A 163 15.47 -25.20 -1.32
N ARG A 164 16.13 -24.34 -0.55
CA ARG A 164 17.41 -24.74 0.11
C ARG A 164 17.09 -25.82 1.14
N ASP A 165 15.91 -25.73 1.74
CA ASP A 165 15.50 -26.73 2.75
C ASP A 165 15.48 -28.09 2.07
N VAL A 166 15.08 -28.12 0.79
CA VAL A 166 15.07 -29.41 0.04
C VAL A 166 16.46 -29.99 0.16
N PHE A 167 17.48 -29.22 -0.19
CA PHE A 167 18.87 -29.75 -0.21
C PHE A 167 19.28 -30.15 1.21
N TYR A 168 18.85 -29.37 2.20
CA TYR A 168 19.25 -29.65 3.59
C TYR A 168 18.65 -31.00 3.98
N PHE A 169 17.35 -31.16 3.70
CA PHE A 169 16.64 -32.42 4.05
C PHE A 169 17.21 -33.53 3.17
N ALA A 170 17.73 -33.17 2.01
CA ALA A 170 18.43 -34.19 1.19
C ALA A 170 19.78 -34.45 1.86
N ASN A 171 20.33 -35.65 1.74
CA ASN A 171 21.62 -35.99 2.41
C ASN A 171 21.44 -36.15 3.92
N SER A 172 20.94 -35.11 4.60
CA SER A 172 20.66 -35.24 6.05
C SER A 172 19.77 -36.47 6.26
N ASP A 173 18.72 -36.62 5.45
CA ASP A 173 17.83 -37.78 5.75
C ASP A 173 18.21 -39.01 4.93
N SER A 174 17.37 -40.05 4.96
CA SER A 174 17.66 -41.32 4.25
C SER A 174 17.68 -41.10 2.74
N TYR A 175 17.20 -39.93 2.30
CA TYR A 175 17.10 -39.66 0.84
C TYR A 175 18.49 -39.56 0.21
N ARG A 176 19.52 -39.45 1.04
CA ARG A 176 20.92 -39.31 0.54
C ARG A 176 21.28 -40.48 -0.37
N ASN A 177 20.91 -41.70 0.05
CA ASN A 177 21.30 -42.90 -0.72
C ASN A 177 20.80 -42.75 -2.15
N ALA A 178 19.61 -42.16 -2.32
CA ALA A 178 19.03 -42.04 -3.67
C ALA A 178 19.90 -41.10 -4.50
N ILE A 179 20.32 -39.99 -3.89
CA ILE A 179 21.17 -39.00 -4.60
C ILE A 179 22.46 -39.72 -4.99
N GLU A 180 22.93 -40.63 -4.14
CA GLU A 180 24.19 -41.35 -4.46
C GLU A 180 23.94 -42.15 -5.74
N ALA A 181 22.77 -42.79 -5.84
CA ALA A 181 22.47 -43.63 -7.02
C ALA A 181 22.18 -42.72 -8.23
N LEU A 182 21.68 -41.51 -7.99
CA LEU A 182 21.29 -40.61 -9.11
C LEU A 182 22.54 -40.32 -9.94
N LYS A 183 23.65 -40.04 -9.26
CA LYS A 183 24.90 -39.66 -9.96
C LYS A 183 25.33 -40.80 -10.89
N GLU A 184 25.11 -42.04 -10.45
CA GLU A 184 25.54 -43.22 -11.25
C GLU A 184 24.64 -43.35 -12.48
N TYR A 185 23.49 -42.68 -12.46
CA TYR A 185 22.59 -42.71 -13.65
C TYR A 185 22.93 -41.50 -14.51
N ASN A 186 24.20 -41.09 -14.54
CA ASN A 186 24.64 -39.88 -15.30
C ASN A 186 23.60 -38.78 -15.16
N LEU A 187 23.17 -38.49 -13.94
CA LEU A 187 22.14 -37.45 -13.70
C LEU A 187 22.49 -36.70 -12.41
N GLU A 188 22.44 -35.37 -12.45
CA GLU A 188 22.79 -34.54 -11.27
C GLU A 188 21.57 -33.71 -10.87
N LEU A 189 21.62 -33.07 -9.70
CA LEU A 189 20.50 -32.22 -9.22
C LEU A 189 20.93 -30.75 -9.27
N ASN A 190 19.96 -29.84 -9.42
CA ASN A 190 20.27 -28.39 -9.47
C ASN A 190 19.03 -27.58 -9.10
N TYR A 191 19.21 -26.27 -8.93
CA TYR A 191 18.07 -25.37 -8.61
C TYR A 191 18.41 -23.95 -9.06
N VAL A 192 17.40 -23.11 -9.29
CA VAL A 192 17.65 -21.69 -9.64
C VAL A 192 16.66 -20.86 -8.82
N SER A 193 17.14 -19.89 -8.03
CA SER A 193 16.19 -19.03 -7.28
C SER A 193 15.57 -17.98 -8.20
N SER A 194 14.24 -17.82 -8.12
CA SER A 194 13.53 -16.82 -8.95
C SER A 194 12.43 -16.14 -8.13
N THR A 195 12.43 -14.80 -8.11
CA THR A 195 11.38 -14.06 -7.36
C THR A 195 10.12 -13.92 -8.21
N PHE A 196 8.95 -13.91 -7.57
CA PHE A 196 7.66 -13.78 -8.30
C PHE A 196 7.45 -12.33 -8.73
N ARG A 197 7.12 -12.12 -10.01
CA ARG A 197 6.80 -10.75 -10.51
C ARG A 197 5.82 -10.91 -11.66
N LEU A 198 5.19 -9.81 -12.09
CA LEU A 198 4.19 -9.89 -13.19
C LEU A 198 4.88 -10.38 -14.45
N PHE A 199 6.06 -9.82 -14.73
CA PHE A 199 6.77 -10.16 -16.00
C PHE A 199 7.16 -11.64 -16.01
N THR A 200 7.50 -12.18 -14.84
CA THR A 200 8.00 -13.57 -14.81
C THR A 200 6.90 -14.51 -15.32
N LEU A 201 5.67 -14.30 -14.86
CA LEU A 201 4.55 -15.21 -15.20
C LEU A 201 4.37 -15.39 -16.71
N ILE A 202 4.33 -14.30 -17.48
CA ILE A 202 3.99 -14.46 -18.94
C ILE A 202 5.01 -15.33 -19.66
N ALA A 203 6.31 -15.03 -19.53
CA ALA A 203 7.31 -15.76 -20.32
C ALA A 203 7.74 -17.03 -19.59
N SER A 204 7.09 -17.33 -18.47
CA SER A 204 7.51 -18.52 -17.68
C SER A 204 7.53 -19.75 -18.58
N LYS A 205 6.45 -20.00 -19.32
CA LYS A 205 6.36 -21.23 -20.13
C LYS A 205 7.44 -21.22 -21.21
N GLU A 206 7.63 -20.07 -21.85
CA GLU A 206 8.63 -19.99 -22.94
C GLU A 206 9.97 -20.46 -22.40
N LEU A 207 10.34 -19.95 -21.22
CA LEU A 207 11.66 -20.29 -20.64
C LEU A 207 11.73 -21.80 -20.45
N LEU A 208 10.69 -22.39 -19.90
CA LEU A 208 10.77 -23.83 -19.64
C LEU A 208 11.06 -24.52 -20.97
N ASN A 209 10.33 -24.16 -22.01
CA ASN A 209 10.50 -24.86 -23.31
C ASN A 209 11.86 -24.54 -23.91
N ASP A 210 12.36 -23.33 -23.71
CA ASP A 210 13.63 -22.94 -24.37
C ASP A 210 14.82 -23.37 -23.50
N VAL A 211 14.91 -22.84 -22.29
CA VAL A 211 16.07 -23.15 -21.42
C VAL A 211 15.99 -24.59 -20.94
N PHE A 212 15.01 -24.91 -20.09
CA PHE A 212 14.97 -26.27 -19.49
C PHE A 212 14.32 -27.29 -20.42
N ASN A 213 14.99 -27.61 -21.52
CA ASN A 213 14.42 -28.60 -22.47
C ASN A 213 15.15 -29.93 -22.34
N GLU A 214 14.47 -31.03 -22.67
CA GLU A 214 15.11 -32.36 -22.63
C GLU A 214 16.15 -32.38 -23.76
N LYS A 215 16.01 -31.44 -24.71
CA LYS A 215 16.99 -31.32 -25.81
C LYS A 215 18.34 -31.02 -25.18
N SER A 216 18.43 -29.94 -24.39
CA SER A 216 19.71 -29.70 -23.68
C SER A 216 19.80 -30.73 -22.56
N GLY A 217 18.66 -31.22 -22.05
CA GLY A 217 18.66 -32.26 -21.01
C GLY A 217 18.45 -31.68 -19.61
N TYR A 218 17.25 -31.18 -19.33
CA TYR A 218 17.03 -30.51 -18.03
C TYR A 218 15.83 -31.11 -17.30
N PHE A 219 14.74 -31.40 -18.03
CA PHE A 219 13.55 -32.06 -17.42
C PHE A 219 13.10 -31.29 -16.16
N PRO A 220 12.43 -30.11 -16.22
CA PRO A 220 12.07 -29.38 -15.00
C PRO A 220 11.09 -30.16 -14.12
N LEU A 221 11.16 -29.98 -12.80
CA LEU A 221 10.31 -30.82 -11.93
C LEU A 221 9.26 -29.98 -11.19
N ILE A 222 9.67 -29.26 -10.14
CA ILE A 222 8.68 -28.56 -9.29
C ILE A 222 9.23 -27.17 -8.93
N SER A 223 8.39 -26.27 -8.44
CA SER A 223 8.84 -24.92 -8.00
C SER A 223 8.33 -24.67 -6.58
N TYR A 224 8.98 -23.78 -5.83
CA TYR A 224 8.57 -23.57 -4.42
C TYR A 224 8.49 -22.09 -4.12
N ALA A 225 8.16 -21.24 -5.11
CA ALA A 225 8.08 -19.77 -4.95
C ALA A 225 9.46 -19.15 -4.78
N ASP A 226 10.32 -19.73 -3.93
CA ASP A 226 11.71 -19.20 -3.81
C ASP A 226 12.39 -19.40 -5.16
N GLY A 227 11.97 -20.41 -5.92
CA GLY A 227 12.54 -20.64 -7.26
C GLY A 227 12.07 -21.93 -7.90
N ILE A 228 12.91 -22.56 -8.71
CA ILE A 228 12.54 -23.83 -9.42
C ILE A 228 13.61 -24.88 -9.10
N VAL A 229 13.23 -26.15 -9.10
CA VAL A 229 14.21 -27.27 -8.91
C VAL A 229 14.21 -28.09 -10.19
N PHE A 230 15.38 -28.46 -10.72
CA PHE A 230 15.43 -29.22 -11.99
C PHE A 230 16.54 -30.27 -11.95
N LEU A 231 16.81 -30.91 -13.10
CA LEU A 231 17.87 -31.95 -13.15
C LEU A 231 18.88 -31.55 -14.23
N LYS A 232 20.08 -32.13 -14.17
CA LYS A 232 21.13 -31.80 -15.16
C LYS A 232 21.84 -33.09 -15.55
N ARG A 233 21.70 -33.51 -16.81
CA ARG A 233 22.44 -34.71 -17.27
C ARG A 233 23.92 -34.35 -17.35
N LYS A 234 24.77 -35.35 -17.13
CA LYS A 234 26.24 -35.11 -17.12
C LYS A 234 26.64 -34.62 -18.51
N ASN A 235 27.47 -33.58 -18.56
CA ASN A 235 27.91 -32.98 -19.84
C ASN A 235 26.74 -32.24 -20.50
N SER A 236 25.65 -31.99 -19.77
CA SER A 236 24.59 -31.15 -20.37
C SER A 236 25.18 -29.75 -20.52
N GLN A 237 24.78 -29.02 -21.57
CA GLN A 237 25.23 -27.62 -21.70
C GLN A 237 24.91 -26.94 -20.38
N PRO A 238 25.83 -26.18 -19.71
CA PRO A 238 25.50 -25.61 -18.40
C PRO A 238 24.40 -24.56 -18.52
N VAL A 239 23.69 -24.30 -17.43
CA VAL A 239 22.65 -23.23 -17.45
C VAL A 239 23.37 -21.90 -17.61
N LEU A 240 22.99 -21.12 -18.63
CA LEU A 240 23.74 -19.86 -18.90
C LEU A 240 22.81 -18.65 -18.76
N LEU A 241 23.22 -17.66 -17.96
CA LEU A 241 22.43 -16.42 -17.81
C LEU A 241 22.35 -15.62 -19.11
N SER A 242 23.14 -15.96 -20.14
CA SER A 242 23.16 -15.14 -21.38
C SER A 242 21.80 -15.18 -22.04
N LYS A 243 21.31 -16.38 -22.36
CA LYS A 243 19.99 -16.52 -22.98
C LYS A 243 18.94 -16.00 -21.99
N ILE A 244 19.16 -16.20 -20.69
CA ILE A 244 18.10 -15.77 -19.73
C ILE A 244 17.87 -14.29 -20.00
N VAL A 245 18.95 -13.53 -20.11
CA VAL A 245 18.84 -12.06 -20.34
C VAL A 245 18.40 -11.82 -21.79
N ASP A 246 18.86 -12.65 -22.72
CA ASP A 246 18.52 -12.36 -24.15
C ASP A 246 17.01 -12.51 -24.34
N LEU A 247 16.40 -13.48 -23.67
CA LEU A 247 14.96 -13.76 -23.92
C LEU A 247 14.07 -12.57 -23.53
N LEU A 248 14.25 -12.01 -22.34
CA LEU A 248 13.32 -10.95 -21.90
C LEU A 248 13.46 -9.75 -22.84
N SER A 249 14.64 -9.52 -23.40
CA SER A 249 14.75 -8.31 -24.24
C SER A 249 13.67 -8.43 -25.30
N ARG A 250 13.44 -9.65 -25.78
CA ARG A 250 12.43 -9.88 -26.83
C ARG A 250 11.03 -9.96 -26.19
N GLN A 251 10.92 -10.39 -24.93
CA GLN A 251 9.57 -10.60 -24.35
C GLN A 251 9.08 -9.33 -23.65
N VAL A 252 9.93 -8.72 -22.82
CA VAL A 252 9.56 -7.43 -22.16
C VAL A 252 9.24 -6.50 -23.32
N PHE A 253 9.68 -6.86 -24.52
CA PHE A 253 9.24 -6.05 -25.67
C PHE A 253 7.95 -6.66 -26.21
N SER A 254 6.82 -5.97 -25.98
CA SER A 254 5.52 -6.44 -26.52
C SER A 254 5.51 -6.13 -28.01
N SER A 255 6.39 -6.75 -28.78
CA SER A 255 6.43 -6.53 -30.25
C SER A 255 5.46 -7.49 -30.95
N SER A 256 4.16 -7.25 -30.79
CA SER A 256 3.17 -8.10 -31.51
C SER A 256 3.11 -7.64 -32.97
N SER A 257 2.57 -8.49 -33.86
CA SER A 257 2.40 -8.08 -35.27
C SER A 257 1.55 -6.82 -35.30
N GLU A 258 0.52 -6.73 -34.47
CA GLU A 258 -0.38 -5.54 -34.53
C GLU A 258 0.32 -4.34 -33.91
N VAL A 259 1.34 -4.57 -33.08
CA VAL A 259 2.10 -3.40 -32.55
C VAL A 259 2.82 -2.77 -33.74
N ILE A 260 3.36 -3.60 -34.63
CA ILE A 260 4.08 -3.07 -35.83
C ILE A 260 3.08 -2.61 -36.91
N GLU A 261 1.84 -3.07 -36.86
CA GLU A 261 0.87 -2.79 -37.96
C GLU A 261 0.50 -1.31 -38.08
N GLU A 262 0.45 -0.54 -36.99
CA GLU A 262 -0.03 0.86 -37.10
C GLU A 262 0.88 1.65 -38.04
N LYS A 263 2.17 1.70 -37.73
CA LYS A 263 3.13 2.51 -38.51
C LYS A 263 3.11 2.04 -39.96
N ILE A 264 2.76 0.77 -40.20
CA ILE A 264 2.65 0.33 -41.62
C ILE A 264 1.77 1.33 -42.37
N SER A 265 0.60 1.64 -41.82
CA SER A 265 -0.25 2.66 -42.47
C SER A 265 0.23 4.08 -42.16
N ASP A 266 0.81 4.30 -40.98
CA ASP A 266 1.17 5.69 -40.60
C ASP A 266 2.03 6.34 -41.70
N ILE A 267 3.24 5.82 -41.89
CA ILE A 267 4.15 6.47 -42.88
C ILE A 267 3.70 6.07 -44.29
N GLU A 268 2.96 4.98 -44.43
CA GLU A 268 2.47 4.69 -45.80
C GLU A 268 1.60 5.85 -46.26
N LYS A 269 0.72 6.33 -45.38
CA LYS A 269 -0.20 7.43 -45.77
C LYS A 269 0.65 8.66 -46.11
N CYS A 270 1.73 8.91 -45.37
CA CYS A 270 2.52 10.12 -45.58
C CYS A 270 3.05 10.07 -47.01
N ILE A 271 3.32 8.87 -47.53
CA ILE A 271 3.99 8.80 -48.86
C ILE A 271 3.07 8.35 -50.00
N LYS A 272 2.14 7.42 -49.77
CA LYS A 272 1.34 6.83 -50.89
C LYS A 272 0.56 7.92 -51.62
N ASN A 273 0.24 9.01 -50.93
CA ASN A 273 -0.64 10.05 -51.56
C ASN A 273 0.16 10.82 -52.62
N LYS A 274 1.46 10.67 -52.66
CA LYS A 274 2.27 11.46 -53.62
C LYS A 274 2.82 10.52 -54.68
N GLU A 275 2.13 9.40 -54.93
CA GLU A 275 2.60 8.39 -55.91
C GLU A 275 2.84 9.03 -57.26
N GLU A 276 2.08 10.09 -57.58
CA GLU A 276 2.29 10.80 -58.86
C GLU A 276 3.77 11.17 -59.00
N LEU A 277 4.25 12.05 -58.13
CA LEU A 277 5.64 12.57 -58.24
C LEU A 277 6.64 11.59 -57.62
N PHE A 278 6.15 10.58 -56.91
CA PHE A 278 7.09 9.64 -56.24
C PHE A 278 7.53 8.60 -57.26
N ARG A 279 7.20 8.82 -58.53
CA ARG A 279 7.65 7.88 -59.60
C ARG A 279 8.30 8.69 -60.72
N GLN A 280 7.82 9.92 -60.93
CA GLN A 280 8.26 10.74 -62.09
C GLN A 280 9.75 11.04 -62.05
N MET A 281 10.25 11.50 -60.90
CA MET A 281 11.67 11.93 -60.84
C MET A 281 12.57 10.70 -60.93
N ASN A 282 12.02 9.54 -61.29
CA ASN A 282 12.92 8.38 -61.53
C ASN A 282 13.82 8.86 -62.65
N ILE A 283 13.30 9.76 -63.48
CA ILE A 283 14.14 10.39 -64.53
C ILE A 283 14.00 11.90 -64.33
N ASP A 284 15.05 12.67 -64.62
CA ASP A 284 14.99 14.15 -64.52
C ASP A 284 14.52 14.60 -63.13
N VAL A 285 15.31 14.30 -62.10
CA VAL A 285 14.94 14.69 -60.71
C VAL A 285 14.61 16.17 -60.77
N LYS A 286 15.32 16.90 -61.64
CA LYS A 286 15.14 18.37 -61.77
C LYS A 286 13.74 18.69 -62.29
N SER A 287 13.22 17.91 -63.24
CA SER A 287 11.91 18.28 -63.82
C SER A 287 10.86 18.36 -62.70
N ALA A 288 11.06 17.62 -61.61
CA ALA A 288 10.03 17.60 -60.54
C ALA A 288 10.51 18.47 -59.37
N ILE A 289 11.75 18.27 -58.93
CA ILE A 289 12.33 19.05 -57.79
C ILE A 289 12.34 20.52 -58.21
N TYR A 290 12.63 20.85 -59.47
CA TYR A 290 12.54 22.27 -59.90
C TYR A 290 11.15 22.53 -60.51
N ASP A 291 10.68 23.78 -60.43
CA ASP A 291 9.38 24.15 -61.06
C ASP A 291 9.58 25.42 -61.88
N GLU A 292 8.82 25.56 -62.97
CA GLU A 292 8.94 26.75 -63.85
C GLU A 292 8.40 27.94 -63.07
N GLU A 293 7.53 27.66 -62.09
CA GLU A 293 6.87 28.75 -61.34
C GLU A 293 7.89 29.48 -60.48
N GLY A 294 8.93 28.76 -60.02
CA GLY A 294 9.94 29.38 -59.14
C GLY A 294 11.25 28.64 -59.23
N LYS A 295 11.73 28.12 -58.12
CA LYS A 295 12.98 27.34 -58.12
C LYS A 295 12.70 25.95 -57.57
N VAL A 296 12.12 25.84 -56.38
CA VAL A 296 11.95 24.47 -55.78
C VAL A 296 10.61 24.38 -55.05
N LYS A 297 10.28 23.20 -54.51
CA LYS A 297 9.02 23.00 -53.77
C LYS A 297 9.32 22.84 -52.28
N GLN A 298 8.36 23.18 -51.42
CA GLN A 298 8.56 23.04 -49.96
C GLN A 298 8.48 21.56 -49.60
N ILE A 299 9.09 21.18 -48.47
CA ILE A 299 8.95 19.77 -48.00
C ILE A 299 7.45 19.52 -47.87
N ASN A 300 6.70 20.51 -47.36
CA ASN A 300 5.25 20.32 -47.09
C ASN A 300 4.48 20.30 -48.41
N ALA A 301 5.02 20.92 -49.45
CA ALA A 301 4.34 20.82 -50.77
C ALA A 301 4.38 19.34 -51.19
N PHE A 302 5.50 18.67 -50.91
CA PHE A 302 5.66 17.27 -51.35
C PHE A 302 5.18 16.32 -50.25
N LEU A 303 5.06 16.82 -49.01
CA LEU A 303 4.67 15.96 -47.87
C LEU A 303 3.92 16.83 -46.84
N PRO A 304 2.58 17.09 -46.96
CA PRO A 304 1.92 18.01 -46.02
C PRO A 304 1.84 17.45 -44.59
N THR A 305 2.14 18.28 -43.60
CA THR A 305 2.04 17.85 -42.18
C THR A 305 0.58 17.46 -41.93
N LYS A 306 -0.32 17.91 -42.81
CA LYS A 306 -1.76 17.60 -42.67
C LYS A 306 -1.90 16.07 -42.65
N VAL A 307 -1.42 15.41 -43.70
CA VAL A 307 -1.59 13.93 -43.81
C VAL A 307 -0.30 13.25 -43.34
N CYS A 308 0.71 14.03 -42.98
CA CYS A 308 2.01 13.41 -42.62
C CYS A 308 2.43 13.71 -41.18
N LYS A 309 2.75 12.65 -40.44
CA LYS A 309 3.27 12.84 -39.06
C LYS A 309 4.78 12.67 -39.16
N PRO A 310 5.63 13.40 -38.38
CA PRO A 310 7.09 13.30 -38.54
C PRO A 310 7.59 11.92 -38.10
N PHE A 311 8.63 11.37 -38.72
CA PHE A 311 9.16 10.00 -38.43
C PHE A 311 9.29 9.70 -36.92
N GLU A 312 10.08 10.47 -36.18
CA GLU A 312 10.34 10.16 -34.75
C GLU A 312 9.06 10.41 -33.97
N ASP A 313 8.21 11.31 -34.45
CA ASP A 313 6.91 11.50 -33.76
C ASP A 313 6.05 10.26 -34.04
N VAL A 314 6.19 9.68 -35.25
CA VAL A 314 5.45 8.43 -35.59
C VAL A 314 5.89 7.36 -34.59
N VAL A 315 7.20 7.20 -34.39
CA VAL A 315 7.71 6.11 -33.49
C VAL A 315 7.99 6.70 -32.09
N GLY A 316 6.90 7.05 -31.38
CA GLY A 316 7.02 7.72 -30.07
C GLY A 316 8.01 7.10 -29.10
N ASN A 317 7.65 5.96 -28.48
CA ASN A 317 8.52 5.38 -27.43
C ASN A 317 8.79 3.91 -27.72
N LEU A 318 9.47 3.61 -28.82
CA LEU A 318 9.72 2.20 -29.21
C LEU A 318 11.24 2.00 -29.22
N ASP A 319 11.72 0.75 -29.26
CA ASP A 319 13.18 0.49 -29.19
C ASP A 319 13.68 -0.37 -30.35
N ASN A 320 13.41 -1.68 -30.37
CA ASN A 320 14.04 -2.50 -31.44
C ASN A 320 13.07 -3.52 -32.02
N LYS A 321 12.63 -4.48 -31.21
CA LYS A 321 11.62 -5.40 -31.75
C LYS A 321 10.44 -4.53 -32.19
N SER A 322 10.46 -3.27 -31.79
CA SER A 322 9.46 -2.35 -32.39
C SER A 322 10.24 -1.36 -33.25
N LYS A 323 11.08 -0.50 -32.69
CA LYS A 323 11.74 0.56 -33.50
C LYS A 323 12.78 0.04 -34.51
N LEU A 324 13.58 -0.97 -34.20
CA LEU A 324 14.52 -1.50 -35.24
C LEU A 324 13.70 -2.27 -36.27
N GLN A 325 12.68 -3.00 -35.85
CA GLN A 325 11.77 -3.64 -36.83
C GLN A 325 11.11 -2.50 -37.58
N VAL A 326 10.85 -1.39 -36.88
CA VAL A 326 10.25 -0.20 -37.55
C VAL A 326 11.34 0.43 -38.42
N ALA A 327 12.59 0.00 -38.21
CA ALA A 327 13.66 0.49 -39.09
C ALA A 327 14.05 -0.65 -40.04
N ARG A 328 13.36 -1.77 -39.96
CA ARG A 328 13.67 -2.91 -40.86
C ARG A 328 12.36 -3.32 -41.52
N GLU A 329 11.64 -4.22 -40.86
CA GLU A 329 10.35 -4.71 -41.41
C GLU A 329 9.39 -3.54 -41.63
N VAL A 330 9.74 -2.33 -41.20
CA VAL A 330 8.86 -1.16 -41.52
C VAL A 330 9.62 -0.23 -42.48
N ILE A 331 10.94 -0.28 -42.48
CA ILE A 331 11.62 0.54 -43.53
C ILE A 331 11.40 -0.19 -44.86
N GLU A 332 11.42 -1.52 -44.83
CA GLU A 332 11.29 -2.30 -46.09
C GLU A 332 9.91 -2.94 -46.20
N ARG A 333 8.91 -2.47 -45.47
CA ARG A 333 7.60 -3.18 -45.54
C ARG A 333 7.06 -3.16 -46.96
N ASN A 334 6.62 -2.00 -47.45
CA ASN A 334 6.08 -1.86 -48.82
C ASN A 334 7.10 -1.01 -49.57
N ARG A 335 8.32 -0.95 -48.99
CA ARG A 335 9.48 -0.18 -49.55
C ARG A 335 9.96 -0.96 -50.75
N LYS A 336 9.43 -2.16 -50.91
CA LYS A 336 9.67 -2.83 -52.21
C LYS A 336 8.96 -1.80 -53.09
N ASP A 337 8.02 -1.07 -52.50
CA ASP A 337 7.37 0.06 -53.16
C ASP A 337 7.93 1.44 -53.19
N ILE A 338 7.68 2.09 -54.33
CA ILE A 338 8.33 3.39 -54.59
C ILE A 338 9.61 3.36 -53.77
N PRO A 339 10.56 2.41 -54.01
CA PRO A 339 11.74 2.35 -53.18
C PRO A 339 12.15 3.78 -53.54
N PHE A 340 11.74 4.22 -54.73
CA PHE A 340 12.19 5.56 -55.17
C PHE A 340 11.46 6.62 -54.34
N GLY A 341 10.15 6.46 -54.19
CA GLY A 341 9.37 7.48 -53.46
C GLY A 341 9.70 7.53 -51.99
N LEU A 342 10.01 6.36 -51.40
CA LEU A 342 10.34 6.27 -49.95
C LEU A 342 11.60 7.09 -49.67
N LEU A 343 12.52 7.14 -50.64
CA LEU A 343 13.82 7.80 -50.40
C LEU A 343 13.60 9.24 -49.98
N ILE A 344 12.81 9.96 -50.77
CA ILE A 344 12.60 11.41 -50.48
C ILE A 344 12.23 11.56 -49.01
N TYR A 345 11.40 10.65 -48.50
CA TYR A 345 10.93 10.77 -47.10
C TYR A 345 12.14 10.86 -46.18
N PHE A 346 13.01 9.85 -46.18
CA PHE A 346 14.12 9.89 -45.20
C PHE A 346 15.10 10.98 -45.61
N VAL A 347 15.10 11.34 -46.89
CA VAL A 347 15.98 12.45 -47.35
C VAL A 347 15.45 13.77 -46.77
N ASN A 348 14.17 13.83 -46.41
CA ASN A 348 13.57 15.12 -45.98
C ASN A 348 12.90 15.03 -44.62
N LYS A 349 11.81 14.26 -44.53
CA LYS A 349 11.07 14.10 -43.26
C LYS A 349 11.85 13.16 -42.35
N PHE A 350 12.96 13.63 -41.76
CA PHE A 350 13.69 12.81 -40.76
C PHE A 350 13.11 13.22 -39.41
N SER A 351 11.94 13.89 -39.42
CA SER A 351 11.25 14.32 -38.17
C SER A 351 11.94 15.48 -37.46
N LYS A 352 11.34 16.01 -36.39
CA LYS A 352 11.88 17.20 -35.70
C LYS A 352 12.95 16.78 -34.69
N ASN A 353 13.59 17.73 -34.00
CA ASN A 353 14.69 17.44 -33.04
C ASN A 353 15.90 16.91 -33.81
N GLU A 354 15.87 15.67 -34.30
CA GLU A 354 17.06 15.09 -34.96
C GLU A 354 16.95 15.22 -36.47
N GLU A 355 17.42 16.34 -37.03
CA GLU A 355 17.45 16.43 -38.50
C GLU A 355 18.78 15.81 -38.92
N ASP A 356 19.30 14.90 -38.09
CA ASP A 356 20.64 14.30 -38.37
C ASP A 356 20.53 13.35 -39.55
N TYR A 357 20.72 13.86 -40.77
CA TYR A 357 20.76 12.97 -41.95
C TYR A 357 21.88 11.96 -41.71
N ILE A 358 22.91 12.36 -40.93
CA ILE A 358 24.08 11.50 -40.62
C ILE A 358 24.42 10.58 -41.81
N ARG A 359 24.71 11.17 -42.96
CA ARG A 359 24.97 10.35 -44.19
C ARG A 359 25.82 11.14 -45.17
N LYS A 360 25.77 10.78 -46.46
CA LYS A 360 26.53 11.47 -47.53
C LYS A 360 25.80 12.75 -47.91
N GLY A 361 25.33 13.51 -46.92
CA GLY A 361 24.54 14.72 -47.20
C GLY A 361 25.39 15.80 -47.85
N LEU A 362 24.89 16.43 -48.92
CA LEU A 362 25.69 17.45 -49.66
C LEU A 362 25.41 18.83 -49.07
N GLY A 363 24.42 18.92 -48.18
CA GLY A 363 24.15 20.20 -47.50
C GLY A 363 23.20 21.05 -48.32
N ILE A 364 23.10 20.78 -49.62
CA ILE A 364 22.12 21.52 -50.48
C ILE A 364 20.73 21.17 -49.96
N ASN A 365 19.94 22.17 -49.59
CA ASN A 365 18.62 21.85 -48.99
C ASN A 365 17.72 21.21 -50.05
N GLU A 366 17.97 21.48 -51.34
CA GLU A 366 17.00 21.00 -52.36
C GLU A 366 17.67 20.39 -53.59
N LYS A 367 18.79 20.96 -54.04
CA LYS A 367 19.44 20.48 -55.29
C LYS A 367 20.33 19.29 -54.94
N SER A 368 20.30 18.88 -53.67
CA SER A 368 21.13 17.74 -53.22
C SER A 368 20.73 16.52 -54.04
N LEU A 369 19.44 16.36 -54.30
CA LEU A 369 18.95 15.17 -55.03
C LEU A 369 19.67 15.02 -56.37
N LYS A 370 19.94 16.11 -57.06
CA LYS A 370 20.54 15.99 -58.41
C LYS A 370 22.00 15.56 -58.25
N TYR A 371 22.68 16.09 -57.22
CA TYR A 371 24.13 15.81 -57.03
C TYR A 371 24.38 14.36 -56.63
N LEU A 372 23.48 13.77 -55.82
CA LEU A 372 23.77 12.41 -55.28
C LEU A 372 23.66 11.32 -56.34
N LEU A 373 23.95 10.07 -55.97
CA LEU A 373 23.98 8.97 -56.97
C LEU A 373 22.60 8.32 -57.17
N ASN A 374 22.58 7.06 -57.61
CA ASN A 374 21.27 6.40 -57.90
C ASN A 374 20.77 5.57 -56.72
N ILE A 375 19.79 4.69 -56.98
CA ILE A 375 19.14 3.89 -55.91
C ILE A 375 20.15 2.90 -55.31
N GLY A 376 21.35 2.83 -55.88
CA GLY A 376 22.37 1.97 -55.24
C GLY A 376 22.75 2.59 -53.91
N ASP A 377 22.49 3.89 -53.77
CA ASP A 377 22.88 4.64 -52.53
C ASP A 377 22.00 4.22 -51.36
N VAL A 378 20.82 3.67 -51.67
CA VAL A 378 19.85 3.33 -50.58
C VAL A 378 20.55 2.41 -49.60
N GLN A 379 21.29 1.43 -50.12
CA GLN A 379 21.95 0.42 -49.25
C GLN A 379 22.74 1.13 -48.15
N LYS A 380 23.29 2.31 -48.45
CA LYS A 380 24.15 3.02 -47.46
C LYS A 380 23.30 3.44 -46.26
N ALA A 381 22.08 3.92 -46.50
CA ALA A 381 21.18 4.29 -45.39
C ALA A 381 20.86 3.02 -44.61
N LEU A 382 20.74 1.90 -45.32
CA LEU A 382 20.41 0.61 -44.66
C LEU A 382 21.59 0.24 -43.76
N ASP A 383 22.79 0.76 -44.08
CA ASP A 383 23.98 0.47 -43.23
C ASP A 383 23.92 1.36 -41.99
N LYS A 384 23.32 2.55 -42.10
CA LYS A 384 23.17 3.45 -40.92
C LYS A 384 22.13 2.84 -39.99
N ILE A 385 21.43 1.81 -40.46
CA ILE A 385 20.41 1.12 -39.61
C ILE A 385 21.16 0.12 -38.72
N LEU A 386 20.52 -0.40 -37.66
CA LEU A 386 21.13 -1.34 -36.70
C LEU A 386 22.23 -0.60 -35.92
N GLU A 387 22.13 0.73 -35.88
CA GLU A 387 23.13 1.54 -35.13
C GLU A 387 22.45 2.18 -33.93
N LEU A 388 21.80 3.34 -34.12
CA LEU A 388 21.20 4.06 -32.96
C LEU A 388 20.03 3.25 -32.38
N LEU A 389 19.37 2.46 -33.21
CA LEU A 389 18.19 1.70 -32.73
C LEU A 389 18.70 0.60 -31.81
N GLU A 390 19.64 -0.22 -32.29
CA GLU A 390 20.19 -1.35 -31.48
C GLU A 390 20.87 -0.78 -30.23
N LYS A 391 21.10 0.52 -30.18
CA LYS A 391 21.68 1.10 -28.94
C LYS A 391 20.66 0.90 -27.81
N ARG A 392 19.37 1.10 -28.13
CA ARG A 392 18.29 0.92 -27.12
C ARG A 392 18.18 -0.56 -26.75
N TYR A 393 18.62 -1.44 -27.66
CA TYR A 393 18.57 -2.91 -27.41
C TYR A 393 19.54 -3.24 -26.27
N ALA A 394 20.66 -2.53 -26.21
CA ALA A 394 21.65 -2.76 -25.12
C ALA A 394 21.71 -1.56 -24.17
N GLU A 395 20.60 -0.83 -23.99
CA GLU A 395 20.62 0.41 -23.16
C GLU A 395 20.08 0.15 -21.75
N GLN A 396 18.78 -0.12 -21.63
CA GLN A 396 18.16 -0.29 -20.29
C GLN A 396 18.43 -1.73 -19.84
N SER A 397 19.34 -2.40 -20.54
CA SER A 397 19.63 -3.82 -20.24
C SER A 397 20.04 -3.93 -18.77
N SER A 398 20.98 -3.09 -18.33
CA SER A 398 21.52 -3.18 -16.95
C SER A 398 20.46 -2.82 -15.93
N ASP A 399 19.49 -1.99 -16.32
CA ASP A 399 18.38 -1.72 -15.40
C ASP A 399 17.81 -3.08 -15.04
N LYS A 400 17.52 -3.85 -16.08
CA LYS A 400 16.94 -5.19 -15.86
C LYS A 400 18.02 -6.08 -15.25
N THR A 401 19.26 -5.98 -15.71
CA THR A 401 20.36 -6.88 -15.26
C THR A 401 20.40 -6.98 -13.73
N LEU A 402 19.99 -5.93 -13.04
CA LEU A 402 20.09 -5.94 -11.55
C LEU A 402 19.19 -7.04 -11.00
N LEU A 403 18.11 -7.36 -11.71
CA LEU A 403 17.26 -8.49 -11.26
C LEU A 403 18.10 -9.75 -11.40
N TYR A 404 18.79 -9.88 -12.52
CA TYR A 404 19.56 -11.13 -12.76
C TYR A 404 20.79 -11.16 -11.86
N TYR A 405 21.03 -10.09 -11.12
CA TYR A 405 22.16 -10.07 -10.16
C TYR A 405 21.58 -10.27 -8.75
N VAL A 406 20.39 -9.75 -8.49
CA VAL A 406 19.77 -9.85 -7.13
C VAL A 406 18.55 -10.78 -7.16
N LYS A 407 17.53 -10.45 -7.94
CA LYS A 407 16.28 -11.26 -7.94
C LYS A 407 16.61 -12.66 -8.45
N PHE A 408 17.00 -12.77 -9.72
CA PHE A 408 17.27 -14.10 -10.32
C PHE A 408 18.69 -14.52 -9.94
N SER A 409 18.93 -14.72 -8.64
CA SER A 409 20.28 -15.11 -8.17
C SER A 409 20.19 -16.47 -7.49
N SER A 410 21.11 -16.77 -6.56
CA SER A 410 21.12 -18.05 -5.81
C SER A 410 20.81 -19.21 -6.77
N SER A 411 21.70 -19.45 -7.72
CA SER A 411 21.35 -20.47 -8.72
C SER A 411 22.54 -21.37 -9.04
N GLY A 412 22.28 -22.63 -9.39
CA GLY A 412 23.39 -23.49 -9.85
C GLY A 412 23.78 -23.00 -11.23
N ASN A 413 23.14 -21.94 -11.71
CA ASN A 413 23.45 -21.41 -13.07
C ASN A 413 24.76 -20.63 -13.05
N ILE A 414 25.21 -20.21 -14.23
CA ILE A 414 26.46 -19.39 -14.34
C ILE A 414 26.06 -18.00 -14.81
N ILE A 415 26.54 -16.97 -14.13
CA ILE A 415 26.23 -15.56 -14.52
C ILE A 415 27.04 -15.24 -15.77
N ASP A 416 26.35 -14.81 -16.83
CA ASP A 416 27.02 -14.48 -18.11
C ASP A 416 26.89 -12.98 -18.37
N ASP A 417 26.65 -12.19 -17.32
CA ASP A 417 26.40 -10.74 -17.54
C ASP A 417 27.62 -9.91 -17.14
N LEU A 418 27.65 -8.65 -17.59
CA LEU A 418 28.76 -7.73 -17.24
C LEU A 418 28.66 -7.37 -15.75
N PRO A 419 29.65 -6.67 -15.10
CA PRO A 419 29.45 -6.16 -13.72
C PRO A 419 28.42 -5.01 -13.72
N LYS A 420 27.92 -4.64 -12.54
CA LYS A 420 26.80 -3.66 -12.47
C LYS A 420 27.33 -2.25 -12.25
N ILE A 421 28.63 -2.04 -12.47
CA ILE A 421 29.22 -0.70 -12.20
C ILE A 421 28.44 0.34 -12.99
N THR A 422 28.32 0.14 -14.32
CA THR A 422 27.67 1.16 -15.21
C THR A 422 27.94 2.49 -14.54
N ASP A 423 29.23 2.87 -14.45
CA ASP A 423 29.65 4.11 -13.74
C ASP A 423 28.57 5.19 -13.78
N ARG A 424 28.06 5.57 -12.59
CA ARG A 424 27.03 6.63 -12.48
C ARG A 424 25.79 6.27 -13.30
N PRO A 425 24.91 5.37 -12.83
CA PRO A 425 23.67 5.11 -13.54
C PRO A 425 22.68 6.23 -13.19
N ASN A 426 21.44 6.14 -13.66
CA ASN A 426 20.46 7.17 -13.25
C ASN A 426 19.80 6.76 -11.94
N ASP A 427 18.78 7.49 -11.50
CA ASP A 427 18.16 7.22 -10.17
C ASP A 427 17.51 5.83 -10.13
N TYR A 428 17.32 5.30 -8.93
CA TYR A 428 16.66 3.98 -8.74
C TYR A 428 15.15 4.16 -8.93
N CYS A 429 14.44 3.12 -9.35
CA CYS A 429 12.99 3.26 -9.66
C CYS A 429 12.24 3.59 -8.38
N VAL A 430 11.27 4.49 -8.47
CA VAL A 430 10.53 4.90 -7.27
C VAL A 430 9.79 3.66 -6.71
N VAL A 431 9.23 2.82 -7.57
CA VAL A 431 8.39 1.68 -7.08
C VAL A 431 9.15 0.35 -7.18
N CYS A 432 9.56 -0.06 -8.38
CA CYS A 432 10.27 -1.36 -8.55
C CYS A 432 11.67 -1.28 -7.97
N GLY A 433 12.09 -0.11 -7.47
CA GLY A 433 13.39 0.03 -6.80
C GLY A 433 14.57 -0.39 -7.67
N MET A 434 14.50 -0.14 -8.98
CA MET A 434 15.58 -0.59 -9.90
C MET A 434 16.23 0.61 -10.62
N PRO A 435 17.58 0.81 -10.63
CA PRO A 435 18.14 2.01 -11.28
C PRO A 435 17.87 2.05 -12.79
N ILE A 436 17.91 3.25 -13.38
CA ILE A 436 17.71 3.39 -14.85
C ILE A 436 18.92 4.09 -15.45
N TYR A 437 18.78 4.63 -16.66
CA TYR A 437 19.88 5.34 -17.34
C TYR A 437 19.29 6.31 -18.37
N VAL A 477 9.71 6.25 -11.89
CA VAL A 477 9.31 4.84 -12.21
C VAL A 477 10.37 4.22 -13.13
N CYS A 478 10.14 2.99 -13.58
CA CYS A 478 11.07 2.33 -14.52
C CYS A 478 10.26 1.70 -15.65
N PRO A 479 10.84 1.20 -16.78
CA PRO A 479 10.04 0.53 -17.81
C PRO A 479 9.42 -0.76 -17.26
N ILE A 480 9.95 -1.32 -16.17
CA ILE A 480 9.38 -2.61 -15.68
C ILE A 480 7.92 -2.34 -15.34
N CYS A 481 7.68 -1.35 -14.48
CA CYS A 481 6.29 -1.06 -14.07
C CYS A 481 5.54 -0.53 -15.29
N ILE A 482 6.26 0.14 -16.20
CA ILE A 482 5.59 0.72 -17.39
C ILE A 482 5.04 -0.43 -18.22
N TYR A 483 5.84 -1.48 -18.43
CA TYR A 483 5.38 -2.66 -19.20
C TYR A 483 4.22 -3.28 -18.43
N GLU A 484 4.41 -3.41 -17.11
CA GLU A 484 3.36 -4.06 -16.29
C GLU A 484 2.09 -3.22 -16.37
N ALA A 485 2.21 -1.90 -16.49
CA ALA A 485 1.02 -1.03 -16.48
C ALA A 485 0.29 -1.22 -17.81
N ASN A 486 1.05 -1.27 -18.91
CA ASN A 486 0.42 -1.53 -20.22
C ASN A 486 -0.26 -2.89 -20.15
N LEU A 487 0.34 -3.82 -19.40
CA LEU A 487 -0.21 -5.19 -19.36
C LEU A 487 -1.51 -5.13 -18.55
N MET A 488 -1.48 -4.41 -17.43
CA MET A 488 -2.65 -4.36 -16.52
C MET A 488 -3.80 -3.66 -17.23
N LYS A 489 -3.52 -3.01 -18.36
CA LYS A 489 -4.64 -2.40 -19.12
C LYS A 489 -5.62 -3.50 -19.50
N ASP A 490 -5.17 -4.51 -20.24
CA ASP A 490 -6.13 -5.54 -20.73
C ASP A 490 -5.55 -6.96 -20.62
N ARG A 491 -4.29 -7.15 -20.97
CA ARG A 491 -3.69 -8.51 -20.98
C ARG A 491 -3.95 -9.17 -19.62
N VAL A 492 -3.73 -8.42 -18.54
CA VAL A 492 -4.05 -8.94 -17.18
C VAL A 492 -4.87 -7.86 -16.49
N LYS A 493 -6.17 -7.80 -16.77
CA LYS A 493 -7.04 -6.80 -16.12
C LYS A 493 -7.45 -7.29 -14.72
N PRO A 494 -7.44 -6.43 -13.69
CA PRO A 494 -7.94 -6.81 -12.36
C PRO A 494 -9.47 -6.93 -12.37
N PRO A 495 -10.13 -7.62 -11.42
CA PRO A 495 -9.45 -8.39 -10.37
C PRO A 495 -8.95 -9.75 -10.82
N TYR A 496 -8.42 -10.54 -9.89
CA TYR A 496 -7.82 -11.85 -10.28
C TYR A 496 -8.12 -12.92 -9.24
N PHE A 497 -7.83 -14.19 -9.57
CA PHE A 497 -8.02 -15.34 -8.65
C PHE A 497 -6.66 -16.01 -8.48
N ILE A 498 -6.06 -15.93 -7.29
CA ILE A 498 -4.70 -16.49 -7.07
C ILE A 498 -4.80 -17.72 -6.18
N VAL A 499 -4.25 -18.86 -6.63
CA VAL A 499 -4.25 -20.08 -5.76
C VAL A 499 -2.81 -20.53 -5.46
N THR A 500 -2.42 -20.50 -4.20
CA THR A 500 -1.06 -20.91 -3.79
C THR A 500 -1.05 -22.43 -3.56
N PHE A 501 0.14 -23.03 -3.57
CA PHE A 501 0.24 -24.50 -3.39
C PHE A 501 1.28 -24.78 -2.31
N TYR A 502 0.97 -25.71 -1.41
CA TYR A 502 1.88 -26.00 -0.28
C TYR A 502 2.30 -27.48 -0.36
N PRO A 503 3.62 -27.86 -0.26
CA PRO A 503 4.83 -26.96 -0.35
C PRO A 503 5.04 -26.39 -1.76
N GLY A 504 4.70 -27.15 -2.80
CA GLY A 504 4.90 -26.68 -4.18
C GLY A 504 4.02 -27.47 -5.14
N VAL A 505 4.14 -27.22 -6.43
CA VAL A 505 3.22 -27.88 -7.41
C VAL A 505 4.02 -28.38 -8.61
N PRO A 506 3.84 -29.63 -9.15
CA PRO A 506 4.68 -30.12 -10.24
C PRO A 506 4.50 -29.28 -11.51
N ILE A 507 5.60 -28.73 -12.03
CA ILE A 507 5.56 -27.89 -13.26
C ILE A 507 4.96 -28.76 -14.36
N SER A 508 5.21 -30.06 -14.31
CA SER A 508 4.70 -30.98 -15.35
C SER A 508 3.18 -31.07 -15.26
N LEU A 509 2.59 -30.55 -14.18
CA LEU A 509 1.12 -30.57 -14.02
C LEU A 509 0.59 -29.15 -14.18
N LEU A 510 1.46 -28.18 -13.99
CA LEU A 510 1.03 -26.76 -14.03
C LEU A 510 0.64 -26.42 -15.47
N ASN A 511 1.24 -27.10 -16.44
CA ASN A 511 0.96 -26.76 -17.86
C ASN A 511 -0.21 -27.60 -18.36
N ILE A 512 -0.87 -28.33 -17.47
CA ILE A 512 -1.94 -29.25 -17.94
C ILE A 512 -3.32 -28.68 -17.61
N ILE A 513 -3.55 -28.29 -16.34
CA ILE A 513 -4.92 -27.87 -15.92
C ILE A 513 -5.41 -26.62 -16.65
N ASP A 514 -6.69 -26.62 -17.03
CA ASP A 514 -7.35 -25.43 -17.65
C ASP A 514 -8.78 -25.47 -17.12
N PHE A 515 -9.70 -24.71 -17.70
CA PHE A 515 -11.12 -24.77 -17.28
C PHE A 515 -11.98 -24.09 -18.34
N ASP A 516 -13.29 -24.38 -18.36
CA ASP A 516 -14.20 -23.67 -19.29
C ASP A 516 -15.56 -23.48 -18.61
N PHE A 517 -15.88 -22.24 -18.23
CA PHE A 517 -17.16 -21.97 -17.52
C PHE A 517 -18.10 -21.23 -18.47
N SER A 518 -17.70 -21.06 -19.73
CA SER A 518 -18.62 -20.42 -20.70
C SER A 518 -19.97 -21.17 -20.76
N GLN A 519 -19.95 -22.42 -21.21
CA GLN A 519 -21.22 -23.19 -21.38
C GLN A 519 -21.61 -23.79 -20.02
N SER A 520 -20.63 -24.19 -19.22
CA SER A 520 -20.92 -24.88 -17.94
C SER A 520 -21.63 -23.96 -16.94
N SER A 521 -21.52 -22.64 -17.13
CA SER A 521 -22.11 -21.64 -16.18
C SER A 521 -21.66 -21.95 -14.74
N ILE A 522 -22.58 -21.89 -13.76
CA ILE A 522 -22.23 -22.23 -12.35
C ILE A 522 -22.88 -23.56 -12.01
N LYS A 523 -22.10 -24.53 -11.52
CA LYS A 523 -22.64 -25.89 -11.20
C LYS A 523 -22.16 -26.32 -9.81
N TYR A 524 -23.06 -26.83 -8.97
CA TYR A 524 -22.66 -27.09 -7.55
C TYR A 524 -23.23 -28.41 -7.04
N TYR A 525 -23.84 -29.23 -7.91
CA TYR A 525 -24.49 -30.49 -7.44
C TYR A 525 -23.46 -31.61 -7.33
N ILE A 526 -22.97 -31.90 -6.11
CA ILE A 526 -21.97 -32.98 -5.90
C ILE A 526 -22.32 -33.82 -4.67
N ASP A 527 -21.76 -35.02 -4.56
CA ASP A 527 -21.97 -35.87 -3.35
C ASP A 527 -20.59 -36.29 -2.84
N GLU A 528 -20.46 -36.48 -1.53
CA GLU A 528 -19.16 -36.84 -0.94
C GLU A 528 -18.75 -38.24 -1.39
N GLU A 529 -19.62 -39.24 -1.21
CA GLU A 529 -19.21 -40.63 -1.54
C GLU A 529 -19.83 -41.12 -2.85
N LYS A 530 -20.95 -40.56 -3.28
CA LYS A 530 -21.56 -41.08 -4.54
C LYS A 530 -20.64 -40.76 -5.71
N ASP A 531 -20.52 -39.47 -6.08
CA ASP A 531 -19.69 -39.15 -7.27
C ASP A 531 -18.21 -39.19 -6.90
N THR A 532 -17.38 -39.75 -7.77
CA THR A 532 -15.93 -39.86 -7.51
C THR A 532 -15.27 -38.51 -7.81
N TYR A 533 -13.98 -38.38 -7.48
CA TYR A 533 -13.32 -37.07 -7.67
C TYR A 533 -13.44 -36.68 -9.15
N PHE A 534 -13.10 -37.58 -10.07
CA PHE A 534 -13.10 -37.19 -11.50
C PHE A 534 -14.51 -36.82 -11.96
N THR A 535 -15.51 -37.63 -11.63
CA THR A 535 -16.86 -37.32 -12.17
C THR A 535 -17.27 -35.96 -11.64
N ALA A 536 -16.97 -35.69 -10.38
CA ALA A 536 -17.34 -34.39 -9.76
C ALA A 536 -16.50 -33.29 -10.40
N PHE A 537 -15.25 -33.60 -10.73
CA PHE A 537 -14.36 -32.59 -11.34
C PHE A 537 -14.93 -32.25 -12.72
N GLU A 538 -15.51 -33.24 -13.38
CA GLU A 538 -16.06 -33.02 -14.74
C GLU A 538 -17.22 -32.04 -14.63
N LYS A 539 -18.05 -32.23 -13.62
CA LYS A 539 -19.24 -31.36 -13.42
C LYS A 539 -18.74 -29.95 -13.10
N MET A 540 -17.58 -29.87 -12.45
CA MET A 540 -17.01 -28.56 -12.07
C MET A 540 -16.50 -27.83 -13.30
N GLY A 541 -16.57 -28.47 -14.48
CA GLY A 541 -16.18 -27.79 -15.74
C GLY A 541 -14.68 -27.63 -15.89
N GLY A 542 -13.91 -28.42 -15.13
CA GLY A 542 -12.44 -28.37 -15.23
C GLY A 542 -11.94 -29.02 -16.51
N ARG A 543 -10.81 -28.56 -17.05
CA ARG A 543 -10.32 -29.11 -18.35
C ARG A 543 -8.84 -29.46 -18.24
N LEU A 544 -8.32 -30.28 -19.15
CA LEU A 544 -6.87 -30.63 -19.15
C LEU A 544 -6.29 -30.46 -20.56
N GLU A 545 -5.67 -29.32 -20.84
CA GLU A 545 -5.08 -29.05 -22.18
C GLU A 545 -3.56 -28.92 -22.03
N PRO A 546 -2.69 -29.69 -22.74
CA PRO A 546 -1.24 -29.45 -22.65
C PRO A 546 -1.05 -27.99 -23.05
N TYR A 547 -1.83 -27.55 -24.04
CA TYR A 547 -1.75 -26.11 -24.46
C TYR A 547 -2.88 -25.37 -23.76
N VAL A 548 -2.76 -25.22 -22.43
CA VAL A 548 -3.80 -24.53 -21.62
C VAL A 548 -3.95 -23.09 -22.13
N LYS A 549 -5.18 -22.57 -22.21
CA LYS A 549 -5.39 -21.22 -22.78
C LYS A 549 -5.99 -20.26 -21.75
N LYS A 550 -6.82 -20.74 -20.82
CA LYS A 550 -7.52 -19.79 -19.90
C LYS A 550 -6.84 -19.68 -18.53
N VAL A 551 -5.77 -20.44 -18.31
CA VAL A 551 -5.07 -20.43 -16.99
C VAL A 551 -3.68 -19.84 -17.23
N LEU A 552 -3.26 -18.88 -16.38
CA LEU A 552 -1.91 -18.27 -16.53
C LEU A 552 -1.04 -18.65 -15.32
N PRO A 553 -0.14 -19.67 -15.38
CA PRO A 553 0.61 -20.06 -14.20
C PRO A 553 1.97 -19.36 -14.02
N ALA A 554 2.20 -18.81 -12.83
CA ALA A 554 3.54 -18.26 -12.55
C ALA A 554 4.36 -19.49 -12.14
N TYR A 555 4.86 -20.21 -13.14
CA TYR A 555 5.55 -21.51 -12.89
C TYR A 555 6.66 -21.36 -11.86
N PHE A 556 7.29 -20.19 -11.72
CA PHE A 556 8.46 -20.12 -10.80
C PHE A 556 8.02 -19.67 -9.42
N SER A 557 6.72 -19.53 -9.19
CA SER A 557 6.29 -18.99 -7.88
C SER A 557 5.43 -20.01 -7.11
N SER A 558 5.43 -21.27 -7.52
CA SER A 558 4.56 -22.31 -6.90
C SER A 558 3.13 -21.79 -6.73
N LYS A 559 2.72 -20.87 -7.61
CA LYS A 559 1.33 -20.33 -7.56
C LYS A 559 0.81 -20.15 -8.99
N VAL A 560 -0.51 -19.96 -9.15
CA VAL A 560 -1.11 -19.71 -10.49
C VAL A 560 -2.16 -18.61 -10.36
N ILE A 561 -2.24 -17.73 -11.36
CA ILE A 561 -3.24 -16.61 -11.32
C ILE A 561 -4.25 -16.86 -12.44
N ILE A 562 -5.53 -16.59 -12.20
CA ILE A 562 -6.55 -16.71 -13.27
C ILE A 562 -7.14 -15.32 -13.50
N LYS A 563 -7.00 -14.78 -14.71
CA LYS A 563 -7.63 -13.47 -15.03
C LYS A 563 -9.14 -13.65 -14.95
N ALA A 564 -9.83 -12.74 -14.26
CA ALA A 564 -11.29 -12.90 -14.04
C ALA A 564 -12.06 -12.79 -15.36
N SER A 565 -11.48 -12.15 -16.37
CA SER A 565 -12.22 -11.92 -17.64
C SER A 565 -12.67 -13.25 -18.25
N GLU A 566 -11.82 -14.27 -18.20
CA GLU A 566 -12.18 -15.59 -18.79
C GLU A 566 -13.21 -16.27 -17.90
N VAL A 567 -13.14 -16.06 -16.59
CA VAL A 567 -14.05 -16.75 -15.65
C VAL A 567 -15.48 -16.22 -15.79
N SER A 568 -15.68 -14.92 -15.60
CA SER A 568 -17.06 -14.34 -15.67
C SER A 568 -17.11 -13.27 -16.75
N ASN A 569 -18.24 -13.18 -17.45
CA ASN A 569 -18.41 -12.15 -18.52
C ASN A 569 -18.90 -10.88 -17.84
N PHE A 570 -19.01 -10.94 -16.52
CA PHE A 570 -19.56 -9.79 -15.76
C PHE A 570 -18.64 -8.58 -15.95
N SER A 571 -19.20 -7.37 -15.89
CA SER A 571 -18.36 -6.15 -15.99
C SER A 571 -17.49 -6.00 -14.74
N LEU A 572 -16.17 -6.09 -14.89
CA LEU A 572 -15.25 -6.00 -13.72
C LEU A 572 -15.01 -4.53 -13.37
N SER A 573 -14.14 -4.28 -12.39
CA SER A 573 -13.81 -2.88 -12.04
C SER A 573 -12.30 -2.66 -12.08
N THR A 574 -11.84 -1.45 -11.79
CA THR A 574 -10.38 -1.18 -11.74
C THR A 574 -9.78 -1.97 -10.57
N ARG A 575 -10.52 -2.12 -9.48
CA ARG A 575 -9.95 -2.79 -8.29
C ARG A 575 -10.85 -3.96 -7.91
N LEU A 576 -10.86 -4.36 -6.64
CA LEU A 576 -11.80 -5.41 -6.16
C LEU A 576 -12.67 -4.76 -5.07
N SER A 577 -13.99 -4.83 -5.20
CA SER A 577 -14.91 -4.18 -4.23
C SER A 577 -15.73 -5.25 -3.52
N LYS A 578 -16.31 -4.90 -2.37
CA LYS A 578 -17.10 -5.89 -1.59
C LYS A 578 -18.31 -6.29 -2.42
N SER A 579 -18.92 -5.32 -3.10
CA SER A 579 -20.13 -5.62 -3.92
C SER A 579 -19.75 -6.65 -4.97
N GLU A 580 -18.68 -6.37 -5.73
CA GLU A 580 -18.30 -7.27 -6.84
C GLU A 580 -17.72 -8.57 -6.28
N LEU A 581 -17.16 -8.52 -5.07
CA LEU A 581 -16.54 -9.72 -4.46
C LEU A 581 -17.63 -10.78 -4.39
N ASN A 582 -18.84 -10.36 -4.02
CA ASN A 582 -19.96 -11.33 -3.88
C ASN A 582 -20.12 -12.05 -5.21
N LYS A 583 -20.25 -11.32 -6.31
CA LYS A 583 -20.53 -11.98 -7.61
C LYS A 583 -19.39 -12.94 -7.98
N LEU A 584 -18.15 -12.66 -7.55
CA LEU A 584 -17.01 -13.49 -7.99
C LEU A 584 -16.88 -14.75 -7.13
N LEU A 585 -17.43 -14.73 -5.92
CA LEU A 585 -17.26 -15.86 -4.96
C LEU A 585 -17.80 -17.22 -5.41
N PRO A 586 -18.96 -17.41 -6.10
CA PRO A 586 -19.45 -18.76 -6.40
C PRO A 586 -18.46 -19.59 -7.22
N TYR A 587 -17.67 -18.94 -8.05
CA TYR A 587 -16.76 -19.70 -8.94
C TYR A 587 -15.54 -20.18 -8.15
N ALA A 588 -15.23 -19.52 -7.04
CA ALA A 588 -13.99 -19.83 -6.29
C ALA A 588 -13.88 -21.26 -5.78
N PRO A 589 -14.82 -21.85 -5.00
CA PRO A 589 -14.60 -23.19 -4.43
C PRO A 589 -14.36 -24.18 -5.57
N MET A 590 -15.08 -23.98 -6.67
CA MET A 590 -14.97 -24.92 -7.80
C MET A 590 -13.51 -24.92 -8.21
N ILE A 591 -12.93 -23.73 -8.34
CA ILE A 591 -11.51 -23.62 -8.78
C ILE A 591 -10.68 -24.43 -7.80
N SER A 592 -10.93 -24.25 -6.51
CA SER A 592 -10.12 -24.97 -5.49
C SER A 592 -10.22 -26.46 -5.78
N MET A 593 -11.45 -26.95 -5.94
CA MET A 593 -11.68 -28.41 -6.15
C MET A 593 -10.96 -28.84 -7.41
N ILE A 594 -11.07 -28.04 -8.47
CA ILE A 594 -10.46 -28.38 -9.79
C ILE A 594 -8.96 -28.49 -9.57
N PHE A 595 -8.43 -27.68 -8.67
CA PHE A 595 -6.97 -27.73 -8.38
C PHE A 595 -6.72 -28.67 -7.22
N LEU A 596 -7.43 -29.80 -7.16
CA LEU A 596 -7.27 -30.77 -6.04
C LEU A 596 -7.37 -30.04 -4.71
N THR A 597 -8.52 -29.43 -4.41
CA THR A 597 -8.74 -28.80 -3.08
C THR A 597 -7.52 -27.98 -2.65
N SER A 598 -7.26 -26.86 -3.33
CA SER A 598 -6.10 -26.01 -2.96
C SER A 598 -6.58 -24.64 -2.52
N PRO A 599 -5.98 -23.94 -1.51
CA PRO A 599 -6.52 -22.65 -1.05
C PRO A 599 -6.52 -21.56 -2.13
N VAL A 600 -7.60 -20.78 -2.23
CA VAL A 600 -7.70 -19.72 -3.28
C VAL A 600 -7.87 -18.35 -2.62
N LEU A 601 -7.28 -17.31 -3.21
CA LEU A 601 -7.47 -15.93 -2.70
C LEU A 601 -7.96 -15.08 -3.88
N ILE A 602 -8.98 -14.23 -3.68
CA ILE A 602 -9.44 -13.32 -4.77
C ILE A 602 -8.88 -11.92 -4.46
N SER A 603 -8.20 -11.28 -5.42
CA SER A 603 -7.55 -9.97 -5.14
C SER A 603 -7.32 -9.20 -6.43
N SER A 604 -7.22 -7.87 -6.35
CA SER A 604 -7.00 -7.04 -7.55
C SER A 604 -5.51 -6.71 -7.66
N ASN A 605 -4.70 -7.17 -6.72
CA ASN A 605 -3.24 -6.97 -6.83
C ASN A 605 -2.55 -8.34 -6.69
N LEU A 606 -1.76 -8.71 -7.70
CA LEU A 606 -1.13 -10.06 -7.68
C LEU A 606 -0.21 -10.18 -6.47
N TYR A 607 0.56 -9.15 -6.21
CA TYR A 607 1.59 -9.21 -5.12
C TYR A 607 0.89 -9.23 -3.77
N GLU A 608 -0.43 -9.34 -3.73
CA GLU A 608 -1.09 -9.49 -2.41
C GLU A 608 -0.68 -10.86 -1.87
N MET A 609 0.23 -10.89 -0.90
CA MET A 609 0.74 -12.19 -0.39
C MET A 609 -0.34 -12.86 0.45
N PRO A 610 -0.76 -14.14 0.22
CA PRO A 610 -1.86 -14.71 1.00
C PRO A 610 -1.52 -14.91 2.48
N ILE A 611 -2.54 -15.04 3.32
CA ILE A 611 -2.31 -15.28 4.78
C ILE A 611 -1.85 -16.72 4.97
N HIS A 613 -2.63 -20.93 7.84
CA HIS A 613 -1.91 -22.19 7.53
C HIS A 613 -2.50 -23.33 8.36
N GLU A 614 -3.82 -23.34 8.55
CA GLU A 614 -4.44 -24.46 9.29
C GLU A 614 -4.28 -25.73 8.46
N ARG A 615 -4.54 -26.90 9.06
CA ARG A 615 -4.50 -28.16 8.28
C ARG A 615 -5.58 -28.08 7.20
N VAL A 616 -6.39 -27.02 7.22
CA VAL A 616 -7.54 -26.95 6.26
C VAL A 616 -7.35 -25.85 5.21
N ILE A 617 -8.08 -25.96 4.09
CA ILE A 617 -7.94 -24.99 2.97
C ILE A 617 -8.68 -23.69 3.30
N SER A 618 -8.31 -22.60 2.65
CA SER A 618 -8.91 -21.28 3.01
C SER A 618 -9.23 -20.44 1.79
N ILE A 619 -10.51 -20.15 1.54
CA ILE A 619 -10.86 -19.20 0.46
C ILE A 619 -10.85 -17.82 1.12
N THR A 620 -9.90 -16.96 0.75
CA THR A 620 -9.76 -15.66 1.45
C THR A 620 -9.83 -14.49 0.46
N SER A 621 -9.76 -13.25 0.95
CA SER A 621 -9.79 -12.07 0.06
C SER A 621 -8.97 -10.93 0.67
N THR A 622 -9.02 -9.74 0.06
CA THR A 622 -8.33 -8.57 0.67
C THR A 622 -8.95 -8.33 2.04
N TYR A 623 -10.28 -8.40 2.12
CA TYR A 623 -10.94 -8.29 3.45
C TYR A 623 -11.69 -9.59 3.69
N ASN A 624 -11.68 -10.09 4.93
CA ASN A 624 -12.27 -11.43 5.20
C ASN A 624 -13.58 -11.38 5.97
N TYR A 625 -14.61 -12.07 5.49
CA TYR A 625 -15.92 -12.14 6.20
C TYR A 625 -15.95 -13.37 7.10
N THR A 626 -16.82 -13.37 8.11
CA THR A 626 -16.92 -14.48 9.09
C THR A 626 -17.41 -15.75 8.41
N PHE A 627 -18.32 -15.61 7.44
CA PHE A 627 -18.90 -16.81 6.79
C PHE A 627 -17.85 -17.50 5.94
N MET A 628 -16.77 -16.79 5.65
CA MET A 628 -15.69 -17.37 4.80
C MET A 628 -14.71 -18.10 5.71
N LYS A 629 -15.09 -18.34 6.97
CA LYS A 629 -14.14 -18.95 7.93
C LYS A 629 -13.96 -20.43 7.60
N SER A 630 -12.72 -20.92 7.71
CA SER A 630 -12.42 -22.35 7.43
C SER A 630 -12.92 -23.25 8.56
N LEU A 631 -13.80 -24.20 8.25
CA LEU A 631 -14.32 -25.16 9.28
C LEU A 631 -13.27 -26.22 9.56
N ASN A 632 -13.60 -27.19 10.42
CA ASN A 632 -12.60 -28.21 10.83
C ASN A 632 -12.24 -29.11 9.64
N SER A 633 -13.02 -29.05 8.55
CA SER A 633 -12.75 -30.01 7.44
C SER A 633 -12.89 -29.36 6.07
N ASN A 634 -12.02 -29.76 5.14
CA ASN A 634 -12.08 -29.24 3.75
C ASN A 634 -13.45 -29.60 3.17
N LEU A 635 -13.93 -30.79 3.46
CA LEU A 635 -15.22 -31.20 2.85
C LEU A 635 -16.24 -30.14 3.28
N LEU A 636 -16.23 -29.82 4.56
CA LEU A 636 -17.23 -28.86 5.11
C LEU A 636 -16.93 -27.47 4.53
N THR A 637 -15.66 -27.10 4.43
CA THR A 637 -15.36 -25.72 3.96
C THR A 637 -16.00 -25.56 2.58
N LEU A 638 -15.71 -26.47 1.66
CA LEU A 638 -16.20 -26.31 0.28
C LEU A 638 -17.72 -26.23 0.29
N TYR A 639 -18.36 -27.15 1.03
CA TYR A 639 -19.83 -27.21 1.05
C TYR A 639 -20.38 -25.86 1.51
N SER A 640 -19.67 -25.21 2.44
CA SER A 640 -20.19 -23.93 2.99
C SER A 640 -20.24 -22.92 1.85
N ILE A 641 -19.21 -22.87 1.02
CA ILE A 641 -19.18 -21.87 -0.08
C ILE A 641 -20.08 -22.40 -1.19
N PHE A 642 -20.22 -23.72 -1.28
CA PHE A 642 -21.13 -24.29 -2.30
C PHE A 642 -22.54 -23.87 -1.94
N ALA A 643 -22.76 -23.57 -0.67
CA ALA A 643 -24.10 -23.07 -0.28
C ALA A 643 -24.31 -21.71 -0.94
N TYR A 644 -23.30 -20.83 -0.85
CA TYR A 644 -23.44 -19.51 -1.50
C TYR A 644 -23.59 -19.72 -3.00
N SER A 645 -22.85 -20.68 -3.54
CA SER A 645 -22.90 -20.90 -5.01
C SER A 645 -24.35 -21.12 -5.40
N ALA A 646 -25.07 -21.92 -4.61
CA ALA A 646 -26.47 -22.22 -4.92
C ALA A 646 -27.31 -20.95 -4.70
N LYS A 647 -27.08 -20.24 -3.62
CA LYS A 647 -27.91 -19.05 -3.29
C LYS A 647 -27.75 -18.02 -4.41
N TYR A 648 -26.53 -17.92 -4.95
CA TYR A 648 -26.24 -16.89 -5.98
C TYR A 648 -27.14 -17.13 -7.17
N ASP A 649 -27.20 -18.39 -7.59
CA ASP A 649 -28.02 -18.75 -8.77
C ASP A 649 -29.44 -18.26 -8.54
N ALA A 650 -30.01 -18.59 -7.38
CA ALA A 650 -31.42 -18.24 -7.14
C ALA A 650 -31.55 -16.73 -7.17
N MET A 651 -30.68 -16.04 -6.45
CA MET A 651 -30.79 -14.56 -6.37
C MET A 651 -30.74 -14.00 -7.79
N ARG A 652 -29.91 -14.60 -8.64
CA ARG A 652 -29.77 -14.10 -10.03
C ARG A 652 -31.14 -14.18 -10.68
N LYS A 653 -31.79 -15.32 -10.55
CA LYS A 653 -33.13 -15.50 -11.15
C LYS A 653 -34.12 -14.55 -10.48
N ILE A 654 -34.00 -14.36 -9.16
CA ILE A 654 -35.04 -13.55 -8.45
C ILE A 654 -34.85 -12.06 -8.71
N CYS A 655 -33.77 -11.46 -8.25
CA CYS A 655 -33.64 -10.04 -8.38
C CYS A 655 -33.37 -9.70 -9.82
N GLY A 656 -33.73 -8.47 -10.22
CA GLY A 656 -33.43 -8.01 -11.60
C GLY A 656 -31.96 -7.74 -11.76
N ARG A 657 -31.52 -7.41 -12.98
CA ARG A 657 -30.09 -7.14 -13.26
C ARG A 657 -29.54 -6.16 -12.22
N SER A 658 -30.07 -4.94 -12.20
CA SER A 658 -29.53 -3.89 -11.28
C SER A 658 -29.85 -4.22 -9.83
N ASP A 659 -31.02 -4.82 -9.59
CA ASP A 659 -31.45 -5.09 -8.20
C ASP A 659 -30.48 -6.08 -7.55
N LEU A 660 -29.76 -6.87 -8.35
CA LEU A 660 -28.86 -7.90 -7.79
C LEU A 660 -27.80 -7.24 -6.89
N ASP A 661 -27.25 -6.11 -7.33
CA ASP A 661 -26.17 -5.48 -6.54
C ASP A 661 -26.63 -5.31 -5.10
N ASN A 662 -27.76 -4.62 -4.90
CA ASN A 662 -28.27 -4.37 -3.53
C ASN A 662 -28.72 -5.68 -2.89
N CYS A 663 -29.32 -6.57 -3.68
CA CYS A 663 -29.83 -7.86 -3.14
C CYS A 663 -28.66 -8.62 -2.52
N LEU A 664 -27.60 -8.81 -3.31
CA LEU A 664 -26.45 -9.62 -2.85
C LEU A 664 -25.81 -8.97 -1.64
N GLY A 665 -25.70 -7.64 -1.66
CA GLY A 665 -25.03 -6.95 -0.55
C GLY A 665 -25.69 -7.37 0.75
N TYR A 666 -27.02 -7.46 0.74
CA TYR A 666 -27.76 -7.82 1.97
C TYR A 666 -27.52 -9.29 2.30
N LEU A 667 -27.62 -10.16 1.28
CA LEU A 667 -27.45 -11.60 1.53
C LEU A 667 -26.12 -11.78 2.23
N THR A 668 -25.08 -11.11 1.71
CA THR A 668 -23.72 -11.25 2.27
C THR A 668 -23.75 -10.95 3.77
N GLU A 669 -24.25 -9.79 4.15
CA GLU A 669 -24.22 -9.39 5.59
C GLU A 669 -24.97 -10.44 6.39
N GLU A 670 -26.11 -10.89 5.88
CA GLU A 670 -26.95 -11.84 6.66
C GLU A 670 -26.19 -13.14 6.86
N MET A 671 -25.63 -13.67 5.77
CA MET A 671 -24.91 -14.96 5.86
C MET A 671 -23.79 -14.80 6.88
N ASP A 672 -23.09 -13.67 6.83
CA ASP A 672 -21.96 -13.40 7.77
C ASP A 672 -22.53 -13.44 9.20
N LEU A 673 -23.61 -12.72 9.44
CA LEU A 673 -24.17 -12.61 10.81
C LEU A 673 -24.56 -13.99 11.34
N TYR A 674 -25.27 -14.77 10.55
CA TYR A 674 -25.80 -16.06 11.05
C TYR A 674 -24.64 -16.99 11.38
N SER A 675 -23.67 -17.08 10.47
CA SER A 675 -22.55 -18.04 10.65
C SER A 675 -21.74 -17.67 11.90
N SER A 676 -21.87 -16.44 12.38
CA SER A 676 -21.05 -16.05 13.55
C SER A 676 -21.44 -16.96 14.71
N VAL A 677 -22.73 -17.12 14.96
CA VAL A 677 -23.18 -18.07 16.02
C VAL A 677 -22.81 -19.49 15.60
N ASP A 678 -23.51 -20.04 14.60
CA ASP A 678 -23.25 -21.44 14.22
C ASP A 678 -23.07 -21.51 12.71
N PRO A 679 -22.11 -22.31 12.15
CA PRO A 679 -21.98 -22.42 10.69
C PRO A 679 -23.29 -22.92 10.08
N ALA A 680 -24.03 -23.74 10.83
CA ALA A 680 -25.26 -24.33 10.28
C ALA A 680 -26.22 -23.20 9.90
N LEU A 681 -26.26 -22.15 10.73
CA LEU A 681 -27.17 -21.02 10.46
C LEU A 681 -26.72 -20.42 9.14
N GLY A 682 -25.40 -20.32 8.96
CA GLY A 682 -24.85 -19.81 7.69
C GLY A 682 -25.42 -20.57 6.52
N VAL A 683 -25.51 -21.89 6.63
CA VAL A 683 -25.96 -22.70 5.47
C VAL A 683 -27.38 -22.32 5.11
N LEU A 684 -28.20 -22.06 6.12
CA LEU A 684 -29.63 -21.79 5.85
C LEU A 684 -29.85 -20.30 5.61
N SER A 685 -28.78 -19.51 5.57
CA SER A 685 -29.00 -18.04 5.46
C SER A 685 -29.62 -17.67 4.11
N ILE A 686 -30.94 -17.51 4.05
CA ILE A 686 -31.60 -17.02 2.81
C ILE A 686 -31.94 -15.55 3.06
N GLY A 687 -32.52 -15.25 4.22
CA GLY A 687 -32.88 -13.86 4.58
C GLY A 687 -33.94 -13.86 5.65
N MET A 688 -35.21 -13.74 5.27
CA MET A 688 -36.35 -13.81 6.22
C MET A 688 -36.27 -12.70 7.28
N GLY A 689 -35.31 -11.78 7.14
CA GLY A 689 -35.21 -10.63 8.06
C GLY A 689 -35.82 -9.41 7.41
N VAL A 690 -35.00 -8.39 7.14
CA VAL A 690 -35.51 -7.17 6.45
C VAL A 690 -34.61 -6.90 5.24
N GLY A 691 -35.19 -6.67 4.06
CA GLY A 691 -34.35 -6.25 2.91
C GLY A 691 -34.69 -6.95 1.62
N THR A 692 -35.57 -7.95 1.66
CA THR A 692 -35.82 -8.74 0.44
C THR A 692 -37.33 -8.77 0.17
N PRO A 693 -37.84 -9.01 -1.07
CA PRO A 693 -39.28 -9.18 -1.27
C PRO A 693 -39.73 -10.35 -0.39
N ILE A 694 -40.75 -10.12 0.43
CA ILE A 694 -41.30 -11.22 1.29
C ILE A 694 -42.26 -12.01 0.40
N ASP A 695 -42.14 -11.75 -0.91
CA ASP A 695 -43.00 -12.46 -1.90
C ASP A 695 -42.52 -13.90 -1.92
N THR A 696 -42.94 -14.69 -0.93
CA THR A 696 -42.51 -16.11 -0.84
C THR A 696 -42.78 -16.79 -2.18
N ASP A 697 -43.93 -16.55 -2.79
CA ASP A 697 -44.25 -17.30 -4.04
C ASP A 697 -43.27 -16.88 -5.13
N GLU A 698 -42.87 -15.61 -5.12
CA GLU A 698 -41.93 -15.10 -6.15
C GLU A 698 -40.49 -15.41 -5.72
N LYS A 699 -40.33 -16.09 -4.58
CA LYS A 699 -38.97 -16.41 -4.08
C LYS A 699 -38.75 -17.92 -4.06
N PHE A 700 -39.39 -18.60 -3.14
CA PHE A 700 -39.13 -20.04 -2.94
C PHE A 700 -39.59 -20.85 -4.15
N PHE A 701 -40.89 -20.77 -4.42
CA PHE A 701 -41.46 -21.52 -5.57
C PHE A 701 -40.71 -21.10 -6.83
N SER A 702 -40.19 -19.87 -6.85
CA SER A 702 -39.54 -19.42 -8.11
C SER A 702 -38.25 -20.21 -8.35
N ALA A 703 -37.23 -20.08 -7.50
CA ALA A 703 -35.94 -20.74 -7.84
C ALA A 703 -35.29 -21.49 -6.68
N PHE A 704 -35.64 -21.14 -5.44
CA PHE A 704 -34.93 -21.76 -4.29
C PHE A 704 -35.36 -23.20 -4.14
N LEU A 705 -36.53 -23.57 -4.66
CA LEU A 705 -37.10 -24.94 -4.46
C LEU A 705 -36.15 -26.11 -4.80
N PRO A 706 -35.55 -26.27 -6.02
CA PRO A 706 -34.74 -27.47 -6.30
C PRO A 706 -33.48 -27.65 -5.43
N VAL A 707 -32.67 -26.60 -5.32
CA VAL A 707 -31.38 -26.73 -4.59
C VAL A 707 -31.66 -26.93 -3.11
N SER A 708 -32.92 -26.74 -2.71
CA SER A 708 -33.26 -26.84 -1.26
C SER A 708 -32.74 -28.15 -0.68
N GLY A 709 -32.99 -29.25 -1.38
CA GLY A 709 -32.56 -30.58 -0.87
C GLY A 709 -31.07 -30.59 -0.63
N TYR A 710 -30.32 -30.13 -1.62
CA TYR A 710 -28.84 -30.10 -1.51
C TYR A 710 -28.47 -29.23 -0.32
N LEU A 711 -29.13 -28.08 -0.19
CA LEU A 711 -28.75 -27.14 0.88
C LEU A 711 -28.98 -27.86 2.21
N LEU A 712 -30.14 -28.48 2.34
CA LEU A 712 -30.47 -29.21 3.59
C LEU A 712 -29.46 -30.33 3.77
N LYS A 713 -29.07 -30.98 2.67
CA LYS A 713 -28.09 -32.10 2.77
C LYS A 713 -26.85 -31.54 3.46
N VAL A 714 -26.41 -30.35 3.03
CA VAL A 714 -25.19 -29.73 3.61
C VAL A 714 -25.47 -29.44 5.08
N THR A 715 -26.63 -28.86 5.37
CA THR A 715 -26.99 -28.50 6.77
C THR A 715 -26.91 -29.76 7.63
N GLY A 716 -26.97 -30.93 6.99
CA GLY A 716 -26.99 -32.17 7.78
C GLY A 716 -25.64 -32.42 8.43
N LYS A 717 -24.55 -32.11 7.74
CA LYS A 717 -23.22 -32.49 8.30
C LYS A 717 -22.44 -31.28 8.82
N VAL A 718 -22.91 -30.05 8.62
CA VAL A 718 -22.07 -28.90 9.03
C VAL A 718 -21.79 -28.92 10.53
N SER A 719 -22.83 -29.09 11.35
CA SER A 719 -22.64 -29.09 12.82
C SER A 719 -23.64 -30.04 13.46
N LYS A 720 -23.35 -30.51 14.67
CA LYS A 720 -24.27 -31.43 15.40
C LYS A 720 -25.54 -30.64 15.71
N MET A 721 -25.40 -29.36 16.03
CA MET A 721 -26.59 -28.51 16.24
C MET A 721 -27.43 -28.60 14.96
N GLY A 722 -26.81 -28.34 13.82
CA GLY A 722 -27.53 -28.36 12.54
C GLY A 722 -28.05 -29.74 12.22
N GLU A 723 -27.34 -30.78 12.67
CA GLU A 723 -27.79 -32.17 12.43
C GLU A 723 -29.13 -32.32 13.13
N THR A 724 -29.20 -31.87 14.38
CA THR A 724 -30.47 -31.96 15.14
C THR A 724 -31.51 -31.10 14.44
N LEU A 725 -31.13 -29.90 14.00
CA LEU A 725 -32.13 -28.98 13.40
C LEU A 725 -32.68 -29.62 12.13
N LYS A 726 -31.78 -30.06 11.24
CA LYS A 726 -32.22 -30.64 9.94
C LYS A 726 -33.13 -31.82 10.23
N SER A 727 -32.68 -32.72 11.10
CA SER A 727 -33.47 -33.95 11.37
C SER A 727 -34.84 -33.55 11.92
N SER A 728 -34.87 -32.55 12.79
CA SER A 728 -36.17 -32.15 13.42
C SER A 728 -37.11 -31.66 12.33
N ILE A 729 -36.64 -30.73 11.49
CA ILE A 729 -37.52 -30.15 10.45
C ILE A 729 -38.00 -31.29 9.57
N PHE A 730 -37.09 -32.16 9.17
CA PHE A 730 -37.45 -33.26 8.23
C PHE A 730 -38.47 -34.19 8.88
N SER A 731 -38.30 -34.49 10.16
CA SER A 731 -39.26 -35.38 10.86
C SER A 731 -40.63 -34.73 10.73
N ILE A 732 -40.71 -33.44 11.02
CA ILE A 732 -42.00 -32.71 10.97
C ILE A 732 -42.47 -32.68 9.52
N ALA A 733 -41.56 -32.44 8.57
CA ALA A 733 -41.96 -32.34 7.15
C ALA A 733 -42.56 -33.67 6.70
N TYR A 734 -41.99 -34.78 7.18
CA TYR A 734 -42.55 -36.12 6.84
C TYR A 734 -43.94 -36.23 7.47
N ALA A 735 -44.06 -35.79 8.72
CA ALA A 735 -45.36 -35.91 9.43
C ALA A 735 -46.39 -35.01 8.77
N LEU A 736 -45.96 -33.88 8.21
CA LEU A 736 -46.93 -32.91 7.65
C LEU A 736 -47.79 -33.56 6.57
N LYS A 737 -47.16 -34.18 5.57
CA LYS A 737 -47.95 -34.73 4.43
C LYS A 737 -48.87 -35.84 4.93
N ASP A 738 -48.48 -36.53 6.01
CA ASP A 738 -49.40 -37.56 6.58
C ASP A 738 -50.70 -36.86 7.00
N ILE A 739 -50.59 -35.81 7.82
CA ILE A 739 -51.82 -35.13 8.33
C ILE A 739 -52.53 -34.45 7.16
N ILE A 740 -51.89 -33.44 6.58
CA ILE A 740 -52.50 -32.69 5.45
C ILE A 740 -52.18 -33.47 4.17
N LYS A 741 -52.94 -34.55 3.93
CA LYS A 741 -52.71 -35.37 2.71
C LYS A 741 -52.88 -34.48 1.48
N SER A 742 -53.89 -33.61 1.50
CA SER A 742 -54.19 -32.75 0.33
C SER A 742 -53.13 -31.68 0.11
N GLN A 743 -52.94 -31.30 -1.17
CA GLN A 743 -51.90 -30.29 -1.54
C GLN A 743 -52.61 -28.97 -1.80
N LYS A 744 -53.74 -28.74 -1.14
CA LYS A 744 -54.42 -27.42 -1.25
C LYS A 744 -53.84 -26.56 -0.14
N VAL A 745 -52.63 -26.91 0.31
CA VAL A 745 -51.98 -26.18 1.45
C VAL A 745 -51.78 -24.70 1.09
N SER A 746 -51.83 -23.83 2.09
CA SER A 746 -51.55 -22.39 1.83
C SER A 746 -50.29 -21.99 2.61
N LYS A 747 -49.86 -20.74 2.49
CA LYS A 747 -48.72 -20.31 3.33
C LYS A 747 -49.06 -20.51 4.81
N TYR A 748 -50.08 -19.80 5.30
CA TYR A 748 -50.39 -19.83 6.76
C TYR A 748 -51.07 -21.14 7.18
N ASP A 749 -51.60 -21.88 6.21
CA ASP A 749 -52.36 -23.11 6.57
C ASP A 749 -51.40 -24.09 7.24
N VAL A 750 -50.10 -23.97 6.98
CA VAL A 750 -49.16 -24.99 7.52
C VAL A 750 -48.25 -24.39 8.60
N THR A 751 -48.02 -23.09 8.61
CA THR A 751 -47.01 -22.55 9.58
C THR A 751 -47.64 -21.78 10.73
N GLY A 752 -48.97 -21.62 10.70
CA GLY A 752 -49.64 -20.80 11.73
C GLY A 752 -49.30 -21.27 13.11
N PHE A 753 -49.51 -22.56 13.37
CA PHE A 753 -49.28 -23.10 14.74
C PHE A 753 -47.84 -22.82 15.15
N LEU A 754 -46.90 -22.97 14.22
CA LEU A 754 -45.47 -22.80 14.57
C LEU A 754 -45.30 -21.37 15.05
N ARG A 755 -45.70 -20.42 14.21
CA ARG A 755 -45.56 -18.99 14.56
C ARG A 755 -46.29 -18.76 15.88
N ASP A 756 -47.42 -19.45 16.09
CA ASP A 756 -48.20 -19.23 17.33
C ASP A 756 -47.29 -19.56 18.51
N GLY A 757 -46.63 -20.71 18.44
CA GLY A 757 -45.75 -21.12 19.55
C GLY A 757 -44.55 -20.19 19.64
N VAL A 758 -44.07 -19.72 18.49
CA VAL A 758 -42.86 -18.87 18.48
C VAL A 758 -43.20 -17.54 19.16
N ASP A 759 -44.31 -16.94 18.75
CA ASP A 759 -44.71 -15.64 19.34
C ASP A 759 -44.81 -15.85 20.84
N MET A 760 -45.37 -16.99 21.25
CA MET A 760 -45.56 -17.28 22.68
C MET A 760 -44.19 -17.37 23.34
N PHE A 761 -43.26 -18.13 22.77
CA PHE A 761 -41.89 -18.22 23.33
C PHE A 761 -41.38 -16.80 23.57
N PHE A 762 -41.52 -15.93 22.57
CA PHE A 762 -40.93 -14.58 22.67
C PHE A 762 -41.79 -13.60 23.48
N LYS A 763 -43.05 -13.94 23.72
CA LYS A 763 -43.93 -13.07 24.54
C LYS A 763 -43.19 -12.80 25.85
N THR A 764 -42.99 -11.51 26.17
CA THR A 764 -42.19 -11.11 27.35
C THR A 764 -42.66 -11.83 28.61
N THR A 765 -43.96 -12.11 28.71
CA THR A 765 -44.48 -12.72 29.96
C THR A 765 -43.86 -14.11 30.12
N SER A 766 -43.83 -14.89 29.03
CA SER A 766 -43.33 -16.29 29.10
C SER A 766 -41.81 -16.34 29.29
N VAL A 767 -41.12 -15.26 28.92
CA VAL A 767 -39.62 -15.26 28.93
C VAL A 767 -39.10 -15.50 30.36
N ILE A 768 -39.77 -14.92 31.36
CA ILE A 768 -39.29 -15.01 32.77
C ILE A 768 -39.24 -16.48 33.22
N LYS A 769 -39.87 -17.38 32.47
CA LYS A 769 -39.89 -18.81 32.85
C LYS A 769 -38.50 -19.42 32.67
N ASP A 770 -38.22 -20.53 33.39
CA ASP A 770 -36.91 -21.22 33.28
C ASP A 770 -36.75 -21.80 31.88
N LYS A 771 -35.55 -22.18 31.47
CA LYS A 771 -35.35 -22.67 30.08
C LYS A 771 -36.44 -23.71 29.80
N GLU A 772 -36.52 -24.75 30.64
CA GLU A 772 -37.51 -25.84 30.44
C GLU A 772 -38.92 -25.31 30.67
N ASP A 773 -39.10 -24.42 31.64
CA ASP A 773 -40.47 -23.93 31.92
C ASP A 773 -40.97 -23.19 30.69
N ARG A 774 -40.12 -22.35 30.09
CA ARG A 774 -40.51 -21.54 28.90
C ARG A 774 -40.80 -22.46 27.72
N ILE A 775 -39.86 -23.35 27.39
CA ILE A 775 -40.05 -24.20 26.18
C ILE A 775 -41.32 -25.02 26.39
N GLY A 776 -41.69 -25.29 27.64
CA GLY A 776 -42.95 -26.01 27.92
C GLY A 776 -44.13 -25.28 27.30
N ILE A 777 -44.37 -24.04 27.71
CA ILE A 777 -45.58 -23.33 27.21
C ILE A 777 -45.41 -23.05 25.73
N SER A 778 -44.17 -22.79 25.28
CA SER A 778 -43.98 -22.42 23.86
C SER A 778 -44.50 -23.55 22.97
N VAL A 779 -44.03 -24.77 23.24
CA VAL A 779 -44.47 -25.91 22.39
C VAL A 779 -45.95 -26.14 22.68
N ASN A 780 -46.38 -25.92 23.92
CA ASN A 780 -47.79 -26.23 24.27
C ASN A 780 -48.70 -25.28 23.48
N ALA A 781 -48.25 -24.04 23.26
CA ALA A 781 -49.07 -23.12 22.44
C ALA A 781 -49.07 -23.61 21.00
N ALA A 782 -47.91 -24.04 20.50
CA ALA A 782 -47.81 -24.46 19.09
C ALA A 782 -48.77 -25.62 18.86
N ILE A 783 -48.60 -26.70 19.62
CA ILE A 783 -49.42 -27.92 19.36
C ILE A 783 -50.89 -27.61 19.65
N SER A 784 -51.17 -26.64 20.52
CA SER A 784 -52.59 -26.27 20.76
C SER A 784 -53.18 -25.75 19.45
N SER A 785 -52.49 -24.82 18.79
CA SER A 785 -53.04 -24.24 17.54
C SER A 785 -53.16 -25.35 16.49
N LEU A 786 -52.24 -26.31 16.52
CA LEU A 786 -52.25 -27.41 15.53
C LEU A 786 -53.59 -28.15 15.67
N GLU A 787 -53.89 -28.62 16.88
CA GLU A 787 -55.12 -29.42 17.11
C GLU A 787 -56.34 -28.51 17.04
N ASN A 788 -56.14 -27.20 17.17
CA ASN A 788 -57.30 -26.31 16.95
C ASN A 788 -57.61 -26.43 15.46
N LYS A 789 -56.57 -26.40 14.62
CA LYS A 789 -56.80 -26.39 13.14
C LYS A 789 -57.13 -27.79 12.61
N TYR A 790 -56.35 -28.80 13.00
CA TYR A 790 -56.53 -30.18 12.48
C TYR A 790 -56.36 -31.18 13.62
N ALA A 791 -57.21 -32.21 13.69
CA ALA A 791 -57.08 -33.25 14.74
C ALA A 791 -55.74 -34.00 14.58
N LEU A 792 -55.15 -34.44 15.69
CA LEU A 792 -53.83 -35.13 15.63
C LEU A 792 -53.92 -36.53 16.24
N ASP A 793 -53.39 -37.53 15.53
CA ASP A 793 -53.33 -38.89 16.12
C ASP A 793 -52.51 -38.76 17.40
N ASP A 794 -53.05 -39.20 18.54
CA ASP A 794 -52.24 -39.15 19.77
C ASP A 794 -50.91 -39.87 19.53
N GLN A 795 -50.89 -40.82 18.60
CA GLN A 795 -49.60 -41.49 18.26
C GLN A 795 -48.70 -40.55 17.46
N HIS A 796 -49.18 -40.02 16.33
CA HIS A 796 -48.34 -39.19 15.43
C HIS A 796 -47.88 -37.89 16.08
N ARG A 797 -48.74 -37.29 16.91
CA ARG A 797 -48.41 -35.95 17.48
C ARG A 797 -47.11 -36.02 18.30
N ALA A 798 -46.78 -37.21 18.81
CA ALA A 798 -45.60 -37.32 19.71
C ALA A 798 -44.30 -37.04 18.95
N GLN A 799 -44.23 -37.45 17.68
CA GLN A 799 -43.01 -37.27 16.87
C GLN A 799 -42.68 -35.77 16.82
N VAL A 800 -43.66 -34.96 16.44
CA VAL A 800 -43.44 -33.49 16.28
C VAL A 800 -43.03 -32.92 17.63
N TYR A 801 -43.70 -33.35 18.70
CA TYR A 801 -43.44 -32.77 20.04
C TYR A 801 -41.95 -32.87 20.36
N SER A 802 -41.37 -34.07 20.22
CA SER A 802 -39.95 -34.28 20.57
C SER A 802 -39.08 -33.38 19.69
N ALA A 803 -39.42 -33.29 18.40
CA ALA A 803 -38.59 -32.50 17.46
C ALA A 803 -38.68 -31.03 17.88
N LEU A 804 -39.89 -30.54 18.10
CA LEU A 804 -40.10 -29.12 18.46
C LEU A 804 -39.32 -28.82 19.73
N GLN A 805 -39.25 -29.80 20.63
CA GLN A 805 -38.57 -29.54 21.93
C GLN A 805 -37.14 -29.12 21.64
N ASP A 806 -36.44 -29.93 20.85
CA ASP A 806 -35.02 -29.64 20.53
C ASP A 806 -34.98 -28.28 19.80
N ILE A 807 -35.97 -28.03 18.96
CA ILE A 807 -35.95 -26.77 18.17
C ILE A 807 -35.97 -25.63 19.18
N PHE A 808 -36.85 -25.72 20.17
CA PHE A 808 -36.97 -24.61 21.14
C PHE A 808 -35.76 -24.65 22.09
N LYS A 809 -35.17 -25.83 22.26
CA LYS A 809 -33.98 -25.96 23.15
C LYS A 809 -32.84 -25.19 22.49
N THR A 810 -32.64 -25.42 21.19
CA THR A 810 -31.53 -24.73 20.49
C THR A 810 -31.86 -23.25 20.45
N LEU A 811 -33.15 -22.92 20.33
CA LEU A 811 -33.57 -21.50 20.33
C LEU A 811 -33.08 -20.88 21.63
N TYR A 812 -33.16 -21.63 22.72
CA TYR A 812 -32.62 -21.08 23.99
C TYR A 812 -31.11 -21.02 23.90
N SER A 813 -30.48 -21.95 23.16
CA SER A 813 -29.01 -22.00 23.07
C SER A 813 -28.52 -20.88 22.15
N ILE A 814 -29.31 -20.50 21.16
CA ILE A 814 -28.92 -19.36 20.28
C ILE A 814 -29.38 -18.10 21.01
N GLU A 815 -30.00 -18.27 22.17
CA GLU A 815 -30.37 -17.08 22.98
C GLU A 815 -29.31 -16.97 24.08
N GLU A 816 -28.80 -18.12 24.52
CA GLU A 816 -27.69 -18.10 25.51
C GLU A 816 -26.56 -17.33 24.84
N GLU A 817 -26.23 -17.72 23.60
CA GLU A 817 -25.23 -16.94 22.85
C GLU A 817 -25.97 -15.83 22.11
N SER A 818 -25.25 -14.83 21.57
CA SER A 818 -25.88 -13.77 20.74
C SER A 818 -27.00 -13.03 21.48
N ASP A 819 -28.01 -12.57 20.74
CA ASP A 819 -29.09 -11.75 21.35
C ASP A 819 -30.46 -12.31 20.92
N ARG A 820 -31.45 -12.21 21.79
CA ARG A 820 -32.82 -12.70 21.47
C ARG A 820 -33.34 -11.93 20.26
N SER A 821 -32.92 -10.67 20.11
CA SER A 821 -33.38 -9.85 18.96
C SER A 821 -32.99 -10.55 17.65
N LEU A 822 -31.73 -10.96 17.55
CA LEU A 822 -31.23 -11.62 16.32
C LEU A 822 -31.88 -13.00 16.20
N ALA A 823 -32.14 -13.65 17.34
CA ALA A 823 -32.68 -15.02 17.32
C ALA A 823 -34.03 -15.01 16.60
N ILE A 824 -34.76 -13.90 16.71
CA ILE A 824 -36.12 -13.84 16.11
C ILE A 824 -35.98 -14.07 14.60
N SER A 825 -34.97 -13.46 13.98
CA SER A 825 -34.82 -13.57 12.51
C SER A 825 -34.59 -15.03 12.16
N ILE A 826 -33.78 -15.69 12.98
CA ILE A 826 -33.44 -17.11 12.70
C ILE A 826 -34.72 -17.92 12.85
N ALA A 827 -35.60 -17.52 13.77
CA ALA A 827 -36.87 -18.25 13.90
C ALA A 827 -37.65 -18.12 12.59
N ASN A 828 -37.72 -16.90 12.06
CA ASN A 828 -38.48 -16.67 10.80
C ASN A 828 -37.79 -17.45 9.70
N THR A 829 -36.46 -17.53 9.78
CA THR A 829 -35.69 -18.23 8.73
C THR A 829 -36.17 -19.69 8.74
N LEU A 830 -36.03 -20.33 9.89
CA LEU A 830 -36.41 -21.77 9.98
C LEU A 830 -37.90 -21.88 9.62
N SER A 831 -38.67 -20.85 9.93
CA SER A 831 -40.13 -20.94 9.70
C SER A 831 -40.35 -21.17 8.21
N ASN A 832 -39.77 -20.30 7.39
CA ASN A 832 -40.01 -20.40 5.93
C ASN A 832 -39.33 -21.68 5.45
N TRP A 833 -38.24 -22.06 6.13
CA TRP A 833 -37.49 -23.26 5.70
C TRP A 833 -38.35 -24.50 5.92
N LEU A 834 -39.29 -24.44 6.85
CA LEU A 834 -40.17 -25.61 7.12
C LEU A 834 -41.12 -25.76 5.94
N TYR A 835 -41.69 -24.64 5.47
CA TYR A 835 -42.59 -24.70 4.30
C TYR A 835 -41.78 -25.30 3.15
N ILE A 836 -40.52 -24.88 3.05
CA ILE A 836 -39.65 -25.37 1.94
C ILE A 836 -39.51 -26.88 2.09
N ALA A 837 -39.26 -27.35 3.31
CA ALA A 837 -39.05 -28.79 3.52
C ALA A 837 -40.34 -29.52 3.16
N TYR A 838 -41.48 -28.88 3.41
CA TYR A 838 -42.78 -29.51 3.05
C TYR A 838 -42.90 -29.59 1.53
N LYS A 839 -42.46 -28.54 0.84
CA LYS A 839 -42.51 -28.57 -0.64
C LYS A 839 -41.56 -29.68 -1.11
N LEU A 840 -40.46 -29.89 -0.37
CA LEU A 840 -39.45 -30.88 -0.80
C LEU A 840 -40.00 -32.29 -0.61
N VAL A 841 -40.76 -32.53 0.46
CA VAL A 841 -41.36 -33.89 0.57
C VAL A 841 -42.45 -34.01 -0.50
N LEU A 842 -43.04 -32.89 -0.90
CA LEU A 842 -44.11 -32.91 -1.93
C LEU A 842 -43.46 -33.00 -3.30
N GLN A 843 -42.14 -32.82 -3.39
CA GLN A 843 -41.48 -32.83 -4.72
C GLN A 843 -41.90 -34.12 -5.43
N GLY A 844 -41.60 -35.28 -4.85
CA GLY A 844 -41.90 -36.55 -5.56
C GLY A 844 -41.53 -36.49 -7.04
N ASP A 845 -40.26 -36.26 -7.36
CA ASP A 845 -39.79 -36.25 -8.78
C ASP A 845 -40.62 -35.26 -9.61
N LYS A 846 -40.53 -33.97 -9.31
CA LYS A 846 -41.25 -32.94 -10.11
C LYS A 846 -40.23 -32.09 -10.86
N SER A 847 -40.11 -32.30 -12.18
CA SER A 847 -39.16 -31.51 -13.00
C SER A 847 -39.43 -30.01 -12.82
N LEU B 14 1.46 35.89 27.24
CA LEU B 14 0.94 35.08 26.11
C LEU B 14 2.06 34.89 25.09
N ILE B 15 2.45 33.64 24.79
CA ILE B 15 3.48 33.32 23.75
C ILE B 15 4.89 33.73 24.20
N GLY B 16 5.06 34.98 24.64
CA GLY B 16 6.40 35.49 24.99
C GLY B 16 7.02 34.73 26.15
N LEU B 17 6.18 34.21 27.05
CA LEU B 17 6.71 33.50 28.24
C LEU B 17 7.58 32.36 27.76
N VAL B 18 7.14 31.66 26.71
CA VAL B 18 7.88 30.47 26.21
C VAL B 18 9.25 30.91 25.72
N ARG B 19 9.30 32.03 24.99
CA ARG B 19 10.57 32.51 24.41
C ARG B 19 11.58 32.68 25.55
N THR B 20 11.11 33.24 26.68
CA THR B 20 12.01 33.53 27.82
C THR B 20 12.65 32.24 28.30
N ALA B 21 11.83 31.22 28.52
CA ALA B 21 12.37 29.95 29.08
C ALA B 21 13.37 29.39 28.09
N LEU B 22 13.02 29.44 26.81
CA LEU B 22 13.93 28.92 25.76
C LEU B 22 15.23 29.70 25.89
N ASP B 23 15.16 30.99 26.18
CA ASP B 23 16.38 31.82 26.36
C ASP B 23 17.08 31.40 27.64
N SER B 24 16.32 31.06 28.68
CA SER B 24 16.94 30.72 29.98
C SER B 24 17.72 29.41 29.87
N ILE B 25 17.04 28.32 29.48
CA ILE B 25 17.71 27.00 29.42
C ILE B 25 18.70 26.98 28.24
N THR B 26 19.91 26.45 28.47
CA THR B 26 20.94 26.40 27.39
C THR B 26 20.46 25.49 26.26
N LEU B 27 20.98 25.69 25.05
CA LEU B 27 20.63 24.80 23.92
C LEU B 27 20.89 23.36 24.35
N GLY B 28 22.14 23.05 24.69
CA GLY B 28 22.51 21.66 25.03
C GLY B 28 21.74 21.14 26.23
N GLN B 29 21.39 22.02 27.17
CA GLN B 29 20.67 21.59 28.39
C GLN B 29 19.41 20.83 27.99
N GLY B 30 18.50 21.48 27.25
CA GLY B 30 17.19 20.87 26.93
C GLY B 30 17.26 19.78 25.88
N VAL B 31 18.28 19.81 25.02
CA VAL B 31 18.33 18.85 23.89
C VAL B 31 18.60 17.45 24.43
N ASN B 32 18.99 17.33 25.71
CA ASN B 32 19.37 16.00 26.25
C ASN B 32 18.16 15.06 26.29
N GLU B 33 18.38 13.75 26.22
CA GLU B 33 17.25 12.77 26.35
C GLU B 33 16.80 12.69 27.81
N ALA B 34 15.50 12.86 28.06
CA ALA B 34 14.98 12.87 29.44
C ALA B 34 14.66 11.47 29.95
N LYS B 35 13.97 10.65 29.14
CA LYS B 35 13.48 9.35 29.66
C LYS B 35 14.14 8.16 28.98
N ILE B 36 14.47 7.13 29.76
CA ILE B 36 15.00 5.87 29.15
C ILE B 36 13.79 5.18 28.52
N LYS B 37 12.61 5.38 29.09
CA LYS B 37 11.40 4.66 28.59
C LYS B 37 10.95 5.26 27.27
N SER B 38 10.89 6.58 27.14
CA SER B 38 10.33 7.19 25.91
C SER B 38 11.36 8.10 25.24
N PRO B 39 11.31 8.43 23.92
CA PRO B 39 12.24 9.42 23.34
C PRO B 39 11.80 10.85 23.67
N GLN B 40 11.94 11.25 24.93
CA GLN B 40 11.48 12.60 25.34
C GLN B 40 12.68 13.54 25.44
N SER B 41 12.51 14.79 25.06
CA SER B 41 13.61 15.77 25.23
C SER B 41 13.39 16.46 26.57
N TYR B 42 14.46 16.84 27.25
CA TYR B 42 14.33 17.49 28.57
C TYR B 42 13.36 18.67 28.41
N ALA B 43 13.61 19.52 27.41
CA ALA B 43 12.78 20.72 27.20
C ALA B 43 11.38 20.31 26.75
N PHE B 44 11.28 19.27 25.93
CA PHE B 44 9.96 18.87 25.39
C PHE B 44 8.98 18.68 26.56
N HIS B 45 9.32 17.80 27.49
CA HIS B 45 8.41 17.46 28.62
C HIS B 45 8.20 18.68 29.51
N THR B 46 9.28 19.35 29.91
CA THR B 46 9.17 20.45 30.90
C THR B 46 8.31 21.61 30.36
N ILE B 47 8.64 22.10 29.17
CA ILE B 47 7.91 23.27 28.61
C ILE B 47 6.43 22.87 28.52
N SER B 48 6.19 21.64 28.09
CA SER B 48 4.80 21.15 27.97
C SER B 48 4.11 21.24 29.32
N VAL B 49 4.78 20.77 30.38
CA VAL B 49 4.15 20.74 31.73
C VAL B 49 3.72 22.16 32.11
N GLY B 50 4.65 23.10 31.98
CA GLY B 50 4.35 24.49 32.34
C GLY B 50 3.15 24.98 31.56
N THR B 51 3.13 24.70 30.25
CA THR B 51 2.02 25.20 29.40
C THR B 51 0.71 24.67 29.97
N ILE B 52 0.62 23.34 30.14
CA ILE B 52 -0.65 22.71 30.61
C ILE B 52 -1.04 23.34 31.94
N SER B 53 -0.11 23.40 32.90
CA SER B 53 -0.44 23.98 34.22
C SER B 53 -1.06 25.35 34.01
N LEU B 54 -0.50 26.12 33.08
CA LEU B 54 -1.01 27.48 32.81
C LEU B 54 -2.39 27.40 32.16
N ASP B 55 -2.60 26.47 31.24
CA ASP B 55 -3.90 26.38 30.53
C ASP B 55 -4.96 25.95 31.54
N ILE B 56 -4.57 25.10 32.49
CA ILE B 56 -5.54 24.62 33.51
C ILE B 56 -5.91 25.83 34.37
N CYS B 57 -4.90 26.59 34.80
CA CYS B 57 -5.17 27.76 35.67
C CYS B 57 -5.93 28.82 34.88
N LYS B 58 -5.70 28.89 33.56
CA LYS B 58 -6.46 29.85 32.71
C LYS B 58 -7.92 29.39 32.75
N ALA B 59 -8.14 28.08 32.73
CA ALA B 59 -9.51 27.53 32.82
C ALA B 59 -10.07 27.81 34.20
N ILE B 60 -9.30 27.54 35.25
CA ILE B 60 -9.79 27.73 36.65
C ILE B 60 -10.32 29.16 36.77
N TYR B 61 -9.50 30.13 36.35
CA TYR B 61 -9.88 31.55 36.47
C TYR B 61 -11.17 31.78 35.65
N SER B 62 -11.24 31.19 34.47
CA SER B 62 -12.45 31.37 33.63
C SER B 62 -13.67 30.82 34.35
N SER B 63 -13.66 29.54 34.72
CA SER B 63 -14.86 28.93 35.36
C SER B 63 -14.99 29.35 36.83
N SER B 64 -14.15 28.81 37.71
CA SER B 64 -14.30 29.08 39.18
C SER B 64 -13.97 30.53 39.54
N GLU B 65 -14.79 31.14 40.40
CA GLU B 65 -14.47 32.52 40.87
C GLU B 65 -13.87 32.39 42.26
N ILE B 66 -14.19 31.31 42.97
CA ILE B 66 -13.53 31.07 44.30
C ILE B 66 -12.06 30.90 44.00
N GLY B 67 -11.74 30.09 42.98
CA GLY B 67 -10.35 29.89 42.58
C GLY B 67 -9.80 31.16 41.97
N ARG B 68 -10.59 31.87 41.17
CA ARG B 68 -10.13 33.13 40.56
C ARG B 68 -9.56 34.01 41.69
N LYS B 69 -10.32 34.11 42.78
CA LYS B 69 -9.89 34.97 43.92
C LYS B 69 -8.74 34.30 44.66
N GLN B 70 -8.81 32.98 44.81
CA GLN B 70 -7.70 32.23 45.47
C GLN B 70 -6.44 32.53 44.67
N LEU B 71 -6.54 32.52 43.34
CA LEU B 71 -5.36 32.74 42.46
C LEU B 71 -4.89 34.18 42.59
N GLU B 72 -5.82 35.13 42.57
CA GLU B 72 -5.44 36.57 42.66
C GLU B 72 -4.64 36.74 43.95
N ASN B 73 -5.15 36.21 45.06
CA ASN B 73 -4.45 36.31 46.36
C ASN B 73 -3.12 35.57 46.26
N LEU B 74 -3.11 34.40 45.62
CA LEU B 74 -1.88 33.58 45.52
C LEU B 74 -0.80 34.35 44.76
N SER B 75 -1.15 34.92 43.60
CA SER B 75 -0.16 35.62 42.77
C SER B 75 0.46 36.77 43.57
N LYS B 76 -0.37 37.49 44.34
CA LYS B 76 0.12 38.68 45.07
C LYS B 76 1.06 38.28 46.19
N LYS B 77 0.94 37.04 46.69
CA LYS B 77 1.90 36.57 47.73
C LYS B 77 3.28 36.61 47.09
N TYR B 78 3.37 36.27 45.82
CA TYR B 78 4.70 36.22 45.15
C TYR B 78 4.89 37.48 44.28
N ASN B 79 3.88 38.35 44.21
CA ASN B 79 3.93 39.57 43.34
C ASN B 79 4.39 39.18 41.94
N MET B 80 3.83 38.09 41.39
CA MET B 80 4.27 37.62 40.05
C MET B 80 3.09 37.71 39.08
N PRO B 81 3.25 38.07 37.77
CA PRO B 81 2.09 38.20 36.88
C PRO B 81 1.34 36.87 36.87
N PHE B 82 0.01 36.94 36.79
CA PHE B 82 -0.85 35.73 36.82
C PHE B 82 -0.36 34.69 35.82
N GLU B 83 -0.52 34.98 34.52
CA GLU B 83 -0.15 34.02 33.45
C GLU B 83 1.24 33.44 33.71
N ASP B 84 2.24 34.30 33.92
CA ASP B 84 3.64 33.82 34.06
C ASP B 84 3.79 32.89 35.27
N LEU B 85 3.20 33.27 36.39
CA LEU B 85 3.34 32.45 37.63
C LEU B 85 2.83 31.04 37.31
N TRP B 86 1.75 30.96 36.54
CA TRP B 86 1.17 29.64 36.19
C TRP B 86 2.16 28.89 35.30
N PHE B 87 2.65 29.53 34.24
CA PHE B 87 3.54 28.84 33.27
C PHE B 87 4.83 28.39 33.96
N TYR B 88 5.53 29.31 34.62
CA TYR B 88 6.84 28.94 35.19
C TYR B 88 6.63 27.94 36.33
N GLY B 89 5.49 28.01 37.00
CA GLY B 89 5.20 27.08 38.10
C GLY B 89 5.47 25.65 37.70
N GLY B 90 4.69 25.14 36.73
CA GLY B 90 4.83 23.73 36.32
C GLY B 90 6.16 23.48 35.65
N PHE B 91 6.62 24.44 34.85
CA PHE B 91 7.88 24.28 34.11
C PHE B 91 8.98 23.94 35.11
N LEU B 92 9.16 24.80 36.11
CA LEU B 92 10.27 24.60 37.08
C LEU B 92 9.96 23.38 37.93
N HIS B 93 8.69 23.14 38.24
CA HIS B 93 8.32 22.00 39.10
C HIS B 93 8.74 20.71 38.38
N ASP B 94 8.46 20.62 37.09
CA ASP B 94 8.84 19.43 36.31
C ASP B 94 10.35 19.32 36.29
N TRP B 95 11.03 20.47 36.23
CA TRP B 95 12.52 20.47 36.15
C TRP B 95 13.10 19.95 37.45
N ASN B 96 12.45 20.25 38.57
CA ASN B 96 12.98 19.82 39.90
C ASN B 96 13.19 18.30 39.85
N LYS B 97 12.13 17.54 39.53
CA LYS B 97 12.22 16.06 39.62
C LYS B 97 13.08 15.46 38.51
N LEU B 98 13.21 16.16 37.38
CA LEU B 98 13.95 15.57 36.21
C LEU B 98 15.46 15.54 36.48
N SER B 99 15.92 16.27 37.50
CA SER B 99 17.37 16.33 37.82
C SER B 99 17.80 15.00 38.43
N GLY B 100 16.88 14.02 38.49
CA GLY B 100 17.19 12.72 39.11
C GLY B 100 18.10 11.86 38.24
N LYS B 101 18.39 12.31 37.03
CA LYS B 101 19.35 11.56 36.16
C LYS B 101 20.76 11.98 36.57
N GLU B 102 21.57 11.04 37.08
CA GLU B 102 22.92 11.39 37.58
C GLU B 102 23.80 11.94 36.46
N GLU B 103 24.54 13.01 36.75
CA GLU B 103 25.40 13.65 35.71
C GLU B 103 26.87 13.32 36.02
N ASN B 107 21.61 14.43 40.56
CA ASN B 107 21.26 15.60 41.41
C ASN B 107 21.83 16.87 40.77
N LYS B 108 23.01 17.32 41.22
CA LYS B 108 23.62 18.58 40.70
C LYS B 108 22.52 19.63 40.65
N GLU B 109 21.76 19.79 41.74
CA GLU B 109 20.58 20.71 41.69
C GLU B 109 21.04 22.17 41.80
N GLU B 110 22.36 22.41 41.76
CA GLU B 110 22.88 23.79 41.93
C GLU B 110 22.56 24.62 40.68
N LEU B 111 22.37 23.97 39.53
CA LEU B 111 22.15 24.70 38.25
C LEU B 111 20.81 25.42 38.24
N THR B 112 19.88 24.99 39.10
CA THR B 112 18.51 25.57 39.10
C THR B 112 18.59 27.08 39.34
N LYS B 113 19.60 27.49 40.10
CA LYS B 113 19.73 28.94 40.45
C LYS B 113 19.88 29.74 39.17
N LYS B 114 20.56 29.18 38.16
CA LYS B 114 20.81 29.99 36.93
C LYS B 114 19.46 30.36 36.32
N ILE B 115 18.55 29.40 36.23
CA ILE B 115 17.24 29.65 35.55
C ILE B 115 16.50 30.74 36.31
N ILE B 116 16.51 30.64 37.64
CA ILE B 116 15.81 31.65 38.48
C ILE B 116 16.48 33.00 38.27
N ASP B 117 17.80 33.02 38.14
CA ASP B 117 18.54 34.30 38.02
C ASP B 117 18.06 35.01 36.75
N LYS B 118 18.11 34.30 35.61
CA LYS B 118 17.75 34.92 34.31
C LYS B 118 16.28 35.30 34.33
N LEU B 119 15.44 34.43 34.90
CA LEU B 119 13.98 34.72 35.00
C LEU B 119 13.79 35.91 35.94
N LYS B 120 14.82 36.25 36.71
CA LYS B 120 14.72 37.36 37.70
C LYS B 120 13.49 37.12 38.58
N LEU B 121 13.42 35.97 39.24
CA LEU B 121 12.23 35.63 40.06
C LEU B 121 12.62 35.57 41.54
N PRO B 122 11.73 35.79 42.55
CA PRO B 122 12.09 35.63 43.97
C PRO B 122 12.49 34.22 44.39
N ASN B 123 13.45 34.12 45.31
CA ASN B 123 13.93 32.79 45.77
C ASN B 123 12.81 32.08 46.53
N GLU B 124 11.88 32.85 47.10
CA GLU B 124 10.79 32.25 47.91
C GLU B 124 9.95 31.33 47.01
N PHE B 125 9.83 31.70 45.74
CA PHE B 125 9.06 30.86 44.78
C PHE B 125 9.79 29.52 44.66
N LEU B 126 11.09 29.59 44.38
CA LEU B 126 11.91 28.37 44.24
C LEU B 126 11.81 27.60 45.56
N HIS B 127 11.92 28.31 46.69
CA HIS B 127 11.83 27.65 48.02
C HIS B 127 10.49 26.92 48.04
N GLY B 128 9.42 27.58 47.62
CA GLY B 128 8.09 26.96 47.60
C GLY B 128 8.05 25.76 46.67
N ILE B 129 8.53 25.94 45.44
CA ILE B 129 8.48 24.86 44.40
C ILE B 129 9.22 23.62 44.94
N SER B 130 10.41 23.81 45.51
CA SER B 130 11.19 22.64 45.98
C SER B 130 10.41 21.92 47.09
N THR B 131 9.74 22.68 47.96
CA THR B 131 8.94 22.06 49.05
C THR B 131 7.56 21.62 48.54
N MET B 132 7.14 22.09 47.36
CA MET B 132 5.88 21.57 46.79
C MET B 132 6.20 20.22 46.12
N ALA B 133 7.38 20.12 45.50
CA ALA B 133 7.81 18.85 44.88
C ALA B 133 7.86 17.76 45.95
N GLU B 134 8.70 17.96 46.98
CA GLU B 134 8.86 16.93 48.04
C GLU B 134 8.18 17.41 49.32
N GLY B 135 7.20 16.64 49.82
CA GLY B 135 6.58 16.99 51.10
C GLY B 135 5.08 17.16 51.01
N HIS B 136 4.59 18.39 51.20
CA HIS B 136 3.13 18.65 51.07
C HIS B 136 2.89 20.08 50.56
N LEU B 137 1.66 20.57 50.67
CA LEU B 137 1.29 21.95 50.23
C LEU B 137 2.07 22.96 51.06
N PRO B 138 2.72 24.02 50.50
CA PRO B 138 3.35 25.04 51.35
C PRO B 138 2.24 25.57 52.26
N ASP B 139 1.14 26.03 51.67
CA ASP B 139 -0.04 26.47 52.46
C ASP B 139 -1.27 26.11 51.64
N ASN B 140 -2.45 26.08 52.26
CA ASN B 140 -3.69 25.66 51.56
C ASN B 140 -3.94 26.54 50.34
N LEU B 141 -3.51 27.80 50.38
CA LEU B 141 -3.81 28.74 49.26
C LEU B 141 -3.02 28.30 48.02
N HIS B 142 -1.93 27.57 48.21
CA HIS B 142 -1.07 27.17 47.06
C HIS B 142 -1.71 25.99 46.29
N LEU B 143 -2.92 25.59 46.69
CA LEU B 143 -3.58 24.40 46.08
C LEU B 143 -3.78 24.49 44.56
N PRO B 144 -4.39 25.54 43.94
CA PRO B 144 -4.66 25.51 42.50
C PRO B 144 -3.41 25.23 41.64
N LEU B 145 -2.28 25.85 42.02
CA LEU B 145 -1.02 25.59 41.29
C LEU B 145 -0.68 24.12 41.46
N TRP B 146 -0.67 23.64 42.71
CA TRP B 146 -0.32 22.22 42.97
C TRP B 146 -1.12 21.35 42.01
N VAL B 147 -2.44 21.53 41.98
CA VAL B 147 -3.32 20.67 41.14
C VAL B 147 -2.94 20.84 39.68
N SER B 148 -2.90 22.08 39.18
CA SER B 148 -2.61 22.30 37.73
C SER B 148 -1.32 21.56 37.38
N ILE B 149 -0.29 21.71 38.22
CA ILE B 149 1.03 21.09 37.91
C ILE B 149 0.93 19.57 38.00
N LYS B 150 0.38 19.06 39.10
CA LYS B 150 0.34 17.58 39.28
C LYS B 150 -0.42 16.98 38.11
N LEU B 151 -1.47 17.67 37.66
CA LEU B 151 -2.29 17.14 36.55
C LEU B 151 -1.38 17.05 35.33
N ALA B 152 -0.69 18.14 35.02
CA ALA B 152 0.19 18.17 33.84
C ALA B 152 1.22 17.04 33.99
N ASP B 153 1.73 16.84 35.20
CA ASP B 153 2.77 15.80 35.43
C ASP B 153 2.17 14.45 35.05
N MET B 154 0.97 14.17 35.56
CA MET B 154 0.30 12.87 35.30
C MET B 154 0.03 12.76 33.80
N LEU B 155 -0.37 13.86 33.17
CA LEU B 155 -0.78 13.80 31.75
C LEU B 155 0.38 13.29 30.88
N LEU B 156 1.60 13.72 31.17
CA LEU B 156 2.72 13.36 30.25
C LEU B 156 3.62 12.31 30.90
N ILE B 157 3.10 11.54 31.86
CA ILE B 157 4.01 10.59 32.58
C ILE B 157 4.43 9.44 31.66
N SER B 158 5.75 9.23 31.52
CA SER B 158 6.31 8.16 30.65
C SER B 158 5.58 8.13 29.31
N ASP B 159 4.97 7.00 28.97
CA ASP B 159 4.17 6.91 27.73
C ASP B 159 2.82 6.31 28.14
N ILE B 160 1.88 7.16 28.52
CA ILE B 160 0.56 6.67 28.98
C ILE B 160 -0.06 5.86 27.84
N GLY B 161 0.25 6.20 26.59
CA GLY B 161 -0.22 5.41 25.44
C GLY B 161 -1.69 5.65 25.09
N SER B 162 -2.60 5.52 26.05
CA SER B 162 -4.05 5.62 25.70
C SER B 162 -4.74 6.69 26.55
N VAL B 163 -5.74 7.36 25.97
CA VAL B 163 -6.49 8.40 26.73
C VAL B 163 -7.13 7.70 27.93
N ARG B 164 -7.65 6.50 27.72
CA ARG B 164 -8.39 5.80 28.80
C ARG B 164 -7.40 5.45 29.91
N ASP B 165 -6.16 5.16 29.53
CA ASP B 165 -5.13 4.78 30.54
C ASP B 165 -4.92 5.96 31.47
N VAL B 166 -5.04 7.18 30.93
CA VAL B 166 -4.92 8.39 31.79
C VAL B 166 -5.99 8.26 32.86
N PHE B 167 -7.24 8.05 32.46
CA PHE B 167 -8.36 8.03 33.44
C PHE B 167 -8.24 6.78 34.32
N TYR B 168 -7.64 5.72 33.79
CA TYR B 168 -7.45 4.50 34.61
C TYR B 168 -6.54 4.89 35.77
N PHE B 169 -5.40 5.49 35.46
CA PHE B 169 -4.42 5.85 36.51
C PHE B 169 -4.93 7.05 37.30
N ALA B 170 -5.69 7.93 36.67
CA ALA B 170 -6.16 9.16 37.35
C ALA B 170 -6.79 8.82 38.69
N ASN B 171 -7.96 8.17 38.65
CA ASN B 171 -8.69 7.87 39.90
C ASN B 171 -7.94 6.81 40.69
N SER B 172 -7.32 5.85 39.99
CA SER B 172 -6.66 4.74 40.73
C SER B 172 -5.54 5.29 41.61
N ASP B 173 -4.70 6.18 41.09
CA ASP B 173 -3.53 6.62 41.89
C ASP B 173 -3.86 7.83 42.77
N SER B 174 -2.83 8.48 43.32
CA SER B 174 -3.02 9.62 44.26
C SER B 174 -3.58 10.85 43.53
N TYR B 175 -3.62 10.81 42.21
CA TYR B 175 -4.08 11.98 41.42
C TYR B 175 -5.58 12.17 41.66
N ARG B 176 -6.21 11.15 42.24
CA ARG B 176 -7.68 11.20 42.49
C ARG B 176 -7.97 12.45 43.33
N ASN B 177 -7.12 12.72 44.32
CA ASN B 177 -7.36 13.86 45.23
C ASN B 177 -7.39 15.14 44.39
N ALA B 178 -6.49 15.23 43.41
CA ALA B 178 -6.46 16.43 42.54
C ALA B 178 -7.79 16.51 41.78
N ILE B 179 -8.32 15.37 41.36
CA ILE B 179 -9.61 15.37 40.59
C ILE B 179 -10.75 15.67 41.57
N GLU B 180 -10.61 15.27 42.83
CA GLU B 180 -11.66 15.66 43.81
C GLU B 180 -11.63 17.17 43.92
N ALA B 181 -10.43 17.77 43.84
CA ALA B 181 -10.31 19.24 43.94
C ALA B 181 -10.75 19.88 42.63
N LEU B 182 -10.57 19.19 41.51
CA LEU B 182 -11.02 19.73 40.20
C LEU B 182 -12.53 19.86 40.28
N LYS B 183 -13.18 18.80 40.76
CA LYS B 183 -14.66 18.80 40.88
C LYS B 183 -15.05 19.97 41.77
N GLU B 184 -14.28 20.20 42.84
CA GLU B 184 -14.62 21.27 43.83
C GLU B 184 -14.46 22.63 43.16
N TYR B 185 -13.81 22.66 42.00
CA TYR B 185 -13.59 23.96 41.31
C TYR B 185 -14.55 24.03 40.12
N ASN B 186 -15.73 23.44 40.26
CA ASN B 186 -16.72 23.38 39.15
C ASN B 186 -16.00 23.07 37.85
N LEU B 187 -15.05 22.12 37.89
CA LEU B 187 -14.34 21.69 36.65
C LEU B 187 -14.31 20.16 36.58
N GLU B 188 -14.71 19.59 35.45
CA GLU B 188 -14.69 18.12 35.26
C GLU B 188 -13.74 17.80 34.10
N LEU B 189 -13.47 16.51 33.87
CA LEU B 189 -12.58 16.10 32.76
C LEU B 189 -13.40 15.35 31.71
N ASN B 190 -13.06 15.52 30.43
CA ASN B 190 -13.78 14.82 29.34
C ASN B 190 -12.80 14.47 28.21
N TYR B 191 -13.20 13.56 27.33
CA TYR B 191 -12.32 13.16 26.20
C TYR B 191 -13.17 12.80 24.99
N VAL B 192 -12.68 13.03 23.78
CA VAL B 192 -13.41 12.61 22.55
C VAL B 192 -12.43 11.79 21.70
N SER B 193 -12.66 10.48 21.57
CA SER B 193 -11.77 9.68 20.69
C SER B 193 -12.04 10.01 19.23
N SER B 194 -10.97 10.13 18.43
CA SER B 194 -11.12 10.50 17.01
C SER B 194 -10.07 9.77 16.16
N THR B 195 -10.46 9.25 15.00
CA THR B 195 -9.49 8.59 14.09
C THR B 195 -8.77 9.66 13.26
N PHE B 196 -7.50 9.38 12.90
CA PHE B 196 -6.75 10.34 12.04
C PHE B 196 -7.17 10.14 10.59
N ARG B 197 -7.68 11.20 9.96
CA ARG B 197 -8.00 11.15 8.51
C ARG B 197 -7.59 12.49 7.89
N LEU B 198 -7.39 12.54 6.58
CA LEU B 198 -6.87 13.77 5.92
C LEU B 198 -7.87 14.91 6.02
N PHE B 199 -9.13 14.66 5.64
CA PHE B 199 -10.13 15.75 5.60
C PHE B 199 -10.23 16.42 6.98
N THR B 200 -9.98 15.65 8.04
CA THR B 200 -10.16 16.19 9.40
C THR B 200 -9.08 17.22 9.73
N LEU B 201 -7.83 16.96 9.34
CA LEU B 201 -6.70 17.83 9.73
C LEU B 201 -6.95 19.29 9.35
N ILE B 202 -7.49 19.55 8.17
CA ILE B 202 -7.63 20.96 7.70
C ILE B 202 -8.59 21.74 8.61
N ALA B 203 -9.69 21.12 9.04
CA ALA B 203 -10.70 21.87 9.84
C ALA B 203 -10.57 21.48 11.31
N SER B 204 -9.45 20.88 11.68
CA SER B 204 -9.27 20.45 13.09
C SER B 204 -9.41 21.65 14.02
N LYS B 205 -8.70 22.75 13.73
CA LYS B 205 -8.72 23.94 14.63
C LYS B 205 -10.08 24.64 14.55
N GLU B 206 -10.72 24.59 13.37
CA GLU B 206 -12.03 25.27 13.21
C GLU B 206 -12.96 24.80 14.33
N LEU B 207 -12.97 23.47 14.54
CA LEU B 207 -13.85 22.87 15.56
C LEU B 207 -13.53 23.50 16.91
N LEU B 208 -12.26 23.56 17.27
CA LEU B 208 -11.95 24.09 18.62
C LEU B 208 -12.56 25.49 18.67
N ASN B 209 -12.42 26.26 17.60
CA ASN B 209 -12.92 27.66 17.62
C ASN B 209 -14.44 27.66 17.76
N ASP B 210 -15.15 26.93 16.90
CA ASP B 210 -16.63 26.99 16.91
C ASP B 210 -17.21 26.15 18.04
N VAL B 211 -16.61 25.01 18.36
CA VAL B 211 -17.21 24.06 19.35
C VAL B 211 -16.47 24.15 20.67
N PHE B 212 -15.22 23.68 20.71
CA PHE B 212 -14.49 23.62 22.00
C PHE B 212 -14.06 25.01 22.45
N ASN B 213 -14.91 26.01 22.21
CA ASN B 213 -14.60 27.37 22.69
C ASN B 213 -14.87 27.49 24.18
N GLU B 214 -14.10 28.31 24.89
CA GLU B 214 -14.33 28.49 26.35
C GLU B 214 -15.68 29.18 26.50
N LYS B 215 -16.23 29.69 25.39
CA LYS B 215 -17.57 30.31 25.42
C LYS B 215 -18.57 29.23 25.82
N SER B 216 -18.25 27.98 25.46
CA SER B 216 -19.09 26.82 25.87
C SER B 216 -18.33 25.97 26.91
N GLY B 217 -17.34 26.56 27.59
CA GLY B 217 -16.59 25.86 28.65
C GLY B 217 -16.07 24.49 28.27
N TYR B 218 -15.18 24.42 27.28
CA TYR B 218 -14.59 23.13 26.90
C TYR B 218 -13.09 23.12 27.20
N PHE B 219 -12.40 24.26 27.02
CA PHE B 219 -10.96 24.37 27.37
C PHE B 219 -10.14 23.20 26.80
N PRO B 220 -9.77 23.13 25.49
CA PRO B 220 -8.90 22.02 25.01
C PRO B 220 -7.53 22.00 25.69
N LEU B 221 -6.99 20.80 25.94
CA LEU B 221 -5.72 20.73 26.72
C LEU B 221 -4.60 20.02 25.95
N ILE B 222 -4.71 18.70 25.74
CA ILE B 222 -3.60 17.92 25.13
C ILE B 222 -4.20 16.86 24.21
N SER B 223 -3.39 16.29 23.31
CA SER B 223 -3.87 15.22 22.37
C SER B 223 -3.01 13.96 22.51
N TYR B 224 -3.57 12.79 22.26
CA TYR B 224 -2.79 11.54 22.48
C TYR B 224 -2.94 10.58 21.31
N ALA B 225 -3.24 11.09 20.10
CA ALA B 225 -3.44 10.25 18.89
C ALA B 225 -4.77 9.50 18.96
N ASP B 226 -5.12 8.99 20.15
CA ASP B 226 -6.42 8.30 20.31
C ASP B 226 -7.54 9.33 20.12
N GLY B 227 -7.29 10.59 20.46
CA GLY B 227 -8.29 11.64 20.21
C GLY B 227 -7.92 12.95 20.88
N ILE B 228 -8.88 13.58 21.58
CA ILE B 228 -8.64 14.88 22.27
C ILE B 228 -9.06 14.75 23.73
N VAL B 229 -8.36 15.44 24.64
CA VAL B 229 -8.76 15.47 26.08
C VAL B 229 -9.13 16.94 26.39
N PHE B 230 -10.25 17.17 27.09
CA PHE B 230 -10.67 18.56 27.40
C PHE B 230 -11.30 18.65 28.79
N LEU B 231 -11.90 19.80 29.11
CA LEU B 231 -12.50 20.00 30.47
C LEU B 231 -13.96 20.37 30.32
N LYS B 232 -14.73 20.26 31.40
CA LYS B 232 -16.16 20.67 31.34
C LYS B 232 -16.51 21.41 32.63
N ARG B 233 -16.82 22.70 32.52
CA ARG B 233 -17.29 23.42 33.74
C ARG B 233 -18.65 22.85 34.13
N LYS B 234 -18.94 22.82 35.43
CA LYS B 234 -20.20 22.18 35.88
C LYS B 234 -21.38 22.87 35.21
N ASN B 235 -22.34 22.08 34.70
CA ASN B 235 -23.52 22.63 33.99
C ASN B 235 -23.10 23.30 32.67
N SER B 236 -21.98 22.87 32.08
CA SER B 236 -21.61 23.43 30.74
C SER B 236 -22.54 22.81 29.69
N GLN B 237 -22.59 23.41 28.51
CA GLN B 237 -23.40 22.85 27.40
C GLN B 237 -22.89 21.44 27.09
N PRO B 238 -23.72 20.37 26.96
CA PRO B 238 -23.16 19.05 26.64
C PRO B 238 -22.53 19.05 25.24
N VAL B 239 -21.49 18.25 25.04
CA VAL B 239 -20.83 18.17 23.70
C VAL B 239 -21.83 17.57 22.70
N LEU B 240 -22.02 18.23 21.56
CA LEU B 240 -23.07 17.78 20.60
C LEU B 240 -22.46 17.32 19.28
N LEU B 241 -22.92 16.21 18.74
CA LEU B 241 -22.44 15.73 17.41
C LEU B 241 -23.23 16.40 16.28
N SER B 242 -24.30 17.12 16.62
CA SER B 242 -25.14 17.75 15.56
C SER B 242 -24.28 18.77 14.83
N LYS B 243 -23.63 19.64 15.59
CA LYS B 243 -22.81 20.72 14.97
C LYS B 243 -21.68 20.03 14.22
N ILE B 244 -21.28 18.84 14.68
CA ILE B 244 -20.17 18.10 14.03
C ILE B 244 -20.69 17.53 12.71
N VAL B 245 -21.98 17.27 12.59
CA VAL B 245 -22.47 16.82 11.25
C VAL B 245 -23.07 18.04 10.54
N ASP B 246 -22.85 19.22 11.10
CA ASP B 246 -23.34 20.46 10.45
C ASP B 246 -22.15 21.23 9.89
N LEU B 247 -21.27 21.71 10.77
CA LEU B 247 -20.10 22.52 10.33
C LEU B 247 -19.21 21.68 9.44
N LEU B 248 -18.87 20.47 9.91
CA LEU B 248 -17.91 19.67 9.11
C LEU B 248 -18.54 19.53 7.73
N SER B 249 -19.84 19.25 7.70
CA SER B 249 -20.54 19.03 6.40
C SER B 249 -20.30 20.24 5.50
N ARG B 250 -20.48 21.46 6.02
CA ARG B 250 -20.38 22.67 5.17
C ARG B 250 -18.99 22.76 4.56
N GLN B 251 -17.96 22.74 5.41
CA GLN B 251 -16.57 22.92 4.93
C GLN B 251 -16.27 21.87 3.86
N VAL B 252 -16.59 20.61 4.16
CA VAL B 252 -16.27 19.51 3.20
C VAL B 252 -17.17 19.63 1.96
N PHE B 253 -18.36 20.21 2.11
CA PHE B 253 -19.28 20.39 0.96
C PHE B 253 -18.67 21.37 -0.04
N SER B 254 -19.18 21.41 -1.27
CA SER B 254 -18.59 22.30 -2.30
C SER B 254 -19.07 23.75 -2.07
N SER B 255 -18.72 24.33 -0.91
CA SER B 255 -19.06 25.76 -0.63
C SER B 255 -17.89 26.40 0.12
N SER B 256 -16.69 25.85 -0.03
CA SER B 256 -15.51 26.35 0.75
C SER B 256 -14.97 27.65 0.17
N SER B 257 -15.85 28.52 -0.34
CA SER B 257 -15.45 29.86 -0.87
C SER B 257 -14.39 29.74 -1.98
N GLU B 258 -14.40 28.61 -2.70
CA GLU B 258 -13.48 28.48 -3.88
C GLU B 258 -14.30 27.94 -5.05
N VAL B 259 -15.18 26.98 -4.80
CA VAL B 259 -16.08 26.54 -5.90
C VAL B 259 -16.93 27.77 -6.12
N ILE B 260 -17.10 28.53 -5.03
CA ILE B 260 -17.85 29.82 -5.10
C ILE B 260 -16.85 30.83 -5.69
N GLU B 261 -16.83 30.96 -7.01
CA GLU B 261 -15.87 31.87 -7.67
C GLU B 261 -16.04 31.74 -9.18
N GLU B 262 -15.77 30.55 -9.72
CA GLU B 262 -15.78 30.38 -11.19
C GLU B 262 -17.18 30.63 -11.76
N LYS B 263 -18.19 29.92 -11.25
CA LYS B 263 -19.55 30.02 -11.84
C LYS B 263 -20.14 31.40 -11.59
N ILE B 264 -19.64 32.09 -10.56
CA ILE B 264 -20.21 33.41 -10.20
C ILE B 264 -20.07 34.30 -11.44
N SER B 265 -18.95 34.19 -12.15
CA SER B 265 -18.69 35.06 -13.33
C SER B 265 -19.08 34.35 -14.63
N ASP B 266 -19.29 33.04 -14.60
CA ASP B 266 -19.72 32.30 -15.82
C ASP B 266 -20.94 33.00 -16.42
N ILE B 267 -22.01 33.11 -15.64
CA ILE B 267 -23.30 33.68 -16.14
C ILE B 267 -23.19 35.20 -16.29
N GLU B 268 -22.35 35.86 -15.50
CA GLU B 268 -22.29 37.35 -15.53
C GLU B 268 -21.91 37.89 -16.91
N LYS B 269 -21.03 37.19 -17.62
CA LYS B 269 -20.54 37.69 -18.95
C LYS B 269 -21.75 37.90 -19.88
N CYS B 270 -22.75 37.04 -19.78
CA CYS B 270 -23.91 37.14 -20.65
C CYS B 270 -24.86 38.25 -20.29
N ILE B 271 -24.96 38.61 -19.01
CA ILE B 271 -25.97 39.65 -18.62
C ILE B 271 -25.36 41.05 -18.78
N LYS B 272 -24.03 41.16 -18.63
CA LYS B 272 -23.36 42.47 -18.85
C LYS B 272 -23.29 42.73 -20.35
N ASN B 273 -23.51 41.70 -21.17
CA ASN B 273 -23.39 41.86 -22.65
C ASN B 273 -24.49 42.80 -23.17
N LYS B 274 -25.74 42.55 -22.80
CA LYS B 274 -26.88 43.39 -23.29
C LYS B 274 -27.58 44.00 -22.08
N GLU B 275 -26.82 44.54 -21.12
CA GLU B 275 -27.41 45.09 -19.86
C GLU B 275 -28.36 46.25 -20.17
N GLU B 276 -27.98 47.15 -21.09
CA GLU B 276 -28.79 48.37 -21.35
C GLU B 276 -30.16 48.02 -21.92
N LEU B 277 -30.19 47.21 -22.98
CA LEU B 277 -31.47 46.84 -23.63
C LEU B 277 -32.34 46.17 -22.56
N PHE B 278 -31.71 45.44 -21.65
CA PHE B 278 -32.44 44.69 -20.61
C PHE B 278 -33.11 45.64 -19.62
N ARG B 279 -32.34 46.61 -19.13
CA ARG B 279 -32.90 47.54 -18.11
C ARG B 279 -34.07 48.30 -18.75
N GLN B 280 -34.04 48.45 -20.08
CA GLN B 280 -35.06 49.25 -20.79
C GLN B 280 -36.41 48.55 -20.72
N MET B 281 -36.44 47.21 -20.82
CA MET B 281 -37.70 46.44 -20.76
C MET B 281 -38.41 46.70 -19.43
N ASN B 282 -37.79 47.44 -18.51
CA ASN B 282 -38.46 47.82 -17.24
C ASN B 282 -39.63 48.74 -17.56
N ILE B 283 -39.61 49.39 -18.73
CA ILE B 283 -40.73 50.28 -19.14
C ILE B 283 -41.19 49.94 -20.57
N ASP B 284 -42.51 49.98 -20.84
CA ASP B 284 -43.06 49.59 -22.17
C ASP B 284 -42.30 48.39 -22.73
N VAL B 285 -42.40 47.24 -22.05
CA VAL B 285 -41.62 46.01 -22.40
C VAL B 285 -41.56 45.78 -23.91
N LYS B 286 -42.65 46.12 -24.61
CA LYS B 286 -42.74 45.89 -26.07
C LYS B 286 -41.65 46.67 -26.81
N SER B 287 -41.11 47.74 -26.21
CA SER B 287 -40.11 48.53 -26.97
C SER B 287 -38.93 47.63 -27.36
N ALA B 288 -38.24 47.04 -26.37
CA ALA B 288 -37.02 46.25 -26.67
C ALA B 288 -37.36 44.93 -27.37
N ILE B 289 -38.32 44.15 -26.84
CA ILE B 289 -38.61 42.81 -27.42
C ILE B 289 -38.97 42.93 -28.91
N TYR B 290 -39.72 43.96 -29.32
CA TYR B 290 -40.19 44.01 -30.72
C TYR B 290 -39.11 44.51 -31.68
N ASP B 291 -39.18 44.07 -32.94
CA ASP B 291 -38.25 44.62 -33.98
C ASP B 291 -39.14 45.44 -34.93
N GLU B 292 -38.71 46.65 -35.32
CA GLU B 292 -39.57 47.59 -36.12
C GLU B 292 -40.05 47.02 -37.45
N GLU B 293 -39.16 46.73 -38.41
CA GLU B 293 -39.60 46.34 -39.78
C GLU B 293 -40.35 45.00 -39.76
N GLY B 294 -39.94 44.08 -38.89
CA GLY B 294 -40.64 42.78 -38.76
C GLY B 294 -41.57 42.78 -37.56
N LYS B 295 -41.65 41.66 -36.84
CA LYS B 295 -42.60 41.57 -35.70
C LYS B 295 -41.84 41.63 -34.38
N VAL B 296 -41.01 40.62 -34.09
CA VAL B 296 -40.31 40.55 -32.77
C VAL B 296 -38.82 40.26 -32.99
N LYS B 297 -37.97 40.56 -32.00
CA LYS B 297 -36.50 40.40 -32.16
C LYS B 297 -36.08 38.94 -31.93
N GLN B 298 -34.87 38.57 -32.34
CA GLN B 298 -34.36 37.18 -32.11
C GLN B 298 -33.85 37.05 -30.67
N ILE B 299 -33.86 35.84 -30.10
CA ILE B 299 -33.45 35.61 -28.69
C ILE B 299 -31.97 35.97 -28.48
N ASN B 300 -31.08 35.54 -29.39
CA ASN B 300 -29.62 35.74 -29.20
C ASN B 300 -29.23 37.21 -29.34
N ALA B 301 -30.12 38.06 -29.88
CA ALA B 301 -29.79 39.50 -29.86
C ALA B 301 -29.68 39.88 -28.39
N PHE B 302 -30.64 39.43 -27.57
CA PHE B 302 -30.63 39.75 -26.13
C PHE B 302 -29.61 38.88 -25.38
N LEU B 303 -29.46 37.61 -25.76
CA LEU B 303 -28.55 36.71 -25.00
C LEU B 303 -27.69 35.89 -25.98
N PRO B 304 -26.52 36.36 -26.49
CA PRO B 304 -25.75 35.55 -27.45
C PRO B 304 -25.20 34.28 -26.78
N THR B 305 -25.41 33.12 -27.40
CA THR B 305 -24.91 31.85 -26.83
C THR B 305 -23.38 31.91 -26.85
N LYS B 306 -22.84 32.88 -27.59
CA LYS B 306 -21.37 33.05 -27.62
C LYS B 306 -20.91 33.35 -26.21
N VAL B 307 -21.54 34.34 -25.57
CA VAL B 307 -21.11 34.77 -24.21
C VAL B 307 -21.98 34.06 -23.17
N CYS B 308 -23.03 33.37 -23.61
CA CYS B 308 -23.96 32.69 -22.66
C CYS B 308 -23.54 31.24 -22.49
N LYS B 309 -23.48 30.77 -21.25
CA LYS B 309 -23.18 29.33 -21.02
C LYS B 309 -24.49 28.70 -20.55
N PRO B 310 -25.05 27.62 -21.18
CA PRO B 310 -26.37 27.09 -20.79
C PRO B 310 -26.36 26.68 -19.33
N PHE B 311 -27.38 27.06 -18.57
CA PHE B 311 -27.45 26.77 -17.11
C PHE B 311 -27.16 25.28 -16.84
N GLU B 312 -27.95 24.37 -17.39
CA GLU B 312 -27.76 22.91 -17.07
C GLU B 312 -26.42 22.43 -17.62
N ASP B 313 -25.87 23.10 -18.63
CA ASP B 313 -24.50 22.71 -19.09
C ASP B 313 -23.49 23.13 -18.02
N VAL B 314 -23.61 24.36 -17.51
CA VAL B 314 -22.71 24.86 -16.44
C VAL B 314 -22.77 23.87 -15.27
N VAL B 315 -23.99 23.49 -14.85
CA VAL B 315 -24.14 22.53 -13.72
C VAL B 315 -24.10 21.07 -14.21
N GLY B 316 -22.89 20.51 -14.37
CA GLY B 316 -22.77 19.10 -14.79
C GLY B 316 -23.48 18.15 -13.85
N ASN B 317 -22.95 17.93 -12.64
CA ASN B 317 -23.67 17.06 -11.66
C ASN B 317 -23.54 17.62 -10.24
N LEU B 318 -23.87 18.90 -10.02
CA LEU B 318 -23.68 19.49 -8.67
C LEU B 318 -24.84 19.08 -7.76
N ASP B 319 -24.66 19.18 -6.44
CA ASP B 319 -25.69 18.74 -5.45
C ASP B 319 -26.60 19.91 -5.09
N ASN B 320 -26.48 20.49 -3.89
CA ASN B 320 -27.29 21.68 -3.52
C ASN B 320 -26.39 22.68 -2.78
N LYS B 321 -25.50 22.22 -1.92
CA LYS B 321 -24.56 23.20 -1.33
C LYS B 321 -23.66 23.60 -2.50
N SER B 322 -23.90 22.98 -3.65
CA SER B 322 -23.14 23.32 -4.88
C SER B 322 -24.10 23.62 -6.03
N LYS B 323 -25.42 23.54 -5.81
CA LYS B 323 -26.39 23.91 -6.87
C LYS B 323 -27.43 24.87 -6.28
N LEU B 324 -27.91 24.64 -5.06
CA LEU B 324 -28.79 25.67 -4.44
C LEU B 324 -27.90 26.88 -4.26
N GLN B 325 -26.61 26.68 -3.99
CA GLN B 325 -25.70 27.86 -3.91
C GLN B 325 -25.63 28.47 -5.31
N VAL B 326 -25.62 27.62 -6.34
CA VAL B 326 -25.56 28.09 -7.76
C VAL B 326 -26.92 28.67 -8.14
N ALA B 327 -27.87 28.61 -7.22
CA ALA B 327 -29.23 29.13 -7.52
C ALA B 327 -29.73 30.01 -6.38
N ARG B 328 -28.86 30.36 -5.42
CA ARG B 328 -29.28 31.25 -4.31
C ARG B 328 -28.13 32.21 -4.06
N GLU B 329 -26.96 31.68 -3.73
CA GLU B 329 -25.79 32.60 -3.60
C GLU B 329 -25.31 32.94 -5.02
N VAL B 330 -25.93 32.36 -6.05
CA VAL B 330 -25.57 32.72 -7.45
C VAL B 330 -26.81 33.35 -8.11
N ILE B 331 -28.00 32.96 -7.69
CA ILE B 331 -29.16 33.71 -8.28
C ILE B 331 -29.16 35.10 -7.63
N GLU B 332 -28.77 35.17 -6.36
CA GLU B 332 -28.65 36.50 -5.68
C GLU B 332 -27.17 36.72 -5.31
N ARG B 333 -26.29 36.79 -6.29
CA ARG B 333 -24.86 37.11 -5.98
C ARG B 333 -24.72 38.63 -5.87
N ASN B 334 -24.66 39.33 -7.01
CA ASN B 334 -24.57 40.82 -7.01
C ASN B 334 -25.62 41.37 -7.99
N ARG B 335 -26.64 40.57 -8.31
CA ARG B 335 -27.70 41.00 -9.26
C ARG B 335 -28.41 42.21 -8.68
N LYS B 336 -28.28 42.45 -7.37
CA LYS B 336 -29.05 43.56 -6.73
C LYS B 336 -28.72 44.90 -7.39
N ASP B 337 -27.46 45.10 -7.80
CA ASP B 337 -27.03 46.39 -8.42
C ASP B 337 -27.89 46.69 -9.65
N ILE B 338 -27.87 45.79 -10.64
CA ILE B 338 -28.65 45.99 -11.89
C ILE B 338 -29.51 44.75 -12.13
N PRO B 339 -30.63 44.51 -11.37
CA PRO B 339 -31.37 43.24 -11.50
C PRO B 339 -31.94 43.00 -12.89
N PHE B 340 -32.30 44.04 -13.63
CA PHE B 340 -32.99 43.87 -14.93
C PHE B 340 -32.08 43.13 -15.92
N GLY B 341 -30.76 43.21 -15.73
CA GLY B 341 -29.85 42.41 -16.56
C GLY B 341 -30.06 40.93 -16.29
N LEU B 342 -29.94 40.50 -15.03
CA LEU B 342 -30.13 39.07 -14.66
C LEU B 342 -31.61 38.69 -14.83
N LEU B 343 -32.53 39.63 -14.70
CA LEU B 343 -33.99 39.30 -14.73
C LEU B 343 -34.33 38.66 -16.08
N ILE B 344 -34.16 39.41 -17.16
CA ILE B 344 -34.55 38.90 -18.50
C ILE B 344 -33.68 37.69 -18.81
N TYR B 345 -32.50 37.60 -18.19
CA TYR B 345 -31.59 36.47 -18.50
C TYR B 345 -32.32 35.15 -18.24
N PHE B 346 -32.70 34.90 -16.98
CA PHE B 346 -33.31 33.59 -16.65
C PHE B 346 -34.66 33.47 -17.35
N VAL B 347 -35.24 34.62 -17.74
CA VAL B 347 -36.52 34.59 -18.51
C VAL B 347 -36.27 33.94 -19.88
N ASN B 348 -35.13 34.21 -20.53
CA ASN B 348 -34.93 33.65 -21.89
C ASN B 348 -33.95 32.48 -21.88
N LYS B 349 -33.23 32.29 -20.76
CA LYS B 349 -32.20 31.23 -20.74
C LYS B 349 -32.33 30.39 -19.46
N PHE B 350 -33.25 29.42 -19.48
CA PHE B 350 -33.31 28.44 -18.36
C PHE B 350 -32.61 27.21 -18.92
N SER B 351 -31.59 27.43 -19.76
CA SER B 351 -30.84 26.32 -20.41
C SER B 351 -31.70 25.56 -21.41
N LYS B 352 -31.60 24.23 -21.43
CA LYS B 352 -32.35 23.39 -22.41
C LYS B 352 -32.91 22.16 -21.69
N ASN B 353 -33.59 21.26 -22.41
CA ASN B 353 -34.22 20.04 -21.81
C ASN B 353 -35.38 20.47 -20.89
N GLU B 354 -35.07 21.05 -19.73
CA GLU B 354 -36.13 21.51 -18.78
C GLU B 354 -36.56 22.92 -19.20
N GLU B 355 -37.27 23.01 -20.32
CA GLU B 355 -37.76 24.33 -20.83
C GLU B 355 -38.89 24.78 -19.92
N ASP B 356 -39.14 24.04 -18.84
CA ASP B 356 -40.22 24.40 -17.88
C ASP B 356 -39.77 25.55 -16.98
N TYR B 357 -40.65 26.56 -16.92
CA TYR B 357 -40.55 27.62 -15.89
C TYR B 357 -41.79 27.30 -15.05
N ILE B 358 -41.69 26.52 -13.97
CA ILE B 358 -42.87 25.98 -13.19
C ILE B 358 -43.94 26.96 -12.71
N ARG B 359 -43.68 28.26 -12.62
CA ARG B 359 -44.69 29.18 -11.99
C ARG B 359 -45.78 29.56 -13.00
N LYS B 360 -46.48 30.71 -12.82
CA LYS B 360 -47.41 31.14 -13.90
C LYS B 360 -46.59 31.37 -15.18
N GLY B 361 -46.05 30.30 -15.78
CA GLY B 361 -45.19 30.53 -16.96
C GLY B 361 -46.03 30.69 -18.21
N LEU B 362 -46.20 31.93 -18.68
CA LEU B 362 -47.05 32.21 -19.87
C LEU B 362 -46.56 31.44 -21.09
N GLY B 363 -47.47 30.82 -21.83
CA GLY B 363 -47.10 30.00 -22.99
C GLY B 363 -46.46 30.83 -24.10
N ILE B 364 -46.70 32.15 -24.07
CA ILE B 364 -46.04 33.06 -25.05
C ILE B 364 -44.54 32.93 -24.82
N ASN B 365 -43.79 32.51 -25.83
CA ASN B 365 -42.35 32.29 -25.60
C ASN B 365 -41.65 33.64 -25.45
N GLU B 366 -42.08 34.67 -26.17
CA GLU B 366 -41.31 35.95 -26.15
C GLU B 366 -42.13 37.15 -25.68
N LYS B 367 -43.30 37.38 -26.26
CA LYS B 367 -44.13 38.57 -25.91
C LYS B 367 -44.76 38.37 -24.53
N SER B 368 -44.36 37.31 -23.83
CA SER B 368 -44.95 36.99 -22.51
C SER B 368 -44.84 38.20 -21.59
N LEU B 369 -43.69 38.86 -21.59
CA LEU B 369 -43.44 39.99 -20.64
C LEU B 369 -44.44 41.13 -20.83
N LYS B 370 -44.98 41.31 -22.05
CA LYS B 370 -45.90 42.46 -22.24
C LYS B 370 -47.23 42.13 -21.57
N TYR B 371 -47.59 40.85 -21.50
CA TYR B 371 -48.92 40.47 -20.94
C TYR B 371 -48.90 40.42 -19.40
N LEU B 372 -47.72 40.21 -18.81
CA LEU B 372 -47.57 40.04 -17.35
C LEU B 372 -47.77 41.34 -16.56
N LEU B 373 -47.52 41.30 -15.25
CA LEU B 373 -47.74 42.49 -14.38
C LEU B 373 -46.43 43.27 -14.15
N ASN B 374 -45.76 43.05 -13.00
CA ASN B 374 -44.56 43.87 -12.67
C ASN B 374 -43.49 43.05 -11.93
N ILE B 375 -42.60 43.73 -11.20
CA ILE B 375 -41.49 43.05 -10.45
C ILE B 375 -42.01 42.26 -9.25
N GLY B 376 -43.32 42.20 -9.06
CA GLY B 376 -43.86 41.33 -7.99
C GLY B 376 -43.66 39.87 -8.35
N ASP B 377 -43.69 39.55 -9.65
CA ASP B 377 -43.57 38.13 -10.11
C ASP B 377 -42.11 37.70 -10.17
N VAL B 378 -41.18 38.65 -9.95
CA VAL B 378 -39.73 38.31 -9.97
C VAL B 378 -39.50 37.28 -8.88
N GLN B 379 -40.20 37.43 -7.75
CA GLN B 379 -40.06 36.48 -6.62
C GLN B 379 -40.49 35.06 -7.04
N LYS B 380 -41.17 34.84 -8.18
CA LYS B 380 -41.68 33.51 -8.58
C LYS B 380 -40.55 32.75 -9.25
N ALA B 381 -39.65 33.47 -9.92
CA ALA B 381 -38.48 32.80 -10.52
C ALA B 381 -37.71 32.13 -9.38
N LEU B 382 -37.59 32.84 -8.26
CA LEU B 382 -36.83 32.32 -7.09
C LEU B 382 -37.63 31.20 -6.43
N ASP B 383 -38.94 31.14 -6.68
CA ASP B 383 -39.81 30.12 -6.03
C ASP B 383 -39.51 28.75 -6.61
N LYS B 384 -38.59 28.66 -7.57
CA LYS B 384 -38.19 27.32 -8.12
C LYS B 384 -37.50 26.52 -7.01
N ILE B 385 -36.86 27.20 -6.04
CA ILE B 385 -36.08 26.45 -5.01
C ILE B 385 -37.04 25.69 -4.09
N LEU B 386 -36.51 24.77 -3.28
CA LEU B 386 -37.33 23.93 -2.36
C LEU B 386 -38.19 22.94 -3.15
N GLU B 387 -39.37 23.37 -3.59
CA GLU B 387 -40.29 22.45 -4.31
C GLU B 387 -39.56 21.80 -5.48
N LEU B 388 -38.51 22.45 -6.01
CA LEU B 388 -37.84 21.89 -7.22
C LEU B 388 -36.32 21.93 -7.05
N LEU B 389 -35.78 22.92 -6.30
CA LEU B 389 -34.30 23.10 -6.26
C LEU B 389 -33.73 23.36 -4.87
N GLU B 390 -33.93 22.45 -3.91
CA GLU B 390 -33.27 22.57 -2.58
C GLU B 390 -33.23 21.16 -2.02
N LYS B 391 -33.27 20.15 -2.89
CA LYS B 391 -33.38 18.73 -2.42
C LYS B 391 -32.18 18.20 -1.64
N ARG B 392 -30.95 18.44 -2.09
CA ARG B 392 -29.77 17.78 -1.44
C ARG B 392 -29.33 18.43 -0.13
N TYR B 393 -30.26 18.69 0.79
CA TYR B 393 -29.85 19.14 2.14
C TYR B 393 -29.56 17.85 2.88
N ALA B 394 -29.75 16.72 2.19
CA ALA B 394 -29.55 15.37 2.74
C ALA B 394 -29.22 14.40 1.60
N GLU B 395 -27.94 14.06 1.41
CA GLU B 395 -27.54 13.09 0.37
C GLU B 395 -26.43 12.17 0.90
N GLN B 396 -25.18 12.64 0.91
CA GLN B 396 -24.04 11.83 1.41
C GLN B 396 -23.85 12.17 2.89
N SER B 397 -24.84 12.82 3.47
CA SER B 397 -24.78 13.13 4.92
C SER B 397 -24.61 11.82 5.66
N SER B 398 -25.32 10.78 5.22
CA SER B 398 -25.27 9.46 5.90
C SER B 398 -23.90 8.83 5.72
N ASP B 399 -23.29 9.02 4.55
CA ASP B 399 -21.93 8.50 4.31
C ASP B 399 -21.04 9.08 5.40
N LYS B 400 -21.15 10.39 5.59
CA LYS B 400 -20.36 11.05 6.65
C LYS B 400 -20.83 10.53 7.99
N THR B 401 -22.15 10.53 8.23
CA THR B 401 -22.72 10.14 9.55
C THR B 401 -22.06 8.87 10.07
N LEU B 402 -21.83 7.92 9.16
CA LEU B 402 -21.27 6.60 9.56
C LEU B 402 -20.06 6.80 10.46
N LEU B 403 -19.12 7.63 9.99
CA LEU B 403 -17.86 7.81 10.75
C LEU B 403 -18.21 8.43 12.10
N TYR B 404 -19.21 9.29 12.14
CA TYR B 404 -19.49 10.00 13.41
C TYR B 404 -20.06 9.01 14.43
N TYR B 405 -20.22 7.76 14.03
CA TYR B 405 -20.63 6.72 15.00
C TYR B 405 -19.56 5.63 15.02
N VAL B 406 -19.00 5.32 13.85
CA VAL B 406 -17.87 4.35 13.83
C VAL B 406 -16.58 5.06 14.24
N LYS B 407 -16.01 5.86 13.34
CA LYS B 407 -14.69 6.50 13.60
C LYS B 407 -14.73 7.39 14.84
N PHE B 408 -15.51 8.46 14.78
CA PHE B 408 -15.52 9.44 15.90
C PHE B 408 -16.48 8.95 16.98
N SER B 409 -15.96 8.18 17.94
CA SER B 409 -16.82 7.60 19.01
C SER B 409 -16.02 7.59 20.31
N SER B 410 -16.34 6.67 21.22
CA SER B 410 -15.66 6.61 22.56
C SER B 410 -15.47 8.05 23.03
N SER B 411 -16.57 8.78 23.16
CA SER B 411 -16.42 10.20 23.51
C SER B 411 -17.27 10.55 24.72
N GLY B 412 -16.90 11.62 25.42
CA GLY B 412 -17.79 12.11 26.50
C GLY B 412 -18.92 12.86 25.83
N ASN B 413 -18.98 12.83 24.49
CA ASN B 413 -20.07 13.50 23.75
C ASN B 413 -21.32 12.62 23.65
N ILE B 414 -22.33 13.06 22.89
CA ILE B 414 -23.57 12.27 22.73
C ILE B 414 -23.91 12.21 21.24
N ILE B 415 -24.64 11.17 20.82
CA ILE B 415 -25.01 11.00 19.39
C ILE B 415 -26.34 11.74 19.14
N ASP B 416 -26.28 12.83 18.38
CA ASP B 416 -27.51 13.56 18.01
C ASP B 416 -27.93 12.97 16.66
N ASP B 417 -27.18 11.98 16.19
CA ASP B 417 -27.40 11.43 14.83
C ASP B 417 -28.59 10.47 14.78
N LEU B 418 -29.20 10.33 13.59
CA LEU B 418 -30.41 9.50 13.39
C LEU B 418 -30.05 8.00 13.37
N PRO B 419 -31.01 7.03 13.29
CA PRO B 419 -30.64 5.62 13.13
C PRO B 419 -29.80 5.39 11.88
N LYS B 420 -28.65 4.73 12.07
CA LYS B 420 -27.81 4.35 10.90
C LYS B 420 -28.71 3.49 10.03
N ILE B 421 -29.89 3.09 10.52
CA ILE B 421 -30.83 2.33 9.65
C ILE B 421 -31.37 3.29 8.59
N THR B 422 -30.55 3.58 7.59
CA THR B 422 -30.97 4.49 6.51
C THR B 422 -30.85 3.51 5.35
N ASP B 423 -30.45 2.27 5.69
CA ASP B 423 -30.23 1.32 4.58
C ASP B 423 -31.55 1.11 3.84
N ARG B 424 -31.50 1.14 2.51
CA ARG B 424 -32.73 0.97 1.67
C ARG B 424 -33.81 1.92 2.18
N VAL B 477 -13.57 1.69 -0.83
CA VAL B 477 -13.72 2.96 -1.59
C VAL B 477 -14.39 3.99 -0.68
N CYS B 478 -13.71 5.10 -0.45
CA CYS B 478 -14.28 6.14 0.44
C CYS B 478 -14.69 7.28 -0.47
N PRO B 479 -15.98 7.68 -0.59
CA PRO B 479 -16.31 8.86 -1.38
C PRO B 479 -15.78 10.05 -0.59
N ILE B 480 -15.36 9.82 0.65
CA ILE B 480 -14.85 10.92 1.52
C ILE B 480 -13.47 11.27 0.99
N CYS B 481 -12.79 10.29 0.41
CA CYS B 481 -11.39 10.53 -0.07
C CYS B 481 -11.43 11.49 -1.26
N ILE B 482 -12.62 11.74 -1.82
CA ILE B 482 -12.74 12.61 -3.02
C ILE B 482 -12.31 14.02 -2.60
N TYR B 483 -12.83 14.49 -1.47
CA TYR B 483 -12.43 15.83 -0.96
C TYR B 483 -10.94 15.79 -0.70
N GLU B 484 -10.46 14.67 -0.14
CA GLU B 484 -9.03 14.55 0.19
C GLU B 484 -8.21 14.57 -1.10
N ALA B 485 -8.74 13.98 -2.17
CA ALA B 485 -8.01 13.92 -3.45
C ALA B 485 -7.96 15.34 -4.02
N ASN B 486 -9.08 16.04 -3.98
CA ASN B 486 -9.11 17.45 -4.45
C ASN B 486 -8.05 18.22 -3.65
N LEU B 487 -7.88 17.87 -2.38
CA LEU B 487 -6.95 18.65 -1.53
C LEU B 487 -5.52 18.27 -1.90
N MET B 488 -5.26 16.97 -2.09
CA MET B 488 -3.87 16.49 -2.34
C MET B 488 -3.43 16.93 -3.74
N LYS B 489 -4.30 17.65 -4.45
CA LYS B 489 -3.91 18.18 -5.78
C LYS B 489 -2.89 19.32 -5.57
N ASP B 490 -3.27 20.34 -4.81
CA ASP B 490 -2.38 21.52 -4.59
C ASP B 490 -2.46 21.99 -3.14
N ARG B 491 -3.67 22.02 -2.56
CA ARG B 491 -3.84 22.53 -1.18
C ARG B 491 -2.97 21.71 -0.23
N VAL B 492 -2.92 20.40 -0.43
CA VAL B 492 -2.02 19.53 0.38
C VAL B 492 -1.32 18.61 -0.59
N LYS B 493 -0.48 19.17 -1.48
CA LYS B 493 0.27 18.35 -2.47
C LYS B 493 1.45 17.64 -1.80
N PRO B 494 1.88 16.41 -2.21
CA PRO B 494 3.06 15.72 -1.65
C PRO B 494 4.39 16.40 -1.99
N PRO B 495 5.59 15.94 -1.49
CA PRO B 495 5.82 15.16 -0.21
C PRO B 495 5.42 15.82 1.11
N TYR B 496 5.69 15.14 2.23
CA TYR B 496 5.25 15.65 3.54
C TYR B 496 6.28 15.30 4.61
N PHE B 497 6.38 16.12 5.66
CA PHE B 497 7.27 15.81 6.80
C PHE B 497 6.39 15.56 8.03
N ILE B 498 6.31 14.32 8.49
CA ILE B 498 5.42 13.97 9.63
C ILE B 498 6.24 13.93 10.92
N VAL B 499 5.88 14.70 11.94
CA VAL B 499 6.60 14.61 13.24
C VAL B 499 5.64 14.17 14.35
N THR B 500 6.00 13.11 15.07
CA THR B 500 5.14 12.59 16.17
C THR B 500 5.64 13.16 17.49
N PHE B 501 4.84 13.02 18.55
CA PHE B 501 5.21 13.51 19.90
C PHE B 501 4.85 12.44 20.92
N TYR B 502 5.79 12.10 21.81
CA TYR B 502 5.54 11.01 22.79
C TYR B 502 5.62 11.56 24.21
N PRO B 503 4.62 11.28 25.14
CA PRO B 503 3.33 10.58 24.88
C PRO B 503 2.29 11.44 24.17
N GLY B 504 2.37 12.76 24.31
CA GLY B 504 1.42 13.69 23.65
C GLY B 504 1.94 15.11 23.69
N VAL B 505 1.12 16.09 23.28
CA VAL B 505 1.61 17.50 23.18
C VAL B 505 0.45 18.47 23.46
N PRO B 506 0.62 19.60 24.23
CA PRO B 506 -0.50 20.48 24.54
C PRO B 506 -1.10 21.15 23.30
N ILE B 507 -2.42 21.09 23.17
CA ILE B 507 -3.14 21.69 22.01
C ILE B 507 -2.84 23.19 22.02
N SER B 508 -2.67 23.76 23.21
CA SER B 508 -2.43 25.22 23.32
C SER B 508 -1.12 25.56 22.62
N LEU B 509 -0.25 24.57 22.45
CA LEU B 509 1.08 24.85 21.83
C LEU B 509 1.01 24.44 20.36
N LEU B 510 0.06 23.59 20.01
CA LEU B 510 -0.02 23.05 18.63
C LEU B 510 -0.52 24.11 17.65
N ASN B 511 -1.15 25.17 18.15
CA ASN B 511 -1.72 26.18 17.22
C ASN B 511 -0.81 27.41 17.17
N ILE B 512 0.46 27.28 17.55
CA ILE B 512 1.34 28.48 17.65
C ILE B 512 2.61 28.34 16.82
N ILE B 513 3.38 27.25 16.99
CA ILE B 513 4.70 27.12 16.29
C ILE B 513 4.58 27.26 14.77
N ASP B 514 5.43 28.12 14.17
CA ASP B 514 5.46 28.29 12.68
C ASP B 514 6.92 28.31 12.24
N PHE B 515 7.17 28.49 10.93
CA PHE B 515 8.57 28.55 10.42
C PHE B 515 8.65 29.45 9.19
N ASP B 516 9.77 30.16 9.00
CA ASP B 516 9.97 30.99 7.78
C ASP B 516 11.42 30.83 7.31
N PHE B 517 11.66 29.90 6.39
CA PHE B 517 13.06 29.60 5.98
C PHE B 517 13.38 30.40 4.72
N SER B 518 12.45 31.24 4.26
CA SER B 518 12.67 31.96 2.99
C SER B 518 13.98 32.76 3.03
N GLN B 519 14.12 33.68 3.99
CA GLN B 519 15.30 34.58 3.99
C GLN B 519 16.55 33.83 4.43
N SER B 520 16.50 33.13 5.58
CA SER B 520 17.71 32.50 6.16
C SER B 520 18.29 31.37 5.31
N SER B 521 17.45 30.47 4.78
CA SER B 521 17.89 29.28 4.00
C SER B 521 18.46 28.22 4.96
N ILE B 522 19.31 27.31 4.48
CA ILE B 522 19.86 26.22 5.33
C ILE B 522 21.04 26.76 6.15
N LYS B 523 20.81 27.13 7.41
CA LYS B 523 21.92 27.59 8.30
C LYS B 523 22.05 26.61 9.47
N TYR B 524 23.26 26.11 9.73
CA TYR B 524 23.38 25.00 10.73
C TYR B 524 24.31 25.33 11.88
N TYR B 525 25.04 26.45 11.82
CA TYR B 525 26.01 26.69 12.92
C TYR B 525 25.27 26.68 14.26
N ILE B 526 25.51 25.67 15.08
CA ILE B 526 24.93 25.66 16.46
C ILE B 526 26.04 25.28 17.42
N ASP B 527 26.25 26.09 18.46
CA ASP B 527 27.28 25.75 19.48
C ASP B 527 26.60 24.98 20.61
N GLU B 528 27.35 24.15 21.32
CA GLU B 528 26.75 23.30 22.39
C GLU B 528 26.22 24.15 23.54
N GLU B 529 27.09 24.85 24.26
CA GLU B 529 26.63 25.62 25.45
C GLU B 529 26.71 27.13 25.18
N LYS B 530 27.33 27.54 24.07
CA LYS B 530 27.47 29.01 23.84
C LYS B 530 26.09 29.59 23.57
N ASP B 531 25.41 29.11 22.52
CA ASP B 531 24.08 29.66 22.16
C ASP B 531 22.99 28.95 22.98
N THR B 532 21.87 29.63 23.23
CA THR B 532 20.77 29.04 24.06
C THR B 532 19.74 28.36 23.17
N TYR B 533 18.68 27.81 23.75
CA TYR B 533 17.69 27.07 22.94
C TYR B 533 16.97 28.05 22.00
N PHE B 534 16.52 29.19 22.54
CA PHE B 534 15.73 30.14 21.69
C PHE B 534 16.59 30.64 20.54
N THR B 535 17.85 31.00 20.83
CA THR B 535 18.67 31.58 19.76
C THR B 535 18.72 30.59 18.60
N ALA B 536 18.92 29.31 18.93
CA ALA B 536 19.04 28.27 17.89
C ALA B 536 17.71 28.18 17.14
N PHE B 537 16.61 28.21 17.88
CA PHE B 537 15.27 28.10 17.25
C PHE B 537 15.13 29.25 16.26
N GLU B 538 15.50 30.45 16.70
CA GLU B 538 15.34 31.64 15.83
C GLU B 538 16.28 31.52 14.64
N LYS B 539 17.48 30.99 14.89
CA LYS B 539 18.51 30.87 13.81
C LYS B 539 17.98 29.91 12.75
N MET B 540 17.27 28.87 13.19
CA MET B 540 16.73 27.86 12.25
C MET B 540 15.66 28.51 11.37
N GLY B 541 15.22 29.71 11.73
CA GLY B 541 14.16 30.37 10.95
C GLY B 541 12.79 30.08 11.54
N GLY B 542 12.74 29.36 12.66
CA GLY B 542 11.47 29.07 13.33
C GLY B 542 10.83 30.34 13.86
N ARG B 543 9.50 30.45 13.81
CA ARG B 543 8.81 31.69 14.26
C ARG B 543 7.67 31.34 15.21
N LEU B 544 7.24 32.29 16.03
CA LEU B 544 6.13 32.04 16.99
C LEU B 544 4.93 32.93 16.60
N GLU B 545 4.26 32.62 15.49
CA GLU B 545 3.12 33.45 15.01
C GLU B 545 1.80 32.83 15.49
N PRO B 546 0.89 33.54 16.20
CA PRO B 546 -0.33 32.91 16.76
C PRO B 546 -1.19 32.28 15.66
N TYR B 547 -1.45 33.03 14.59
CA TYR B 547 -2.21 32.47 13.45
C TYR B 547 -1.20 31.77 12.55
N VAL B 548 -0.74 30.58 12.95
CA VAL B 548 0.31 29.84 12.19
C VAL B 548 -0.22 29.54 10.78
N LYS B 549 0.61 29.74 9.74
CA LYS B 549 0.13 29.55 8.36
C LYS B 549 0.90 28.43 7.65
N LYS B 550 2.16 28.19 8.03
CA LYS B 550 2.97 27.19 7.28
C LYS B 550 2.95 25.81 7.94
N VAL B 551 2.22 25.66 9.04
CA VAL B 551 2.21 24.36 9.76
C VAL B 551 0.77 23.84 9.77
N LEU B 552 0.55 22.60 9.31
CA LEU B 552 -0.81 22.00 9.30
C LEU B 552 -0.89 20.95 10.41
N PRO B 553 -1.52 21.22 11.60
CA PRO B 553 -1.51 20.26 12.70
C PRO B 553 -2.73 19.33 12.79
N ALA B 554 -2.50 18.02 12.77
CA ALA B 554 -3.61 17.07 13.00
C ALA B 554 -3.72 16.97 14.52
N TYR B 555 -4.37 17.96 15.13
CA TYR B 555 -4.42 18.06 16.61
C TYR B 555 -4.72 16.71 17.25
N PHE B 556 -5.88 16.12 16.91
CA PHE B 556 -6.33 14.88 17.59
C PHE B 556 -5.38 13.70 17.37
N SER B 557 -4.35 13.86 16.54
CA SER B 557 -3.48 12.69 16.27
C SER B 557 -2.16 12.84 17.03
N SER B 558 -2.05 13.85 17.91
CA SER B 558 -0.80 14.13 18.65
C SER B 558 0.41 14.16 17.71
N LYS B 559 0.17 14.50 16.43
CA LYS B 559 1.28 14.61 15.45
C LYS B 559 1.03 15.84 14.57
N VAL B 560 2.06 16.30 13.86
CA VAL B 560 1.88 17.45 12.92
C VAL B 560 2.53 17.12 11.57
N ILE B 561 1.90 17.52 10.46
CA ILE B 561 2.46 17.24 9.11
C ILE B 561 2.92 18.56 8.49
N ILE B 562 3.99 18.55 7.72
CA ILE B 562 4.51 19.78 7.05
C ILE B 562 4.54 19.53 5.54
N LYS B 563 3.82 20.32 4.77
CA LYS B 563 3.87 20.18 3.28
C LYS B 563 5.27 20.55 2.79
N ALA B 564 5.84 19.72 1.91
CA ALA B 564 7.22 19.98 1.42
C ALA B 564 7.25 21.22 0.55
N SER B 565 6.09 21.60 0.00
CA SER B 565 6.06 22.75 -0.95
C SER B 565 6.31 24.06 -0.20
N GLU B 566 6.11 24.07 1.12
CA GLU B 566 6.46 25.29 1.89
C GLU B 566 7.98 25.28 2.11
N VAL B 567 8.58 24.09 2.17
CA VAL B 567 10.04 24.00 2.49
C VAL B 567 10.90 24.35 1.27
N SER B 568 10.56 23.86 0.08
CA SER B 568 11.43 24.11 -1.10
C SER B 568 10.60 24.41 -2.34
N ASN B 569 11.19 25.09 -3.32
CA ASN B 569 10.50 25.36 -4.60
C ASN B 569 11.12 24.42 -5.63
N PHE B 570 11.84 23.40 -5.15
CA PHE B 570 12.50 22.44 -6.05
C PHE B 570 11.42 21.66 -6.79
N SER B 571 11.69 21.25 -8.03
CA SER B 571 10.71 20.36 -8.71
C SER B 571 10.69 19.04 -7.92
N LEU B 572 9.51 18.54 -7.54
CA LEU B 572 9.47 17.31 -6.69
C LEU B 572 8.55 16.25 -7.30
N SER B 573 8.88 14.97 -7.10
CA SER B 573 8.09 13.87 -7.73
C SER B 573 6.76 13.67 -7.01
N THR B 574 5.87 12.85 -7.57
CA THR B 574 4.60 12.53 -6.86
C THR B 574 4.90 11.76 -5.58
N ARG B 575 5.59 10.62 -5.67
CA ARG B 575 5.88 9.80 -4.48
C ARG B 575 7.19 10.27 -3.84
N LEU B 576 7.90 9.37 -3.14
CA LEU B 576 9.18 9.74 -2.49
C LEU B 576 10.33 8.93 -3.10
N SER B 577 11.02 9.49 -4.10
CA SER B 577 12.20 8.79 -4.67
C SER B 577 13.36 8.90 -3.68
N LYS B 578 14.21 7.88 -3.62
CA LYS B 578 15.39 7.93 -2.72
C LYS B 578 16.26 9.11 -3.17
N SER B 579 16.33 9.35 -4.48
CA SER B 579 17.19 10.45 -4.99
C SER B 579 16.73 11.77 -4.37
N GLU B 580 15.44 12.10 -4.52
CA GLU B 580 14.96 13.42 -4.03
C GLU B 580 14.88 13.39 -2.51
N LEU B 581 14.75 12.20 -1.93
CA LEU B 581 14.58 12.11 -0.45
C LEU B 581 15.83 12.71 0.18
N ASN B 582 16.98 12.45 -0.45
CA ASN B 582 18.25 12.96 0.10
C ASN B 582 18.15 14.48 0.21
N LYS B 583 17.56 15.13 -0.79
CA LYS B 583 17.51 16.62 -0.79
C LYS B 583 16.70 17.13 0.39
N LEU B 584 15.70 16.37 0.86
CA LEU B 584 14.80 16.91 1.91
C LEU B 584 15.42 16.71 3.30
N LEU B 585 16.38 15.81 3.40
CA LEU B 585 16.98 15.48 4.73
C LEU B 585 17.60 16.67 5.47
N PRO B 586 18.33 17.66 4.88
CA PRO B 586 18.94 18.73 5.69
C PRO B 586 17.93 19.53 6.52
N TYR B 587 16.70 19.69 6.03
CA TYR B 587 15.73 20.55 6.73
C TYR B 587 15.14 19.83 7.93
N ALA B 588 15.20 18.49 7.93
CA ALA B 588 14.55 17.69 8.99
C ALA B 588 15.02 18.00 10.41
N PRO B 589 16.34 17.95 10.78
CA PRO B 589 16.74 18.11 12.18
C PRO B 589 16.34 19.48 12.72
N MET B 590 16.37 20.49 11.85
CA MET B 590 15.98 21.85 12.27
C MET B 590 14.54 21.75 12.75
N ILE B 591 13.69 21.13 11.95
CA ILE B 591 12.25 20.99 12.30
C ILE B 591 12.19 20.28 13.66
N SER B 592 12.93 19.19 13.79
CA SER B 592 12.87 18.40 15.04
C SER B 592 13.22 19.34 16.18
N MET B 593 14.35 20.05 16.04
CA MET B 593 14.83 20.95 17.12
C MET B 593 13.77 22.01 17.41
N ILE B 594 13.16 22.56 16.35
CA ILE B 594 12.14 23.64 16.50
C ILE B 594 10.97 23.04 17.27
N PHE B 595 10.73 21.75 17.07
CA PHE B 595 9.63 21.08 17.79
C PHE B 595 10.20 20.42 19.04
N LEU B 596 11.16 21.07 19.69
CA LEU B 596 11.79 20.53 20.93
C LEU B 596 12.27 19.10 20.71
N THR B 597 13.25 18.89 19.83
CA THR B 597 13.86 17.54 19.63
C THR B 597 12.79 16.45 19.64
N SER B 598 11.90 16.45 18.65
CA SER B 598 10.83 15.43 18.60
C SER B 598 11.03 14.53 17.38
N PRO B 599 10.70 13.21 17.38
CA PRO B 599 10.98 12.36 16.21
C PRO B 599 10.24 12.80 14.94
N VAL B 600 10.94 12.83 13.80
CA VAL B 600 10.30 13.20 12.51
C VAL B 600 10.43 12.02 11.54
N LEU B 601 9.52 11.91 10.58
CA LEU B 601 9.60 10.86 9.54
C LEU B 601 9.25 11.51 8.20
N ILE B 602 10.05 11.23 7.15
CA ILE B 602 9.73 11.76 5.79
C ILE B 602 9.06 10.66 4.98
N SER B 603 7.85 10.88 4.49
CA SER B 603 7.13 9.78 3.81
C SER B 603 6.19 10.28 2.70
N SER B 604 5.93 9.43 1.70
CA SER B 604 5.00 9.81 0.60
C SER B 604 3.56 9.82 1.11
N ASN B 605 3.22 8.98 2.08
CA ASN B 605 1.81 8.91 2.56
C ASN B 605 1.76 9.27 4.05
N LEU B 606 0.93 10.26 4.40
CA LEU B 606 0.90 10.76 5.79
C LEU B 606 0.56 9.60 6.72
N TYR B 607 -0.27 8.68 6.24
CA TYR B 607 -0.74 7.58 7.12
C TYR B 607 0.42 6.66 7.46
N GLU B 608 1.60 6.89 6.87
CA GLU B 608 2.76 6.05 7.28
C GLU B 608 3.05 6.32 8.76
N MET B 609 3.28 5.26 9.54
CA MET B 609 3.50 5.44 11.00
C MET B 609 4.98 5.26 11.33
N PRO B 610 5.63 6.01 12.27
CA PRO B 610 7.02 5.70 12.66
C PRO B 610 7.08 4.39 13.46
N ILE B 611 8.22 3.70 13.43
CA ILE B 611 8.31 2.38 14.13
C ILE B 611 9.22 2.47 15.36
N ALA B 612 10.35 3.17 15.23
CA ALA B 612 11.37 3.21 16.31
C ALA B 612 10.88 3.89 17.59
N HIS B 613 11.16 3.28 18.76
CA HIS B 613 10.80 3.92 20.05
C HIS B 613 11.97 3.79 21.04
N GLU B 614 13.14 4.31 20.67
CA GLU B 614 14.32 4.17 21.56
C GLU B 614 14.23 5.25 22.64
N ARG B 615 15.16 5.23 23.61
CA ARG B 615 15.19 6.31 24.63
C ARG B 615 15.62 7.59 23.93
N VAL B 616 15.92 7.50 22.63
CA VAL B 616 16.44 8.67 21.87
C VAL B 616 15.58 8.92 20.63
N ILE B 617 15.70 10.11 20.04
CA ILE B 617 14.83 10.47 18.88
C ILE B 617 15.24 9.69 17.65
N SER B 618 14.30 9.45 16.74
CA SER B 618 14.60 8.61 15.55
C SER B 618 14.04 9.23 14.27
N ILE B 619 14.87 10.00 13.54
CA ILE B 619 14.41 10.53 12.22
C ILE B 619 14.39 9.36 11.25
N THR B 620 13.29 9.15 10.54
CA THR B 620 13.17 7.93 9.69
C THR B 620 12.61 8.26 8.30
N SER B 621 12.52 7.25 7.42
CA SER B 621 11.93 7.45 6.08
C SER B 621 11.22 6.17 5.66
N THR B 622 10.67 6.13 4.46
CA THR B 622 10.07 4.88 3.95
C THR B 622 11.20 3.85 3.92
N TYR B 623 12.38 4.29 3.51
CA TYR B 623 13.57 3.40 3.46
C TYR B 623 14.68 3.99 4.32
N ASN B 624 14.95 3.36 5.47
CA ASN B 624 15.95 3.93 6.42
C ASN B 624 17.37 3.70 5.93
N TYR B 625 18.33 4.37 6.58
CA TYR B 625 19.77 4.20 6.21
C TYR B 625 20.61 4.09 7.50
N THR B 626 21.76 3.42 7.41
CA THR B 626 22.61 3.17 8.60
C THR B 626 23.20 4.48 9.11
N PHE B 627 23.42 5.44 8.20
CA PHE B 627 23.94 6.76 8.64
C PHE B 627 22.80 7.51 9.36
N MET B 628 21.58 7.04 9.17
CA MET B 628 20.40 7.71 9.80
C MET B 628 20.10 6.98 11.11
N LYS B 629 21.04 6.15 11.57
CA LYS B 629 20.75 5.34 12.79
C LYS B 629 20.79 6.24 14.02
N SER B 630 20.00 5.90 15.04
CA SER B 630 19.95 6.71 16.29
C SER B 630 21.18 6.46 17.18
N LEU B 631 21.97 7.50 17.47
CA LEU B 631 23.14 7.37 18.36
C LEU B 631 22.67 7.37 19.82
N ASN B 632 23.59 7.22 20.77
CA ASN B 632 23.18 7.09 22.20
C ASN B 632 22.57 8.40 22.72
N SER B 633 22.79 9.52 22.02
CA SER B 633 22.29 10.80 22.57
C SER B 633 21.60 11.62 21.48
N ASN B 634 20.57 12.38 21.86
CA ASN B 634 19.88 13.27 20.90
C ASN B 634 20.91 14.27 20.37
N LEU B 635 21.83 14.72 21.22
CA LEU B 635 22.81 15.74 20.79
C LEU B 635 23.58 15.20 19.58
N LEU B 636 24.14 13.98 19.72
CA LEU B 636 24.96 13.39 18.65
C LEU B 636 24.12 13.17 17.40
N THR B 637 22.91 12.63 17.57
CA THR B 637 22.08 12.30 16.38
C THR B 637 21.91 13.55 15.54
N LEU B 638 21.43 14.64 16.16
CA LEU B 638 21.11 15.86 15.38
C LEU B 638 22.36 16.28 14.62
N TYR B 639 23.48 16.30 15.31
CA TYR B 639 24.74 16.77 14.69
C TYR B 639 25.03 15.94 13.43
N SER B 640 24.62 14.68 13.44
CA SER B 640 24.94 13.82 12.28
C SER B 640 24.16 14.33 11.08
N ILE B 641 22.89 14.67 11.29
CA ILE B 641 22.04 15.16 10.17
C ILE B 641 22.45 16.61 9.89
N PHE B 642 22.82 17.34 10.92
CA PHE B 642 23.31 18.73 10.71
C PHE B 642 24.59 18.64 9.88
N ALA B 643 25.28 17.50 9.98
CA ALA B 643 26.51 17.31 9.20
C ALA B 643 26.13 17.15 7.74
N TYR B 644 25.06 16.41 7.48
CA TYR B 644 24.59 16.29 6.08
C TYR B 644 24.19 17.68 5.61
N SER B 645 23.57 18.46 6.50
CA SER B 645 23.12 19.82 6.13
C SER B 645 24.33 20.61 5.65
N ALA B 646 25.44 20.48 6.38
CA ALA B 646 26.67 21.23 6.01
C ALA B 646 27.13 20.78 4.63
N LYS B 647 27.17 19.46 4.40
CA LYS B 647 27.69 18.94 3.12
C LYS B 647 26.74 19.34 2.00
N TYR B 648 25.45 19.45 2.30
CA TYR B 648 24.43 19.78 1.27
C TYR B 648 24.77 21.16 0.71
N ASP B 649 25.09 22.10 1.60
CA ASP B 649 25.40 23.48 1.17
C ASP B 649 26.59 23.43 0.21
N ALA B 650 27.62 22.66 0.58
CA ALA B 650 28.85 22.64 -0.23
C ALA B 650 28.54 22.03 -1.59
N MET B 651 27.89 20.87 -1.60
CA MET B 651 27.62 20.17 -2.87
C MET B 651 26.76 21.08 -3.74
N ARG B 652 25.91 21.88 -3.11
CA ARG B 652 24.98 22.74 -3.89
C ARG B 652 25.83 23.68 -4.75
N LYS B 653 26.85 24.28 -4.15
CA LYS B 653 27.72 25.23 -4.91
C LYS B 653 28.49 24.46 -5.97
N ILE B 654 28.95 23.24 -5.66
CA ILE B 654 29.83 22.52 -6.62
C ILE B 654 29.05 21.98 -7.81
N CYS B 655 28.18 21.00 -7.60
CA CYS B 655 27.53 20.36 -8.72
C CYS B 655 26.52 21.32 -9.31
N GLY B 656 26.33 21.22 -10.63
CA GLY B 656 25.27 22.03 -11.27
C GLY B 656 23.94 21.44 -10.88
N ARG B 657 22.85 22.19 -11.05
CA ARG B 657 21.53 21.68 -10.61
C ARG B 657 21.35 20.29 -11.21
N SER B 658 21.72 20.13 -12.48
CA SER B 658 21.54 18.83 -13.18
C SER B 658 22.42 17.74 -12.55
N ASP B 659 23.73 17.99 -12.46
CA ASP B 659 24.66 16.93 -11.98
C ASP B 659 24.42 16.63 -10.50
N LEU B 660 23.71 17.50 -9.78
CA LEU B 660 23.50 17.31 -8.32
C LEU B 660 22.80 15.97 -8.08
N ASP B 661 21.80 15.63 -8.89
CA ASP B 661 21.03 14.39 -8.65
C ASP B 661 22.03 13.22 -8.55
N ASN B 662 22.86 13.06 -9.58
CA ASN B 662 23.83 11.93 -9.61
C ASN B 662 24.90 12.16 -8.55
N CYS B 663 25.33 13.41 -8.36
CA CYS B 663 26.39 13.72 -7.37
C CYS B 663 25.93 13.15 -6.03
N LEU B 664 24.71 13.48 -5.63
CA LEU B 664 24.23 13.07 -4.30
C LEU B 664 24.12 11.55 -4.26
N GLY B 665 23.79 10.95 -5.40
CA GLY B 665 23.63 9.48 -5.44
C GLY B 665 24.82 8.82 -4.77
N TYR B 666 26.03 9.18 -5.20
CA TYR B 666 27.23 8.51 -4.65
C TYR B 666 27.48 8.99 -3.22
N LEU B 667 27.26 10.27 -2.96
CA LEU B 667 27.56 10.79 -1.60
C LEU B 667 26.78 9.95 -0.60
N THR B 668 25.49 9.77 -0.86
CA THR B 668 24.61 9.02 0.08
C THR B 668 25.18 7.62 0.29
N GLU B 669 25.38 6.89 -0.80
CA GLU B 669 25.87 5.49 -0.68
C GLU B 669 27.12 5.52 0.18
N GLU B 670 28.04 6.43 -0.13
CA GLU B 670 29.35 6.44 0.58
C GLU B 670 29.12 6.78 2.05
N MET B 671 28.31 7.79 2.33
CA MET B 671 28.11 8.19 3.74
C MET B 671 27.65 6.95 4.48
N ASP B 672 26.66 6.26 3.91
CA ASP B 672 26.10 5.04 4.55
C ASP B 672 27.17 3.96 4.62
N LEU B 673 27.86 3.71 3.51
CA LEU B 673 28.86 2.61 3.48
C LEU B 673 29.88 2.84 4.59
N TYR B 674 30.35 4.07 4.75
CA TYR B 674 31.43 4.30 5.75
C TYR B 674 30.84 4.26 7.15
N SER B 675 29.63 4.81 7.29
CA SER B 675 28.98 4.86 8.63
C SER B 675 28.68 3.44 9.10
N SER B 676 28.66 2.48 8.17
CA SER B 676 28.27 1.11 8.54
C SER B 676 29.18 0.62 9.67
N VAL B 677 30.47 0.97 9.60
CA VAL B 677 31.42 0.51 10.63
C VAL B 677 31.53 1.55 11.75
N ASP B 678 31.92 2.79 11.43
CA ASP B 678 31.93 3.82 12.50
C ASP B 678 31.14 5.03 12.01
N PRO B 679 30.23 5.63 12.83
CA PRO B 679 29.51 6.83 12.41
C PRO B 679 30.51 7.92 12.02
N ALA B 680 31.63 8.02 12.72
CA ALA B 680 32.61 9.10 12.44
C ALA B 680 33.09 8.94 11.00
N LEU B 681 33.26 7.69 10.56
CA LEU B 681 33.66 7.46 9.15
C LEU B 681 32.57 8.07 8.29
N GLY B 682 31.31 7.80 8.64
CA GLY B 682 30.18 8.38 7.91
C GLY B 682 30.23 9.89 7.91
N VAL B 683 30.64 10.49 9.05
CA VAL B 683 30.64 11.97 9.16
C VAL B 683 31.65 12.49 8.15
N LEU B 684 32.76 11.78 7.98
CA LEU B 684 33.83 12.30 7.09
C LEU B 684 33.56 11.92 5.65
N SER B 685 32.55 11.09 5.38
CA SER B 685 32.36 10.61 3.98
C SER B 685 31.91 11.72 3.03
N ILE B 686 32.75 12.07 2.06
CA ILE B 686 32.37 13.08 1.03
C ILE B 686 32.58 12.40 -0.32
N GLY B 687 33.49 11.42 -0.38
CA GLY B 687 33.78 10.72 -1.65
C GLY B 687 35.28 10.60 -1.82
N MET B 688 35.87 11.44 -2.67
CA MET B 688 37.34 11.47 -2.89
C MET B 688 37.88 10.26 -3.67
N GLY B 689 37.76 9.04 -3.12
CA GLY B 689 38.33 7.85 -3.76
C GLY B 689 37.86 7.68 -5.19
N VAL B 690 36.55 7.44 -5.38
CA VAL B 690 35.98 7.30 -6.74
C VAL B 690 34.69 8.10 -6.79
N GLY B 691 34.07 8.22 -7.97
CA GLY B 691 32.77 8.90 -8.10
C GLY B 691 32.86 10.38 -8.42
N THR B 692 32.91 11.23 -7.39
CA THR B 692 32.88 12.71 -7.57
C THR B 692 34.11 13.23 -8.32
N PRO B 693 34.07 14.41 -9.01
CA PRO B 693 35.26 14.98 -9.64
C PRO B 693 36.45 14.97 -8.69
N ILE B 694 37.54 14.33 -9.08
CA ILE B 694 38.77 14.34 -8.23
C ILE B 694 39.34 15.76 -8.27
N ASP B 695 38.56 16.71 -8.79
CA ASP B 695 39.04 18.12 -8.92
C ASP B 695 39.16 18.72 -7.52
N THR B 696 40.36 18.68 -6.94
CA THR B 696 40.58 19.17 -5.56
C THR B 696 40.22 20.65 -5.42
N ASP B 697 40.87 21.54 -6.18
CA ASP B 697 40.60 22.98 -6.00
C ASP B 697 39.11 23.25 -6.25
N GLU B 698 38.55 22.58 -7.26
CA GLU B 698 37.12 22.80 -7.61
C GLU B 698 36.24 22.25 -6.48
N LYS B 699 36.83 21.45 -5.59
CA LYS B 699 36.04 20.91 -4.44
C LYS B 699 36.38 21.69 -3.18
N PHE B 700 37.63 21.65 -2.74
CA PHE B 700 38.00 22.24 -1.44
C PHE B 700 37.73 23.73 -1.41
N PHE B 701 38.39 24.46 -2.31
CA PHE B 701 38.31 25.94 -2.31
C PHE B 701 36.89 26.42 -2.61
N SER B 702 36.09 25.62 -3.33
CA SER B 702 34.74 26.12 -3.72
C SER B 702 33.92 26.50 -2.48
N ALA B 703 33.49 25.52 -1.67
CA ALA B 703 32.65 25.83 -0.48
C ALA B 703 32.89 24.77 0.59
N PHE B 704 33.93 23.96 0.45
CA PHE B 704 34.12 22.88 1.43
C PHE B 704 35.04 23.40 2.53
N LEU B 705 35.91 24.36 2.19
CA LEU B 705 36.90 24.89 3.17
C LEU B 705 36.23 25.49 4.41
N PRO B 706 35.21 26.41 4.38
CA PRO B 706 34.70 27.00 5.63
C PRO B 706 33.87 26.06 6.53
N VAL B 707 33.24 25.04 5.97
CA VAL B 707 32.32 24.18 6.79
C VAL B 707 33.10 23.02 7.41
N SER B 708 34.36 22.85 7.01
CA SER B 708 35.16 21.70 7.50
C SER B 708 35.20 21.69 9.03
N GLY B 709 35.42 22.87 9.63
CA GLY B 709 35.55 22.94 11.09
C GLY B 709 34.32 22.39 11.79
N TYR B 710 33.14 22.78 11.32
CA TYR B 710 31.88 22.30 11.93
C TYR B 710 31.90 20.78 11.94
N LEU B 711 32.17 20.18 10.79
CA LEU B 711 32.13 18.69 10.70
C LEU B 711 33.18 18.13 11.66
N LEU B 712 34.39 18.68 11.61
CA LEU B 712 35.50 18.14 12.44
C LEU B 712 35.14 18.30 13.92
N LYS B 713 34.46 19.37 14.27
CA LYS B 713 34.05 19.58 15.68
C LYS B 713 33.26 18.33 16.09
N VAL B 714 32.29 17.95 15.26
CA VAL B 714 31.41 16.78 15.58
C VAL B 714 32.24 15.50 15.57
N THR B 715 33.09 15.33 14.56
CA THR B 715 33.85 14.06 14.48
C THR B 715 34.68 13.96 15.75
N GLY B 716 34.81 15.06 16.48
CA GLY B 716 35.66 15.05 17.68
C GLY B 716 35.00 14.38 18.87
N LYS B 717 33.73 14.00 18.77
CA LYS B 717 33.07 13.45 19.98
C LYS B 717 32.11 12.32 19.66
N VAL B 718 31.90 12.02 18.37
CA VAL B 718 30.88 10.97 18.03
C VAL B 718 31.28 9.66 18.71
N SER B 719 32.50 9.20 18.47
CA SER B 719 32.97 7.93 19.05
C SER B 719 34.38 8.15 19.57
N LYS B 720 34.90 7.27 20.41
CA LYS B 720 36.32 7.44 20.82
C LYS B 720 37.15 7.36 19.54
N MET B 721 36.80 6.43 18.65
CA MET B 721 37.54 6.27 17.36
C MET B 721 37.65 7.64 16.69
N GLY B 722 36.51 8.29 16.46
CA GLY B 722 36.53 9.60 15.79
C GLY B 722 37.31 10.61 16.61
N GLU B 723 37.15 10.56 17.93
CA GLU B 723 37.83 11.54 18.83
C GLU B 723 39.35 11.33 18.75
N THR B 724 39.80 10.08 18.73
CA THR B 724 41.25 9.78 18.73
C THR B 724 41.87 10.37 17.47
N LEU B 725 41.22 10.15 16.33
CA LEU B 725 41.78 10.62 15.05
C LEU B 725 41.85 12.13 15.05
N LYS B 726 40.73 12.78 15.39
CA LYS B 726 40.67 14.27 15.36
C LYS B 726 41.93 14.83 16.02
N SER B 727 42.20 14.39 17.25
CA SER B 727 43.36 14.94 17.99
C SER B 727 44.63 14.73 17.18
N SER B 728 44.88 13.48 16.78
CA SER B 728 46.15 13.17 16.05
C SER B 728 46.19 13.93 14.73
N ILE B 729 45.07 14.00 14.01
CA ILE B 729 45.09 14.64 12.67
C ILE B 729 45.43 16.11 12.88
N PHE B 730 44.72 16.78 13.80
CA PHE B 730 44.92 18.23 13.97
C PHE B 730 46.34 18.51 14.46
N SER B 731 46.86 17.65 15.33
CA SER B 731 48.25 17.82 15.81
C SER B 731 49.17 17.93 14.60
N ILE B 732 49.04 16.99 13.67
CA ILE B 732 49.93 16.96 12.46
C ILE B 732 49.64 18.21 11.62
N ALA B 733 48.36 18.59 11.48
CA ALA B 733 48.01 19.76 10.65
C ALA B 733 48.73 21.00 11.20
N TYR B 734 48.66 21.20 12.52
CA TYR B 734 49.30 22.37 13.16
C TYR B 734 50.82 22.20 13.10
N ALA B 735 51.30 20.97 13.24
CA ALA B 735 52.76 20.72 13.22
C ALA B 735 53.29 21.20 11.87
N LEU B 736 52.53 20.94 10.81
CA LEU B 736 53.00 21.28 9.44
C LEU B 736 53.10 22.79 9.37
N LYS B 737 52.21 23.50 10.09
CA LYS B 737 52.31 24.97 10.12
C LYS B 737 53.61 25.31 10.86
N ASP B 738 53.96 24.52 11.86
CA ASP B 738 55.16 24.80 12.67
C ASP B 738 56.43 24.47 11.87
N ILE B 739 56.29 23.71 10.79
CA ILE B 739 57.53 23.29 10.05
C ILE B 739 57.55 23.91 8.64
N ILE B 740 56.42 23.90 7.92
CA ILE B 740 56.34 24.59 6.60
C ILE B 740 55.39 25.78 6.79
N LYS B 741 55.85 26.82 7.47
CA LYS B 741 54.97 27.97 7.81
C LYS B 741 54.47 28.60 6.51
N SER B 742 55.20 28.42 5.42
CA SER B 742 54.84 29.06 4.13
C SER B 742 53.61 28.40 3.48
N GLN B 743 52.90 29.17 2.64
CA GLN B 743 51.63 28.69 2.02
C GLN B 743 51.81 28.50 0.52
N LYS B 744 53.02 28.20 0.06
CA LYS B 744 53.25 27.90 -1.38
C LYS B 744 53.09 26.40 -1.59
N VAL B 745 52.60 25.69 -0.56
CA VAL B 745 52.52 24.20 -0.63
C VAL B 745 51.41 23.73 -1.59
N SER B 746 51.75 22.81 -2.49
CA SER B 746 50.73 22.26 -3.43
C SER B 746 49.99 21.10 -2.76
N LYS B 747 49.00 20.54 -3.46
CA LYS B 747 48.15 19.47 -2.88
C LYS B 747 48.96 18.22 -2.58
N TYR B 748 49.95 17.92 -3.42
CA TYR B 748 50.74 16.69 -3.22
C TYR B 748 51.86 16.96 -2.22
N ASP B 749 52.13 18.25 -1.94
CA ASP B 749 53.29 18.58 -1.06
C ASP B 749 53.06 18.05 0.34
N VAL B 750 51.88 18.29 0.92
CA VAL B 750 51.64 17.88 2.33
C VAL B 750 50.95 16.52 2.37
N THR B 751 50.75 15.89 1.22
CA THR B 751 50.18 14.52 1.26
C THR B 751 51.19 13.56 0.63
N GLY B 752 52.35 14.06 0.22
CA GLY B 752 53.35 13.21 -0.44
C GLY B 752 53.89 12.18 0.51
N PHE B 753 54.46 12.63 1.63
CA PHE B 753 55.00 11.69 2.65
C PHE B 753 53.83 10.85 3.15
N LEU B 754 52.66 11.46 3.24
CA LEU B 754 51.47 10.74 3.76
C LEU B 754 51.17 9.60 2.78
N ARG B 755 51.10 9.91 1.49
CA ARG B 755 50.77 8.89 0.46
C ARG B 755 51.86 7.84 0.46
N ASP B 756 53.12 8.26 0.55
CA ASP B 756 54.24 7.29 0.53
C ASP B 756 54.00 6.32 1.69
N GLY B 757 53.55 6.84 2.83
CA GLY B 757 53.27 5.99 4.00
C GLY B 757 52.10 5.06 3.72
N VAL B 758 51.08 5.57 3.03
CA VAL B 758 49.87 4.75 2.71
C VAL B 758 50.31 3.60 1.80
N ASP B 759 51.06 3.90 0.75
CA ASP B 759 51.48 2.86 -0.21
C ASP B 759 52.21 1.75 0.55
N MET B 760 53.16 2.14 1.39
CA MET B 760 53.98 1.14 2.13
C MET B 760 53.05 0.31 3.02
N PHE B 761 52.08 0.97 3.65
CA PHE B 761 51.18 0.23 4.58
C PHE B 761 50.48 -0.87 3.79
N PHE B 762 49.90 -0.52 2.64
CA PHE B 762 49.09 -1.49 1.88
C PHE B 762 49.98 -2.34 0.96
N LYS B 763 51.30 -2.23 1.10
CA LYS B 763 52.21 -3.13 0.34
C LYS B 763 51.85 -4.54 0.80
N THR B 764 51.51 -5.43 -0.15
CA THR B 764 51.05 -6.80 0.19
C THR B 764 51.96 -7.45 1.23
N THR B 765 53.27 -7.21 1.14
CA THR B 765 54.21 -7.88 2.08
C THR B 765 53.98 -7.35 3.50
N SER B 766 53.75 -6.05 3.64
CA SER B 766 53.56 -5.47 4.99
C SER B 766 52.20 -5.91 5.53
N VAL B 767 51.27 -6.28 4.65
CA VAL B 767 49.91 -6.72 5.09
C VAL B 767 50.05 -8.00 5.91
N ILE B 768 50.92 -8.92 5.48
CA ILE B 768 51.08 -10.23 6.19
C ILE B 768 51.86 -10.03 7.50
N LYS B 769 52.41 -8.81 7.72
CA LYS B 769 53.24 -8.56 8.93
C LYS B 769 52.37 -8.51 10.20
N ASP B 770 53.00 -8.53 11.36
CA ASP B 770 52.26 -8.59 12.66
C ASP B 770 51.44 -7.32 12.92
N LYS B 771 50.66 -7.31 14.00
CA LYS B 771 49.90 -6.08 14.36
C LYS B 771 50.86 -4.89 14.48
N GLU B 772 51.77 -4.90 15.45
CA GLU B 772 52.63 -3.72 15.68
C GLU B 772 53.73 -3.61 14.61
N ASP B 773 54.09 -4.72 13.98
CA ASP B 773 55.22 -4.68 13.00
C ASP B 773 54.83 -3.84 11.79
N ARG B 774 53.67 -4.14 11.18
CA ARG B 774 53.23 -3.42 9.96
C ARG B 774 53.18 -1.92 10.23
N ILE B 775 52.47 -1.50 11.28
CA ILE B 775 52.29 -0.05 11.53
C ILE B 775 53.66 0.57 11.79
N GLY B 776 54.57 -0.19 12.40
CA GLY B 776 55.92 0.34 12.69
C GLY B 776 56.64 0.70 11.41
N ILE B 777 56.68 -0.23 10.47
CA ILE B 777 57.42 0.01 9.19
C ILE B 777 56.68 1.12 8.43
N SER B 778 55.35 1.06 8.40
CA SER B 778 54.57 2.04 7.60
C SER B 778 54.87 3.46 8.08
N VAL B 779 54.82 3.68 9.40
CA VAL B 779 55.06 5.04 9.95
C VAL B 779 56.54 5.38 9.69
N ASN B 780 57.41 4.38 9.78
CA ASN B 780 58.86 4.62 9.57
C ASN B 780 59.06 5.05 8.11
N ALA B 781 58.32 4.45 7.18
CA ALA B 781 58.45 4.82 5.76
C ALA B 781 57.90 6.23 5.56
N ALA B 782 56.76 6.52 6.18
CA ALA B 782 56.12 7.85 6.04
C ALA B 782 57.11 8.92 6.54
N ILE B 783 57.59 8.76 7.77
CA ILE B 783 58.50 9.80 8.35
C ILE B 783 59.77 9.87 7.50
N SER B 784 60.16 8.75 6.88
CA SER B 784 61.40 8.74 6.06
C SER B 784 61.23 9.76 4.94
N SER B 785 60.13 9.66 4.20
CA SER B 785 59.88 10.62 3.10
C SER B 785 59.80 12.04 3.65
N LEU B 786 59.16 12.20 4.81
CA LEU B 786 58.97 13.56 5.40
C LEU B 786 60.36 14.17 5.65
N GLU B 787 61.19 13.46 6.41
CA GLU B 787 62.52 14.01 6.78
C GLU B 787 63.41 14.06 5.55
N ASN B 788 63.04 13.35 4.48
CA ASN B 788 63.82 13.53 3.22
C ASN B 788 63.42 14.91 2.69
N LYS B 789 62.11 15.21 2.72
CA LYS B 789 61.63 16.50 2.18
C LYS B 789 62.08 17.65 3.07
N TYR B 790 61.82 17.53 4.38
CA TYR B 790 62.25 18.54 5.38
C TYR B 790 62.59 17.79 6.67
N ALA B 791 63.87 17.79 7.06
CA ALA B 791 64.25 17.16 8.34
C ALA B 791 63.56 17.91 9.49
N LEU B 792 63.27 17.22 10.59
CA LEU B 792 62.52 17.88 11.69
C LEU B 792 63.43 18.01 12.92
N ASP B 793 63.11 18.95 13.82
CA ASP B 793 63.93 19.18 15.05
C ASP B 793 63.95 17.90 15.88
N ASP B 794 64.94 17.72 16.74
CA ASP B 794 64.96 16.53 17.64
C ASP B 794 63.57 16.35 18.25
N GLN B 795 62.98 17.42 18.78
CA GLN B 795 61.64 17.33 19.43
C GLN B 795 60.56 17.14 18.36
N HIS B 796 60.66 17.88 17.24
CA HIS B 796 59.61 17.85 16.19
C HIS B 796 59.54 16.48 15.51
N ARG B 797 60.66 15.76 15.38
CA ARG B 797 60.56 14.47 14.65
C ARG B 797 59.77 13.49 15.51
N ALA B 798 60.01 13.49 16.82
CA ALA B 798 59.32 12.52 17.70
C ALA B 798 57.87 12.94 17.89
N GLN B 799 57.58 14.25 17.75
CA GLN B 799 56.20 14.77 17.92
C GLN B 799 55.25 14.05 16.95
N VAL B 800 55.51 14.15 15.66
CA VAL B 800 54.58 13.58 14.63
C VAL B 800 54.61 12.05 14.67
N TYR B 801 55.73 11.46 15.07
CA TYR B 801 55.85 9.98 15.03
C TYR B 801 54.69 9.35 15.80
N SER B 802 54.50 9.77 17.06
CA SER B 802 53.47 9.12 17.89
C SER B 802 52.07 9.48 17.39
N ALA B 803 51.92 10.68 16.84
CA ALA B 803 50.61 11.11 16.30
C ALA B 803 50.24 10.15 15.17
N LEU B 804 51.21 9.86 14.30
CA LEU B 804 50.97 8.94 13.16
C LEU B 804 50.61 7.57 13.72
N GLN B 805 51.35 7.15 14.75
CA GLN B 805 51.13 5.80 15.32
C GLN B 805 49.66 5.68 15.69
N ASP B 806 49.13 6.70 16.38
CA ASP B 806 47.71 6.65 16.85
C ASP B 806 46.81 6.48 15.63
N ILE B 807 47.09 7.25 14.58
CA ILE B 807 46.28 7.15 13.33
C ILE B 807 46.41 5.71 12.84
N PHE B 808 47.63 5.19 12.80
CA PHE B 808 47.82 3.84 12.23
C PHE B 808 47.22 2.79 13.18
N LYS B 809 47.11 3.13 14.46
CA LYS B 809 46.47 2.19 15.42
C LYS B 809 45.00 2.05 15.01
N THR B 810 44.34 3.18 14.74
CA THR B 810 42.91 3.13 14.33
C THR B 810 42.82 2.51 12.93
N LEU B 811 43.84 2.72 12.11
CA LEU B 811 43.83 2.19 10.73
C LEU B 811 43.85 0.66 10.80
N TYR B 812 44.56 0.11 11.77
CA TYR B 812 44.61 -1.37 11.90
C TYR B 812 43.21 -1.86 12.20
N SER B 813 42.47 -1.11 13.03
CA SER B 813 41.11 -1.54 13.44
C SER B 813 40.16 -1.53 12.23
N ILE B 814 40.33 -0.55 11.34
CA ILE B 814 39.47 -0.52 10.12
C ILE B 814 39.92 -1.66 9.20
N GLU B 815 41.12 -2.19 9.40
CA GLU B 815 41.53 -3.36 8.60
C GLU B 815 40.92 -4.59 9.24
N GLU B 816 41.02 -4.70 10.57
CA GLU B 816 40.41 -5.84 11.29
C GLU B 816 38.92 -5.84 11.00
N GLU B 817 38.26 -4.69 11.15
CA GLU B 817 36.80 -4.58 10.90
C GLU B 817 36.57 -4.48 9.39
N SER B 818 35.37 -4.81 8.92
CA SER B 818 35.03 -4.67 7.48
C SER B 818 36.08 -5.32 6.57
N ASP B 819 36.59 -4.56 5.59
CA ASP B 819 37.57 -5.13 4.63
C ASP B 819 38.58 -4.08 4.21
N ARG B 820 39.76 -4.51 3.75
CA ARG B 820 40.82 -3.59 3.27
C ARG B 820 40.34 -2.83 2.04
N SER B 821 39.59 -3.49 1.16
CA SER B 821 39.12 -2.85 -0.10
C SER B 821 38.66 -1.42 0.17
N LEU B 822 37.77 -1.24 1.16
CA LEU B 822 37.23 0.07 1.42
C LEU B 822 38.25 1.01 2.04
N ALA B 823 39.16 0.47 2.85
CA ALA B 823 40.13 1.31 3.54
C ALA B 823 40.93 2.17 2.60
N ILE B 824 41.06 1.75 1.34
CA ILE B 824 41.78 2.58 0.39
C ILE B 824 40.95 3.80 0.02
N SER B 825 39.66 3.61 -0.22
CA SER B 825 38.82 4.77 -0.45
C SER B 825 38.75 5.61 0.80
N ILE B 826 38.95 4.98 1.95
CA ILE B 826 39.05 5.71 3.20
C ILE B 826 40.40 6.39 3.34
N ALA B 827 41.46 5.72 2.89
CA ALA B 827 42.78 6.31 3.00
C ALA B 827 42.89 7.56 2.15
N ASN B 828 42.50 7.47 0.88
CA ASN B 828 42.46 8.67 0.06
C ASN B 828 41.47 9.67 0.64
N THR B 829 40.41 9.15 1.27
CA THR B 829 39.52 10.04 2.00
C THR B 829 40.27 10.74 3.12
N LEU B 830 40.99 9.96 3.93
CA LEU B 830 41.77 10.56 4.99
C LEU B 830 42.88 11.41 4.41
N SER B 831 43.47 10.95 3.31
CA SER B 831 44.60 11.67 2.72
C SER B 831 44.21 13.09 2.36
N ASN B 832 43.04 13.25 1.76
CA ASN B 832 42.61 14.59 1.37
C ASN B 832 42.20 15.43 2.58
N TRP B 833 41.79 14.78 3.66
CA TRP B 833 41.38 15.53 4.84
C TRP B 833 42.52 16.29 5.48
N LEU B 834 43.75 15.80 5.36
CA LEU B 834 44.85 16.53 5.98
C LEU B 834 45.06 17.88 5.34
N TYR B 835 45.04 17.94 4.01
CA TYR B 835 45.15 19.22 3.32
C TYR B 835 44.03 20.14 3.73
N ILE B 836 42.86 19.56 4.04
CA ILE B 836 41.74 20.36 4.50
C ILE B 836 42.04 20.97 5.87
N ALA B 837 42.56 20.16 6.79
CA ALA B 837 42.85 20.67 8.11
C ALA B 837 43.99 21.67 8.08
N TYR B 838 45.00 21.44 7.24
CA TYR B 838 46.10 22.38 7.14
C TYR B 838 45.61 23.70 6.57
N LYS B 839 44.85 23.63 5.47
CA LYS B 839 44.29 24.85 4.91
C LYS B 839 43.25 25.46 5.84
N LEU B 840 42.81 24.71 6.84
CA LEU B 840 41.86 25.24 7.80
C LEU B 840 42.56 26.05 8.89
N VAL B 841 43.74 25.61 9.33
CA VAL B 841 44.49 26.36 10.32
C VAL B 841 45.17 27.57 9.72
N LEU B 842 45.18 27.68 8.38
CA LEU B 842 45.70 28.83 7.67
C LEU B 842 44.63 29.90 7.43
N GLN B 843 43.43 29.71 7.96
CA GLN B 843 42.35 30.65 7.68
C GLN B 843 42.71 32.05 8.13
N GLY B 844 43.04 32.22 9.40
CA GLY B 844 43.39 33.54 9.90
C GLY B 844 44.77 33.99 9.52
ZN ZN C . 9.35 0.32 -11.83
ZN ZN D . -10.88 4.73 -0.06
#